data_4PJH
#
_entry.id   4PJH
#
_cell.length_a   217.736
_cell.length_b   71.481
_cell.length_c   143.799
_cell.angle_alpha   90.00
_cell.angle_beta   104.59
_cell.angle_gamma   90.00
#
_symmetry.space_group_name_H-M   'C 1 2 1'
#
loop_
_entity.id
_entity.type
_entity.pdbx_description
1 polymer 'Major histocompatibility complex class I-related gene protein'
2 polymer Beta-2-microglobulin
3 polymer TCR-alpha
4 polymer TCR-beta
5 non-polymer GLYCEROL
6 non-polymer N-(6-formyl-4-oxo-3,4-dihydropteridin-2-yl)acetamide
7 non-polymer 'SODIUM ION'
8 water water
#
loop_
_entity_poly.entity_id
_entity_poly.type
_entity_poly.pdbx_seq_one_letter_code
_entity_poly.pdbx_strand_id
1 'polypeptide(L)'
;MRTHSLRYFRLGVSDPIHGVPEFISVGYVDSHPITTYDSVTRQKEPRAPWMAENLAPDHWERYTQLLRGWQQMFKVELKR
LQRHYNHSGSHTYQRMIGCELLEDGSTTGFLQYAYDGQDFLIFNKDTLSWLAVDNVAHTIKQAWEANQHELLYQKNWLEE
ECIAWLKRFLEYGKDTLQRTEPPLVRVNRKETFPGVTALFCKAHGFYPPEIYMTWMKNGEEIVQEIDYGDILPSGDGTYQ
AWASIELDPQSSNLYSCHVEHSGVHMVLQVP
;
A,C
2 'polypeptide(L)'
;MIQRTPKIQVYSRHPAENGKSNFLNCYVSGFHPSDIEVDLLKNGERIEKVEHSDLSFSKDWSFYLLYYTEFTPTEKDEYA
CRVNHVTLSQPKIVKWDRDM
;
B,D
3 'polypeptide(L)'
;HMGQNIDQPTEMTATEGAIVQINCTYQTSGFNGLFWYQQHAGEAPTFLSYNVLDGLEEKGRFSSFLSRSKGYSYLLLKEL
QMKDSASYLCAAMDSNYQLIWGAGTKLIIKPDIQNPDPAVYQLRDSKSSDKSVCLFTDFDSQTNVSQSKDSDVYITDKCV
LDMRSMDFKSNSAVAWSNKSDFACANAFNNSIIPEDTFFPSPESS
;
E,G
4 'polypeptide(L)'
;HMNAGVTQTPKFQVLKTGQSMTLQCAQDMNHNSMYWYRQDPGMGLRLIYYSASEGTTDKGEVPNGYNVSRLNKREFSLRL
ESAAPSQTSVYFCASSGGDSGELFFGEGSRLTVLEDLKNVFPPEVAVFEPSEAEISHTQKATLVCLATGFYPDHVELSWW
VNGKEVHSGVCTDPQPLKEQPALNDSRYALSSRLRVSATFWQNPRNHFRCQVQFYGLSENDEWTQDRAKPVTQIVSAEAW
GRAD
;
F,H
#
# COMPACT_ATOMS: atom_id res chain seq x y z
N ARG A 2 -16.58 35.44 25.92
CA ARG A 2 -16.97 36.77 25.38
C ARG A 2 -16.42 36.93 23.98
N THR A 3 -17.17 37.53 23.04
CA THR A 3 -16.72 37.74 21.64
C THR A 3 -15.62 38.83 21.56
N HIS A 4 -14.54 38.54 20.84
CA HIS A 4 -13.45 39.50 20.66
C HIS A 4 -13.08 39.58 19.20
N SER A 5 -12.48 40.68 18.79
CA SER A 5 -12.09 40.83 17.40
C SER A 5 -10.79 41.54 17.27
N LEU A 6 -10.13 41.31 16.15
CA LEU A 6 -8.92 41.98 15.78
C LEU A 6 -9.14 42.52 14.37
N ARG A 7 -8.87 43.82 14.16
N ARG A 7 -8.81 43.79 14.13
CA ARG A 7 -8.99 44.35 12.81
CA ARG A 7 -8.89 44.26 12.76
C ARG A 7 -7.92 45.40 12.51
C ARG A 7 -7.86 45.33 12.52
N TYR A 8 -7.43 45.41 11.26
CA TYR A 8 -6.48 46.39 10.77
C TYR A 8 -7.12 47.17 9.65
N PHE A 9 -7.09 48.49 9.77
CA PHE A 9 -7.62 49.37 8.75
C PHE A 9 -6.49 50.07 8.01
N ARG A 10 -6.72 50.41 6.75
CA ARG A 10 -5.86 51.29 5.93
C ARG A 10 -6.72 52.38 5.33
N LEU A 11 -6.19 53.61 5.29
CA LEU A 11 -6.81 54.75 4.64
C LEU A 11 -5.76 55.37 3.73
N GLY A 12 -6.10 55.53 2.46
CA GLY A 12 -5.26 56.23 1.49
C GLY A 12 -6.03 57.43 0.98
N VAL A 13 -5.38 58.57 0.86
CA VAL A 13 -5.99 59.81 0.35
C VAL A 13 -5.11 60.32 -0.78
N SER A 14 -5.65 60.54 -1.95
CA SER A 14 -4.84 61.10 -3.03
C SER A 14 -4.90 62.61 -2.91
N ASP A 15 -3.87 63.30 -3.29
CA ASP A 15 -3.83 64.76 -3.24
C ASP A 15 -4.41 65.34 -1.89
N PRO A 16 -3.87 64.94 -0.72
CA PRO A 16 -4.44 65.45 0.53
C PRO A 16 -4.09 66.90 0.82
N ILE A 17 -4.86 67.55 1.73
CA ILE A 17 -4.62 68.91 2.21
C ILE A 17 -3.35 68.88 3.10
N HIS A 18 -2.68 70.05 3.28
CA HIS A 18 -1.44 70.33 4.04
C HIS A 18 -0.57 69.07 4.26
N VAL A 20 -2.67 66.62 6.29
CA VAL A 20 -3.40 65.35 6.25
C VAL A 20 -2.48 64.24 5.64
N PRO A 21 -2.23 63.11 6.34
CA PRO A 21 -1.34 62.06 5.77
C PRO A 21 -1.95 61.41 4.53
N GLU A 22 -1.08 61.01 3.61
CA GLU A 22 -1.52 60.31 2.40
C GLU A 22 -1.99 58.87 2.77
N PHE A 23 -1.41 58.31 3.85
CA PHE A 23 -1.69 56.93 4.27
C PHE A 23 -1.67 56.80 5.79
N ILE A 24 -2.66 56.11 6.32
CA ILE A 24 -2.81 55.80 7.75
C ILE A 24 -3.21 54.34 7.89
N SER A 25 -2.66 53.65 8.89
CA SER A 25 -3.07 52.29 9.20
C SER A 25 -3.19 52.17 10.68
N VAL A 26 -4.34 51.67 11.15
CA VAL A 26 -4.58 51.52 12.60
C VAL A 26 -5.13 50.12 12.84
N GLY A 27 -4.68 49.50 13.92
CA GLY A 27 -5.16 48.19 14.34
C GLY A 27 -5.99 48.35 15.60
N TYR A 28 -6.97 47.46 15.79
CA TYR A 28 -7.84 47.44 16.96
C TYR A 28 -8.04 46.04 17.48
N VAL A 29 -8.17 45.92 18.78
CA VAL A 29 -8.65 44.73 19.45
C VAL A 29 -9.94 45.23 20.12
N ASP A 30 -11.11 44.70 19.71
CA ASP A 30 -12.40 45.16 20.21
C ASP A 30 -12.49 46.66 19.88
N SER A 31 -12.84 47.51 20.85
CA SER A 31 -12.90 48.95 20.60
C SER A 31 -11.58 49.66 20.89
N HIS A 32 -10.51 48.91 21.22
CA HIS A 32 -9.22 49.49 21.61
C HIS A 32 -8.22 49.59 20.49
N PRO A 33 -7.71 50.83 20.22
CA PRO A 33 -6.59 50.96 19.25
C PRO A 33 -5.34 50.24 19.84
N ILE A 34 -4.65 49.45 19.04
CA ILE A 34 -3.46 48.74 19.48
C ILE A 34 -2.22 49.19 18.73
N THR A 35 -2.39 49.62 17.47
CA THR A 35 -1.25 50.00 16.64
C THR A 35 -1.59 51.17 15.76
N THR A 36 -0.55 51.91 15.34
CA THR A 36 -0.71 53.01 14.41
C THR A 36 0.53 53.15 13.54
N TYR A 37 0.30 53.61 12.31
CA TYR A 37 1.30 53.90 11.30
C TYR A 37 0.72 54.94 10.39
N ASP A 38 1.53 55.92 9.96
CA ASP A 38 1.09 56.84 8.92
C ASP A 38 2.28 57.23 8.04
N SER A 39 1.99 57.84 6.88
CA SER A 39 2.99 58.27 5.89
C SER A 39 3.85 59.45 6.39
N VAL A 40 3.50 60.08 7.54
CA VAL A 40 4.29 61.20 8.11
C VAL A 40 5.32 60.62 9.09
N THR A 41 4.90 59.76 10.02
CA THR A 41 5.86 59.20 10.97
C THR A 41 6.73 58.12 10.29
N ARG A 42 6.12 57.37 9.33
CA ARG A 42 6.72 56.22 8.63
C ARG A 42 7.20 55.16 9.64
N GLN A 43 6.51 55.08 10.78
CA GLN A 43 6.82 54.13 11.86
C GLN A 43 5.58 53.46 12.37
N LYS A 44 5.64 52.14 12.60
CA LYS A 44 4.52 51.48 13.23
C LYS A 44 4.79 51.49 14.73
N GLU A 45 3.81 51.96 15.51
CA GLU A 45 3.94 52.14 16.97
C GLU A 45 2.75 51.56 17.73
N PRO A 46 2.96 51.17 19.00
CA PRO A 46 1.83 50.69 19.82
C PRO A 46 0.89 51.83 20.20
N ARG A 47 -0.40 51.51 20.38
CA ARG A 47 -1.39 52.48 20.83
C ARG A 47 -2.02 52.05 22.14
N ALA A 48 -1.55 50.93 22.71
CA ALA A 48 -1.98 50.41 24.01
C ALA A 48 -0.74 50.09 24.83
N PRO A 49 -0.67 50.40 26.16
CA PRO A 49 0.55 50.07 26.94
C PRO A 49 0.80 48.57 27.03
N TRP A 50 -0.26 47.74 26.97
CA TRP A 50 -0.11 46.29 27.03
C TRP A 50 0.46 45.71 25.71
N MET A 51 0.40 46.47 24.60
CA MET A 51 1.03 46.10 23.33
C MET A 51 2.51 46.45 23.42
N ALA A 52 2.80 47.68 23.93
CA ALA A 52 4.19 48.21 24.09
C ALA A 52 5.03 47.33 25.01
N GLU A 53 4.44 46.86 26.13
CA GLU A 53 5.16 46.03 27.12
C GLU A 53 5.38 44.59 26.69
N ASN A 54 4.58 44.07 25.74
CA ASN A 54 4.67 42.64 25.41
C ASN A 54 5.28 42.32 24.06
N LEU A 55 5.46 43.32 23.21
CA LEU A 55 6.05 43.10 21.90
C LEU A 55 7.38 43.79 21.85
N ALA A 56 8.44 43.01 21.59
CA ALA A 56 9.81 43.49 21.53
C ALA A 56 10.04 44.48 20.35
N PRO A 57 11.11 45.31 20.41
CA PRO A 57 11.36 46.27 19.31
C PRO A 57 11.37 45.65 17.90
N ASP A 58 11.78 44.37 17.74
CA ASP A 58 11.83 43.74 16.41
C ASP A 58 10.45 43.62 15.77
N HIS A 59 9.37 43.53 16.57
CA HIS A 59 8.01 43.50 16.03
C HIS A 59 7.73 44.82 15.33
N TRP A 60 8.00 45.95 16.03
CA TRP A 60 7.73 47.29 15.50
C TRP A 60 8.67 47.61 14.34
N GLU A 61 9.93 47.18 14.42
CA GLU A 61 10.91 47.40 13.35
C GLU A 61 10.52 46.66 12.05
N ARG A 62 10.13 45.38 12.19
CA ARG A 62 9.73 44.57 11.04
C ARG A 62 8.42 45.11 10.38
N TYR A 63 7.40 45.40 11.17
CA TYR A 63 6.11 45.89 10.65
C TYR A 63 6.21 47.31 10.12
N THR A 64 7.17 48.09 10.61
CA THR A 64 7.43 49.43 10.03
C THR A 64 7.86 49.24 8.55
N GLN A 65 8.77 48.27 8.29
CA GLN A 65 9.22 47.98 6.94
C GLN A 65 8.06 47.48 6.07
N LEU A 66 7.28 46.50 6.56
CA LEU A 66 6.12 45.97 5.83
C LEU A 66 5.11 47.04 5.48
N LEU A 67 4.83 47.95 6.44
CA LEU A 67 3.87 49.04 6.25
C LEU A 67 4.40 50.06 5.26
N ARG A 68 5.72 50.26 5.20
CA ARG A 68 6.27 51.19 4.17
C ARG A 68 6.01 50.59 2.76
N GLY A 69 6.08 49.26 2.63
CA GLY A 69 5.75 48.59 1.38
C GLY A 69 4.26 48.64 1.06
N TRP A 70 3.42 48.36 2.06
CA TRP A 70 1.94 48.38 1.89
C TRP A 70 1.44 49.78 1.58
N GLN A 71 2.10 50.81 2.13
CA GLN A 71 1.79 52.20 1.87
C GLN A 71 2.00 52.49 0.37
N GLN A 72 3.15 52.06 -0.19
CA GLN A 72 3.49 52.30 -1.59
C GLN A 72 2.48 51.59 -2.53
N MET A 73 2.11 50.36 -2.21
CA MET A 73 1.12 49.56 -2.97
C MET A 73 -0.25 50.26 -2.95
N PHE A 74 -0.68 50.80 -1.78
CA PHE A 74 -1.94 51.49 -1.62
C PHE A 74 -2.04 52.72 -2.51
N LYS A 75 -0.94 53.49 -2.61
CA LYS A 75 -0.85 54.69 -3.46
C LYS A 75 -1.09 54.33 -4.93
N VAL A 76 -0.40 53.29 -5.41
CA VAL A 76 -0.47 52.80 -6.80
C VAL A 76 -1.90 52.27 -7.10
N GLU A 77 -2.49 51.49 -6.19
CA GLU A 77 -3.84 50.96 -6.34
C GLU A 77 -4.87 52.07 -6.42
N LEU A 78 -4.69 53.12 -5.61
CA LEU A 78 -5.64 54.23 -5.64
C LEU A 78 -5.48 54.98 -6.98
N LYS A 79 -4.26 55.16 -7.45
CA LYS A 79 -4.00 55.78 -8.74
C LYS A 79 -4.73 55.04 -9.89
N ARG A 80 -4.68 53.69 -9.89
CA ARG A 80 -5.31 52.84 -10.91
C ARG A 80 -6.84 52.93 -10.83
N LEU A 81 -7.40 53.01 -9.61
CA LEU A 81 -8.84 53.16 -9.45
C LEU A 81 -9.30 54.47 -10.03
N GLN A 82 -8.56 55.57 -9.77
CA GLN A 82 -8.91 56.88 -10.31
C GLN A 82 -8.85 56.88 -11.81
N ARG A 83 -7.84 56.20 -12.38
CA ARG A 83 -7.73 56.10 -13.84
C ARG A 83 -8.93 55.33 -14.40
N HIS A 84 -9.34 54.23 -13.76
CA HIS A 84 -10.49 53.44 -14.21
C HIS A 84 -11.78 54.25 -14.14
N TYR A 85 -11.97 55.03 -13.06
CA TYR A 85 -13.18 55.83 -12.89
C TYR A 85 -13.12 57.15 -13.66
N ASN A 86 -11.93 57.51 -14.21
CA ASN A 86 -11.70 58.81 -14.88
C ASN A 86 -11.94 59.95 -13.84
N HIS A 87 -11.40 59.76 -12.62
CA HIS A 87 -11.56 60.72 -11.53
C HIS A 87 -10.30 61.53 -11.32
N SER A 88 -10.49 62.83 -11.10
CA SER A 88 -9.38 63.72 -10.78
C SER A 88 -9.57 64.19 -9.33
N GLY A 89 -8.57 64.87 -8.80
CA GLY A 89 -8.65 65.43 -7.47
C GLY A 89 -8.41 64.40 -6.38
N SER A 90 -8.87 64.70 -5.17
CA SER A 90 -8.68 63.88 -3.99
C SER A 90 -9.82 62.85 -3.82
N HIS A 91 -9.43 61.59 -3.75
CA HIS A 91 -10.32 60.43 -3.54
C HIS A 91 -9.73 59.59 -2.43
N THR A 92 -10.57 58.74 -1.81
CA THR A 92 -10.11 57.91 -0.71
C THR A 92 -10.22 56.44 -1.08
N TYR A 93 -9.34 55.67 -0.47
CA TYR A 93 -9.25 54.24 -0.62
C TYR A 93 -9.12 53.65 0.77
N GLN A 94 -9.93 52.63 1.11
CA GLN A 94 -9.86 52.04 2.44
C GLN A 94 -9.86 50.54 2.40
N ARG A 95 -9.21 49.96 3.38
CA ARG A 95 -9.15 48.50 3.56
C ARG A 95 -9.45 48.17 5.01
N MET A 96 -10.12 47.04 5.23
CA MET A 96 -10.36 46.50 6.57
C MET A 96 -10.20 45.01 6.49
N ILE A 97 -9.32 44.48 7.31
CA ILE A 97 -9.10 43.04 7.40
C ILE A 97 -9.23 42.68 8.88
N GLY A 98 -9.73 41.52 9.16
CA GLY A 98 -9.84 41.07 10.54
C GLY A 98 -10.57 39.80 10.78
N CYS A 99 -10.74 39.48 12.06
CA CYS A 99 -11.38 38.24 12.46
C CYS A 99 -12.04 38.42 13.78
N GLU A 100 -12.96 37.51 14.11
CA GLU A 100 -13.62 37.48 15.41
C GLU A 100 -13.52 36.09 15.96
N LEU A 101 -13.36 36.00 17.27
CA LEU A 101 -13.36 34.75 18.01
C LEU A 101 -14.60 34.82 18.88
N LEU A 102 -15.60 34.01 18.54
CA LEU A 102 -16.88 34.05 19.24
C LEU A 102 -16.81 33.29 20.57
N GLU A 103 -17.76 33.59 21.45
CA GLU A 103 -17.89 32.98 22.77
C GLU A 103 -17.86 31.43 22.70
N ASP A 104 -18.59 30.82 21.72
CA ASP A 104 -18.67 29.35 21.51
C ASP A 104 -17.38 28.75 20.89
N GLY A 105 -16.39 29.60 20.59
CA GLY A 105 -15.12 29.17 20.03
C GLY A 105 -15.08 29.14 18.52
N SER A 106 -16.22 29.43 17.86
CA SER A 106 -16.26 29.54 16.41
C SER A 106 -15.61 30.89 15.98
N THR A 107 -15.28 31.03 14.68
CA THR A 107 -14.56 32.21 14.21
C THR A 107 -15.18 32.77 12.95
N THR A 108 -14.93 34.07 12.69
CA THR A 108 -15.32 34.78 11.46
C THR A 108 -14.07 35.47 10.95
N GLY A 109 -14.03 35.78 9.67
CA GLY A 109 -12.89 36.44 9.04
C GLY A 109 -13.43 37.33 7.95
N PHE A 110 -12.87 38.51 7.74
CA PHE A 110 -13.39 39.43 6.74
C PHE A 110 -12.28 40.26 6.18
N LEU A 111 -12.43 40.65 4.93
CA LEU A 111 -11.48 41.46 4.16
C LEU A 111 -12.28 42.25 3.15
N GLN A 112 -12.18 43.59 3.26
CA GLN A 112 -12.99 44.48 2.42
C GLN A 112 -12.26 45.73 2.05
N TYR A 113 -12.64 46.30 0.89
CA TYR A 113 -12.11 47.56 0.37
C TYR A 113 -13.26 48.52 0.08
N ALA A 114 -12.98 49.82 0.18
CA ALA A 114 -13.94 50.88 -0.12
C ALA A 114 -13.25 51.93 -0.92
N TYR A 115 -14.00 52.57 -1.81
CA TYR A 115 -13.51 53.69 -2.61
C TYR A 115 -14.44 54.85 -2.32
N ASP A 116 -13.87 55.98 -1.89
CA ASP A 116 -14.65 57.17 -1.50
C ASP A 116 -15.67 56.83 -0.38
N GLY A 117 -15.28 55.94 0.52
CA GLY A 117 -16.09 55.55 1.69
C GLY A 117 -17.26 54.63 1.40
N GLN A 118 -17.32 54.06 0.22
CA GLN A 118 -18.42 53.15 -0.16
C GLN A 118 -17.86 51.77 -0.44
N ASP A 119 -18.58 50.70 -0.06
CA ASP A 119 -18.14 49.33 -0.41
C ASP A 119 -17.68 49.24 -1.85
N PHE A 120 -16.53 48.59 -2.06
CA PHE A 120 -15.97 48.48 -3.40
C PHE A 120 -15.77 46.99 -3.74
N LEU A 121 -15.01 46.26 -2.92
CA LEU A 121 -14.75 44.84 -3.07
C LEU A 121 -14.84 44.15 -1.73
N ILE A 122 -15.60 43.04 -1.65
CA ILE A 122 -15.80 42.26 -0.43
C ILE A 122 -15.31 40.84 -0.68
N PHE A 123 -14.33 40.38 0.10
CA PHE A 123 -13.80 39.04 -0.08
C PHE A 123 -14.70 37.99 0.54
N ASN A 124 -14.91 36.89 -0.20
CA ASN A 124 -15.66 35.74 0.27
C ASN A 124 -14.63 34.62 0.44
N LYS A 125 -14.16 34.39 1.67
CA LYS A 125 -13.11 33.37 1.93
C LYS A 125 -13.66 31.90 1.78
N ASP A 126 -14.99 31.71 1.67
CA ASP A 126 -15.58 30.36 1.49
C ASP A 126 -15.63 29.94 0.03
N THR A 127 -15.76 30.91 -0.90
CA THR A 127 -15.74 30.59 -2.33
C THR A 127 -14.45 31.09 -2.97
N LEU A 128 -13.59 31.79 -2.19
CA LEU A 128 -12.32 32.38 -2.65
C LEU A 128 -12.58 33.31 -3.83
N SER A 129 -13.50 34.25 -3.63
CA SER A 129 -13.87 35.17 -4.68
C SER A 129 -14.14 36.56 -4.11
N TRP A 130 -14.08 37.57 -4.96
CA TRP A 130 -14.32 38.94 -4.58
C TRP A 130 -15.66 39.39 -5.15
N LEU A 131 -16.52 39.96 -4.30
CA LEU A 131 -17.77 40.50 -4.73
C LEU A 131 -17.56 41.98 -5.13
N ALA A 132 -17.88 42.30 -6.37
CA ALA A 132 -17.68 43.63 -6.99
C ALA A 132 -19.00 44.41 -7.07
N VAL A 133 -18.98 45.70 -6.69
CA VAL A 133 -20.18 46.56 -6.67
C VAL A 133 -20.50 47.22 -8.03
N ASP A 134 -19.51 47.34 -8.94
CA ASP A 134 -19.67 48.00 -10.24
C ASP A 134 -18.65 47.44 -11.22
N ASN A 135 -18.59 48.00 -12.42
CA ASN A 135 -17.70 47.48 -13.46
C ASN A 135 -16.23 47.77 -13.21
N VAL A 136 -15.89 48.84 -12.48
CA VAL A 136 -14.48 49.07 -12.14
C VAL A 136 -14.04 47.98 -11.14
N ALA A 137 -14.83 47.79 -10.08
CA ALA A 137 -14.55 46.76 -9.08
C ALA A 137 -14.43 45.36 -9.77
N HIS A 138 -15.27 45.11 -10.80
CA HIS A 138 -15.23 43.88 -11.57
C HIS A 138 -13.86 43.69 -12.28
N THR A 139 -13.30 44.78 -12.83
CA THR A 139 -11.98 44.74 -13.50
C THR A 139 -10.92 44.29 -12.48
N ILE A 140 -10.96 44.87 -11.27
CA ILE A 140 -10.01 44.54 -10.19
C ILE A 140 -10.24 43.10 -9.71
N LYS A 141 -11.52 42.72 -9.49
CA LYS A 141 -11.91 41.36 -9.13
C LYS A 141 -11.25 40.34 -10.10
N GLN A 142 -11.34 40.55 -11.42
CA GLN A 142 -10.76 39.64 -12.41
C GLN A 142 -9.23 39.53 -12.27
N ALA A 143 -8.53 40.64 -12.05
CA ALA A 143 -7.07 40.63 -11.86
C ALA A 143 -6.70 39.89 -10.54
N TRP A 144 -7.44 40.18 -9.45
CA TRP A 144 -7.14 39.57 -8.15
C TRP A 144 -7.48 38.07 -8.11
N GLU A 145 -8.60 37.69 -8.73
CA GLU A 145 -9.01 36.28 -8.76
C GLU A 145 -8.10 35.42 -9.65
N ALA A 146 -7.26 36.03 -10.51
CA ALA A 146 -6.31 35.31 -11.37
C ALA A 146 -5.13 34.78 -10.54
N ASN A 147 -4.89 35.36 -9.35
CA ASN A 147 -3.81 34.91 -8.47
C ASN A 147 -4.38 33.96 -7.39
N GLN A 148 -4.49 32.67 -7.73
CA GLN A 148 -5.05 31.66 -6.82
C GLN A 148 -4.25 31.55 -5.50
N HIS A 149 -2.90 31.60 -5.58
CA HIS A 149 -2.03 31.55 -4.42
C HIS A 149 -2.35 32.65 -3.39
N GLU A 150 -2.57 33.89 -3.85
CA GLU A 150 -2.87 35.01 -2.98
C GLU A 150 -4.22 34.80 -2.29
N LEU A 151 -5.20 34.28 -3.02
CA LEU A 151 -6.54 34.03 -2.44
C LEU A 151 -6.44 33.01 -1.27
N LEU A 152 -5.69 31.94 -1.49
CA LEU A 152 -5.47 30.88 -0.50
C LEU A 152 -4.70 31.42 0.72
N TYR A 153 -3.70 32.25 0.46
CA TYR A 153 -2.90 32.94 1.50
C TYR A 153 -3.81 33.84 2.36
N GLN A 154 -4.74 34.56 1.72
CA GLN A 154 -5.68 35.43 2.44
C GLN A 154 -6.65 34.60 3.30
N LYS A 155 -7.12 33.46 2.75
CA LYS A 155 -8.02 32.58 3.52
C LYS A 155 -7.26 32.02 4.76
N ASN A 156 -6.03 31.54 4.55
CA ASN A 156 -5.22 31.05 5.67
C ASN A 156 -5.02 32.15 6.71
N TRP A 157 -4.66 33.36 6.26
CA TRP A 157 -4.41 34.46 7.21
C TRP A 157 -5.66 34.78 8.05
N LEU A 158 -6.82 34.90 7.41
CA LEU A 158 -8.07 35.21 8.11
C LEU A 158 -8.47 34.13 9.12
N GLU A 159 -8.34 32.86 8.71
CA GLU A 159 -8.81 31.74 9.54
C GLU A 159 -7.81 31.27 10.61
N GLU A 160 -6.51 31.37 10.35
CA GLU A 160 -5.51 30.87 11.28
C GLU A 160 -4.67 31.96 11.93
N GLU A 161 -3.96 32.75 11.11
CA GLU A 161 -3.03 33.78 11.61
C GLU A 161 -3.72 34.85 12.40
N CYS A 162 -4.78 35.41 11.83
CA CYS A 162 -5.51 36.49 12.49
C CYS A 162 -5.99 36.03 13.88
N ILE A 163 -6.57 34.82 13.96
CA ILE A 163 -7.11 34.26 15.21
C ILE A 163 -5.96 34.03 16.21
N ALA A 164 -4.80 33.54 15.76
CA ALA A 164 -3.64 33.32 16.63
C ALA A 164 -3.13 34.68 17.16
N TRP A 165 -3.03 35.71 16.29
CA TRP A 165 -2.67 37.08 16.76
C TRP A 165 -3.69 37.60 17.80
N LEU A 166 -4.98 37.44 17.49
CA LEU A 166 -6.04 37.89 18.38
C LEU A 166 -5.92 37.23 19.77
N LYS A 167 -5.73 35.90 19.83
CA LYS A 167 -5.59 35.21 21.13
C LYS A 167 -4.34 35.70 21.89
N ARG A 168 -3.26 35.96 21.15
CA ARG A 168 -2.01 36.46 21.74
C ARG A 168 -2.24 37.85 22.35
N PHE A 169 -2.87 38.77 21.60
CA PHE A 169 -3.13 40.14 22.05
C PHE A 169 -4.14 40.16 23.18
N LEU A 170 -5.13 39.24 23.14
CA LEU A 170 -6.12 39.12 24.23
C LEU A 170 -5.46 38.78 25.56
N GLU A 171 -4.45 37.92 25.55
CA GLU A 171 -3.72 37.53 26.75
C GLU A 171 -2.87 38.75 27.23
N TYR A 172 -2.20 39.45 26.32
CA TYR A 172 -1.42 40.67 26.66
C TYR A 172 -2.30 41.71 27.36
N GLY A 173 -3.48 41.96 26.77
CA GLY A 173 -4.39 42.97 27.27
C GLY A 173 -5.47 42.45 28.18
N LYS A 174 -5.31 41.23 28.76
CA LYS A 174 -6.37 40.62 29.58
C LYS A 174 -6.91 41.50 30.72
N ASP A 175 -6.04 42.24 31.45
CA ASP A 175 -6.50 43.10 32.57
C ASP A 175 -7.43 44.22 32.07
N THR A 176 -7.33 44.58 30.78
CA THR A 176 -8.20 45.59 30.18
C THR A 176 -9.39 44.91 29.48
N LEU A 177 -9.08 44.04 28.51
CA LEU A 177 -10.07 43.44 27.59
C LEU A 177 -11.00 42.43 28.22
N GLN A 178 -10.55 41.75 29.27
CA GLN A 178 -11.37 40.68 29.83
C GLN A 178 -11.98 41.05 31.17
N ARG A 179 -11.87 42.32 31.57
CA ARG A 179 -12.46 42.77 32.84
C ARG A 179 -13.95 43.07 32.65
N THR A 180 -14.65 43.28 33.78
CA THR A 180 -16.04 43.67 33.78
C THR A 180 -16.21 44.78 34.79
N GLU A 181 -16.78 45.89 34.33
CA GLU A 181 -17.17 46.99 35.19
C GLU A 181 -18.67 47.05 35.06
N PRO A 182 -19.42 46.63 36.09
CA PRO A 182 -20.89 46.59 35.96
C PRO A 182 -21.51 47.97 35.78
N PRO A 183 -22.67 48.07 35.12
CA PRO A 183 -23.29 49.40 34.97
C PRO A 183 -23.93 49.92 36.27
N LEU A 184 -23.99 51.23 36.36
CA LEU A 184 -24.72 51.99 37.37
C LEU A 184 -25.96 52.44 36.62
N VAL A 185 -27.15 51.92 37.01
CA VAL A 185 -28.39 52.18 36.28
C VAL A 185 -29.38 52.95 37.13
N ARG A 186 -30.06 53.90 36.49
CA ARG A 186 -31.08 54.70 37.17
C ARG A 186 -32.25 54.94 36.24
N VAL A 187 -33.41 55.19 36.83
CA VAL A 187 -34.63 55.53 36.11
C VAL A 187 -35.03 56.94 36.54
N ASN A 188 -35.25 57.81 35.56
CA ASN A 188 -35.74 59.18 35.79
C ASN A 188 -37.12 59.28 35.13
N ARG A 189 -38.06 59.92 35.80
CA ARG A 189 -39.43 60.10 35.37
C ARG A 189 -39.72 61.59 35.32
N LYS A 190 -40.40 62.06 34.26
CA LYS A 190 -40.69 63.50 34.15
C LYS A 190 -41.91 63.75 33.27
N GLU A 191 -42.82 64.66 33.68
CA GLU A 191 -43.92 65.09 32.81
C GLU A 191 -43.32 66.06 31.81
N THR A 192 -43.48 65.83 30.52
CA THR A 192 -42.82 66.67 29.52
C THR A 192 -43.86 67.60 28.94
N PHE A 193 -44.26 67.42 27.66
CA PHE A 193 -45.37 68.17 27.08
C PHE A 193 -46.61 67.82 27.96
N PRO A 194 -47.54 68.76 28.23
CA PRO A 194 -48.68 68.43 29.13
C PRO A 194 -49.36 67.10 28.80
N GLY A 195 -49.51 66.27 29.83
CA GLY A 195 -50.12 64.95 29.73
C GLY A 195 -49.23 63.88 29.11
N VAL A 196 -47.91 64.14 29.03
CA VAL A 196 -46.97 63.18 28.46
C VAL A 196 -45.79 62.98 29.42
N THR A 197 -45.76 61.80 30.10
CA THR A 197 -44.67 61.43 31.02
C THR A 197 -43.66 60.58 30.28
N ALA A 198 -42.36 60.93 30.40
CA ALA A 198 -41.28 60.15 29.81
C ALA A 198 -40.51 59.45 30.91
N LEU A 199 -40.08 58.21 30.62
CA LEU A 199 -39.25 57.42 31.52
C LEU A 199 -37.93 57.16 30.82
N PHE A 200 -36.82 57.51 31.48
CA PHE A 200 -35.48 57.31 30.95
C PHE A 200 -34.78 56.27 31.81
N CYS A 201 -34.25 55.25 31.18
CA CYS A 201 -33.44 54.30 31.90
C CYS A 201 -32.01 54.60 31.48
N LYS A 202 -31.15 55.03 32.42
CA LYS A 202 -29.80 55.48 32.06
C LYS A 202 -28.74 54.64 32.75
N ALA A 203 -27.70 54.27 32.00
CA ALA A 203 -26.61 53.42 32.50
C ALA A 203 -25.27 54.06 32.20
N HIS A 204 -24.34 53.95 33.14
CA HIS A 204 -22.99 54.48 32.94
C HIS A 204 -22.00 53.68 33.77
N GLY A 205 -20.72 53.91 33.51
CA GLY A 205 -19.61 53.29 34.24
C GLY A 205 -19.36 51.84 33.84
N PHE A 206 -19.94 51.38 32.71
CA PHE A 206 -19.76 49.97 32.37
C PHE A 206 -18.68 49.68 31.33
N TYR A 207 -18.15 48.45 31.42
CA TYR A 207 -17.18 47.87 30.49
C TYR A 207 -17.42 46.36 30.53
N PRO A 208 -17.51 45.62 29.39
CA PRO A 208 -17.37 46.08 27.97
C PRO A 208 -18.54 46.95 27.51
N PRO A 209 -18.37 47.66 26.35
CA PRO A 209 -19.44 48.57 25.88
C PRO A 209 -20.78 47.86 25.56
N GLU A 210 -20.74 46.56 25.21
CA GLU A 210 -21.94 45.79 24.85
C GLU A 210 -22.91 45.73 26.03
N ILE A 211 -24.12 46.28 25.83
CA ILE A 211 -25.13 46.31 26.90
C ILE A 211 -26.50 46.19 26.27
N TYR A 212 -27.40 45.46 26.93
CA TYR A 212 -28.75 45.36 26.42
C TYR A 212 -29.68 46.11 27.40
N MET A 213 -30.47 47.05 26.88
CA MET A 213 -31.40 47.84 27.69
C MET A 213 -32.74 47.84 27.01
N THR A 214 -33.79 47.55 27.76
CA THR A 214 -35.14 47.59 27.22
C THR A 214 -36.14 47.99 28.29
N TRP A 215 -37.35 48.35 27.85
CA TRP A 215 -38.47 48.68 28.72
C TRP A 215 -39.50 47.60 28.57
N MET A 216 -40.05 47.16 29.69
CA MET A 216 -41.09 46.16 29.71
C MET A 216 -42.31 46.68 30.45
N LYS A 217 -43.50 46.25 30.00
CA LYS A 217 -44.80 46.64 30.55
C LYS A 217 -45.45 45.38 31.11
N ASN A 218 -45.85 45.44 32.41
CA ASN A 218 -46.50 44.35 33.15
C ASN A 218 -45.78 42.96 33.02
N GLY A 219 -44.52 42.98 32.60
CA GLY A 219 -43.71 41.78 32.40
C GLY A 219 -43.47 41.39 30.95
N GLU A 220 -44.20 42.04 29.99
CA GLU A 220 -44.11 41.79 28.56
C GLU A 220 -43.42 42.93 27.79
N GLU A 221 -42.90 42.61 26.58
CA GLU A 221 -42.26 43.61 25.74
C GLU A 221 -43.33 44.62 25.28
N ILE A 222 -42.90 45.85 25.03
CA ILE A 222 -43.76 46.94 24.58
C ILE A 222 -44.14 46.77 23.10
N VAL A 223 -45.10 47.57 22.64
CA VAL A 223 -45.54 47.68 21.25
C VAL A 223 -45.25 49.12 20.82
N GLN A 224 -45.27 50.05 21.82
CA GLN A 224 -44.97 51.48 21.71
C GLN A 224 -43.46 51.66 21.42
N GLU A 225 -43.09 52.81 20.84
CA GLU A 225 -41.74 53.10 20.43
C GLU A 225 -40.76 53.39 21.60
N ILE A 226 -39.64 52.67 21.61
CA ILE A 226 -38.56 52.89 22.56
C ILE A 226 -37.55 53.75 21.81
N ASP A 227 -37.05 54.78 22.45
CA ASP A 227 -35.98 55.60 21.91
C ASP A 227 -34.68 55.12 22.54
N TYR A 228 -33.66 54.82 21.72
CA TYR A 228 -32.38 54.29 22.23
C TYR A 228 -31.27 55.27 22.11
N GLY A 229 -30.51 55.41 23.20
CA GLY A 229 -29.33 56.24 23.20
C GLY A 229 -28.15 55.41 22.70
N ASP A 230 -27.24 56.03 21.97
CA ASP A 230 -26.04 55.33 21.51
C ASP A 230 -25.20 54.88 22.69
N ILE A 231 -24.37 53.85 22.52
CA ILE A 231 -23.43 53.45 23.55
C ILE A 231 -22.26 54.40 23.34
N LEU A 232 -21.97 55.25 24.33
CA LEU A 232 -20.94 56.27 24.14
C LEU A 232 -19.78 56.14 25.10
N PRO A 233 -18.53 56.43 24.66
CA PRO A 233 -17.38 56.36 25.58
C PRO A 233 -17.41 57.53 26.56
N SER A 234 -17.25 57.26 27.85
CA SER A 234 -17.29 58.32 28.86
C SER A 234 -15.93 59.02 29.02
N GLY A 235 -14.89 58.45 28.42
CA GLY A 235 -13.53 59.01 28.43
C GLY A 235 -12.56 58.40 29.42
N ASP A 236 -13.06 57.62 30.38
CA ASP A 236 -12.23 56.97 31.40
C ASP A 236 -12.08 55.44 31.15
N GLY A 237 -12.46 54.99 29.95
CA GLY A 237 -12.42 53.57 29.58
C GLY A 237 -13.75 52.85 29.78
N THR A 238 -14.75 53.56 30.31
CA THR A 238 -16.07 53.00 30.51
C THR A 238 -17.06 53.66 29.58
N TYR A 239 -18.30 53.14 29.53
CA TYR A 239 -19.30 53.58 28.57
C TYR A 239 -20.63 53.97 29.23
N GLN A 240 -21.51 54.61 28.44
CA GLN A 240 -22.82 55.03 28.92
C GLN A 240 -23.83 54.88 27.79
N ALA A 241 -25.09 54.65 28.15
CA ALA A 241 -26.19 54.44 27.23
C ALA A 241 -27.52 54.67 27.95
N TRP A 242 -28.62 54.73 27.20
CA TRP A 242 -29.94 54.96 27.76
C TRP A 242 -31.01 54.43 26.83
N ALA A 243 -32.21 54.28 27.35
CA ALA A 243 -33.40 53.90 26.61
C ALA A 243 -34.56 54.63 27.23
N SER A 244 -35.49 55.18 26.42
CA SER A 244 -36.62 55.92 26.96
C SER A 244 -37.92 55.50 26.32
N ILE A 245 -39.02 55.73 27.04
CA ILE A 245 -40.41 55.45 26.62
C ILE A 245 -41.35 56.49 27.19
N GLU A 246 -42.58 56.55 26.69
CA GLU A 246 -43.67 57.37 27.25
C GLU A 246 -44.68 56.43 27.94
N LEU A 247 -45.21 56.81 29.12
CA LEU A 247 -46.18 55.93 29.77
C LEU A 247 -47.62 56.40 29.48
N LEU A 254 -47.64 49.31 34.91
CA LEU A 254 -46.43 48.80 35.56
C LEU A 254 -45.24 48.70 34.56
N TYR A 255 -44.33 49.67 34.63
CA TYR A 255 -43.16 49.71 33.75
C TYR A 255 -41.89 49.34 34.52
N SER A 256 -40.97 48.65 33.81
CA SER A 256 -39.69 48.26 34.38
C SER A 256 -38.60 48.33 33.33
N CYS A 257 -37.42 48.78 33.73
CA CYS A 257 -36.28 48.79 32.84
C CYS A 257 -35.47 47.52 33.07
N HIS A 258 -35.08 46.87 31.99
CA HIS A 258 -34.31 45.62 32.01
C HIS A 258 -32.98 45.87 31.38
N VAL A 259 -31.90 45.52 32.11
CA VAL A 259 -30.54 45.71 31.66
C VAL A 259 -29.80 44.38 31.75
N GLU A 260 -29.09 44.01 30.69
CA GLU A 260 -28.23 42.84 30.70
C GLU A 260 -26.83 43.26 30.34
N HIS A 261 -25.90 42.91 31.18
CA HIS A 261 -24.50 43.25 30.96
C HIS A 261 -23.62 42.16 31.51
N SER A 262 -22.81 41.58 30.62
CA SER A 262 -21.84 40.55 30.91
C SER A 262 -22.35 39.40 31.87
N GLY A 263 -23.45 38.77 31.48
CA GLY A 263 -24.02 37.64 32.23
C GLY A 263 -24.81 38.00 33.48
N VAL A 264 -25.08 39.31 33.69
CA VAL A 264 -25.84 39.76 34.85
C VAL A 264 -27.07 40.51 34.34
N HIS A 265 -28.24 40.12 34.85
N HIS A 265 -28.27 40.10 34.82
CA HIS A 265 -29.53 40.74 34.53
CA HIS A 265 -29.53 40.75 34.49
C HIS A 265 -29.94 41.67 35.67
C HIS A 265 -29.97 41.66 35.65
N MET A 266 -30.53 42.83 35.34
CA MET A 266 -30.97 43.81 36.32
C MET A 266 -32.35 44.31 35.93
N VAL A 267 -33.22 44.49 36.93
CA VAL A 267 -34.56 45.03 36.71
C VAL A 267 -34.75 46.24 37.62
N LEU A 268 -35.22 47.34 37.04
CA LEU A 268 -35.57 48.53 37.81
C LEU A 268 -37.06 48.77 37.62
N GLN A 269 -37.84 48.51 38.66
CA GLN A 269 -39.29 48.69 38.62
C GLN A 269 -39.62 50.17 38.87
N VAL A 270 -40.52 50.74 38.06
CA VAL A 270 -40.96 52.13 38.25
C VAL A 270 -42.21 52.12 39.11
N MET B 1 -19.92 61.27 -5.71
CA MET B 1 -19.22 61.09 -4.44
C MET B 1 -20.15 61.38 -3.26
N ILE B 2 -20.25 60.43 -2.34
CA ILE B 2 -21.10 60.58 -1.16
C ILE B 2 -20.24 61.04 0.02
N GLN B 3 -20.54 62.20 0.54
CA GLN B 3 -19.86 62.76 1.72
C GLN B 3 -20.84 62.67 2.88
N ARG B 4 -20.36 62.30 4.06
CA ARG B 4 -21.23 62.11 5.21
C ARG B 4 -20.92 63.10 6.28
N THR B 5 -21.93 63.85 6.71
CA THR B 5 -21.75 64.90 7.71
C THR B 5 -21.59 64.30 9.13
N PRO B 6 -20.78 64.92 10.02
CA PRO B 6 -20.59 64.33 11.34
C PRO B 6 -21.82 64.38 12.25
N LYS B 7 -21.99 63.31 13.01
CA LYS B 7 -22.92 63.26 14.12
C LYS B 7 -22.11 63.84 15.28
N ILE B 8 -22.71 64.70 16.10
CA ILE B 8 -22.02 65.40 17.20
C ILE B 8 -22.83 65.23 18.47
N GLN B 9 -22.22 64.55 19.47
CA GLN B 9 -22.90 64.30 20.75
C GLN B 9 -22.07 64.87 21.88
N VAL B 10 -22.72 65.69 22.70
CA VAL B 10 -22.08 66.44 23.79
C VAL B 10 -22.73 65.97 25.09
N TYR B 11 -21.90 65.43 25.99
CA TYR B 11 -22.39 64.83 27.24
C TYR B 11 -21.29 64.80 28.27
N SER B 12 -21.67 64.70 29.53
CA SER B 12 -20.70 64.61 30.61
C SER B 12 -20.33 63.15 30.87
N ARG B 13 -19.12 62.92 31.41
CA ARG B 13 -18.62 61.60 31.79
C ARG B 13 -19.53 60.96 32.83
N HIS B 14 -19.84 61.70 33.89
CA HIS B 14 -20.71 61.27 34.99
C HIS B 14 -21.99 62.12 35.00
N PRO B 15 -23.13 61.64 35.57
CA PRO B 15 -24.32 62.53 35.69
C PRO B 15 -23.93 63.86 36.31
N ALA B 16 -24.23 64.95 35.61
CA ALA B 16 -23.84 66.30 35.96
C ALA B 16 -24.61 66.86 37.13
N GLU B 17 -23.89 67.60 37.95
CA GLU B 17 -24.39 68.31 39.11
C GLU B 17 -23.58 69.60 39.21
N ASN B 18 -24.27 70.76 39.16
CA ASN B 18 -23.60 72.07 39.25
C ASN B 18 -22.74 72.14 40.51
N GLY B 19 -21.48 72.54 40.33
CA GLY B 19 -20.51 72.66 41.43
C GLY B 19 -19.71 71.40 41.69
N LYS B 20 -19.92 70.35 40.89
CA LYS B 20 -19.19 69.08 41.06
C LYS B 20 -18.31 68.80 39.85
N SER B 21 -17.00 68.62 40.09
CA SER B 21 -15.97 68.34 39.08
C SER B 21 -16.40 67.15 38.21
N ASN B 22 -16.19 67.28 36.89
CA ASN B 22 -16.63 66.29 35.89
C ASN B 22 -15.77 66.42 34.61
N PHE B 23 -16.17 65.73 33.53
CA PHE B 23 -15.53 65.81 32.21
C PHE B 23 -16.60 66.00 31.17
N LEU B 24 -16.36 66.94 30.25
CA LEU B 24 -17.26 67.19 29.15
C LEU B 24 -16.72 66.52 27.93
N ASN B 25 -17.53 65.65 27.32
CA ASN B 25 -17.16 64.91 26.12
C ASN B 25 -17.87 65.44 24.87
N CYS B 26 -17.17 65.41 23.75
CA CYS B 26 -17.77 65.65 22.46
C CYS B 26 -17.36 64.51 21.57
N TYR B 27 -18.32 63.65 21.22
CA TYR B 27 -18.11 62.48 20.37
C TYR B 27 -18.59 62.82 18.97
N VAL B 28 -17.64 62.82 18.03
CA VAL B 28 -17.86 63.22 16.64
C VAL B 28 -17.72 61.97 15.80
N SER B 29 -18.78 61.56 15.12
CA SER B 29 -18.76 60.26 14.45
C SER B 29 -19.51 60.25 13.10
N GLY B 30 -19.34 59.15 12.37
CA GLY B 30 -20.05 58.87 11.13
C GLY B 30 -19.76 59.80 9.99
N PHE B 31 -18.61 60.50 10.03
CA PHE B 31 -18.28 61.43 8.96
C PHE B 31 -17.33 60.80 7.95
N HIS B 32 -17.38 61.33 6.74
CA HIS B 32 -16.52 60.95 5.61
C HIS B 32 -16.53 62.12 4.62
N PRO B 33 -15.37 62.61 4.11
CA PRO B 33 -13.96 62.16 4.33
C PRO B 33 -13.45 62.54 5.74
N SER B 34 -12.15 62.23 6.02
CA SER B 34 -11.60 62.30 7.39
C SER B 34 -11.20 63.67 7.95
N ASP B 35 -10.88 64.68 7.11
CA ASP B 35 -10.45 65.99 7.64
C ASP B 35 -11.60 66.63 8.42
N ILE B 36 -11.30 67.08 9.63
CA ILE B 36 -12.29 67.63 10.54
C ILE B 36 -11.57 68.54 11.58
N GLU B 37 -12.30 69.53 12.07
CA GLU B 37 -11.83 70.44 13.10
C GLU B 37 -12.85 70.43 14.22
N VAL B 38 -12.38 70.15 15.44
CA VAL B 38 -13.24 70.11 16.62
C VAL B 38 -12.67 70.99 17.73
N ASP B 39 -13.50 71.84 18.35
CA ASP B 39 -13.13 72.67 19.48
C ASP B 39 -14.19 72.57 20.55
N LEU B 40 -13.79 72.66 21.83
CA LEU B 40 -14.76 72.71 22.93
C LEU B 40 -14.85 74.16 23.36
N LEU B 41 -16.06 74.68 23.54
CA LEU B 41 -16.27 76.07 23.90
C LEU B 41 -16.92 76.25 25.27
N LYS B 42 -16.49 77.28 25.99
CA LYS B 42 -17.04 77.75 27.27
C LYS B 42 -17.46 79.19 27.02
N ASN B 43 -18.79 79.43 27.01
CA ASN B 43 -19.42 80.73 26.73
C ASN B 43 -18.87 81.34 25.41
N GLY B 44 -18.88 80.51 24.36
CA GLY B 44 -18.44 80.89 23.02
C GLY B 44 -16.95 80.94 22.79
N GLU B 45 -16.14 80.81 23.87
CA GLU B 45 -14.67 80.86 23.74
C GLU B 45 -14.07 79.46 23.80
N ARG B 46 -13.08 79.21 22.93
CA ARG B 46 -12.37 77.94 22.81
C ARG B 46 -11.63 77.58 24.11
N ILE B 47 -11.81 76.34 24.57
CA ILE B 47 -11.13 75.80 25.76
C ILE B 47 -9.76 75.30 25.27
N GLU B 48 -8.70 75.67 25.97
CA GLU B 48 -7.32 75.34 25.57
C GLU B 48 -6.90 73.96 26.05
N LYS B 49 -7.26 73.59 27.30
CA LYS B 49 -6.90 72.30 27.89
C LYS B 49 -7.91 71.25 27.44
N VAL B 50 -7.79 70.79 26.18
CA VAL B 50 -8.71 69.82 25.58
C VAL B 50 -7.91 68.63 25.07
N GLU B 51 -8.30 67.43 25.51
CA GLU B 51 -7.68 66.18 25.08
C GLU B 51 -8.52 65.51 23.99
N HIS B 52 -7.88 64.73 23.13
CA HIS B 52 -8.62 64.07 22.09
C HIS B 52 -8.00 62.74 21.72
N SER B 53 -8.84 61.82 21.27
CA SER B 53 -8.38 60.52 20.77
C SER B 53 -7.82 60.71 19.36
N ASP B 54 -7.07 59.73 18.86
CA ASP B 54 -6.61 59.74 17.47
C ASP B 54 -7.81 59.47 16.61
N LEU B 55 -7.78 59.88 15.35
CA LEU B 55 -8.81 59.54 14.38
C LEU B 55 -9.08 58.02 14.44
N SER B 56 -10.35 57.65 14.50
CA SER B 56 -10.68 56.24 14.59
C SER B 56 -11.53 55.79 13.40
N PHE B 57 -11.49 54.49 13.11
CA PHE B 57 -12.10 53.88 11.95
C PHE B 57 -13.32 53.02 12.27
N SER B 58 -14.44 53.28 11.59
CA SER B 58 -15.61 52.41 11.75
C SER B 58 -15.65 51.41 10.60
N LYS B 59 -16.33 50.28 10.82
CA LYS B 59 -16.53 49.23 9.82
C LYS B 59 -17.36 49.72 8.62
N ASP B 60 -18.20 50.79 8.76
CA ASP B 60 -18.98 51.30 7.63
C ASP B 60 -18.17 52.35 6.81
N TRP B 61 -16.85 52.44 7.08
CA TRP B 61 -15.85 53.29 6.41
C TRP B 61 -15.87 54.74 6.88
N SER B 62 -16.77 55.09 7.80
CA SER B 62 -16.77 56.44 8.33
C SER B 62 -15.73 56.56 9.49
N PHE B 63 -15.60 57.77 10.06
CA PHE B 63 -14.60 58.00 11.10
C PHE B 63 -15.24 58.56 12.34
N TYR B 64 -14.52 58.47 13.46
CA TYR B 64 -14.98 59.02 14.73
C TYR B 64 -13.81 59.47 15.58
N LEU B 65 -14.09 60.40 16.49
CA LEU B 65 -13.14 61.01 17.41
C LEU B 65 -13.84 61.35 18.72
N LEU B 66 -13.08 61.41 19.81
CA LEU B 66 -13.58 61.85 21.11
C LEU B 66 -12.69 62.99 21.62
N TYR B 67 -13.30 64.15 21.85
CA TYR B 67 -12.68 65.33 22.45
C TYR B 67 -13.27 65.48 23.84
N TYR B 68 -12.42 65.80 24.82
CA TYR B 68 -12.89 65.97 26.19
C TYR B 68 -12.03 66.95 26.98
N THR B 69 -12.61 67.50 28.05
CA THR B 69 -11.96 68.44 28.95
C THR B 69 -12.55 68.28 30.34
N GLU B 70 -11.71 68.52 31.37
CA GLU B 70 -12.13 68.52 32.78
C GLU B 70 -12.87 69.81 33.02
N PHE B 71 -14.03 69.76 33.71
CA PHE B 71 -14.79 70.98 34.00
C PHE B 71 -15.70 70.81 35.22
N THR B 72 -16.16 71.96 35.77
CA THR B 72 -17.11 72.00 36.87
C THR B 72 -18.33 72.74 36.35
N PRO B 73 -19.46 72.07 36.04
CA PRO B 73 -20.62 72.80 35.52
C PRO B 73 -21.22 73.78 36.54
N THR B 74 -21.78 74.87 36.02
CA THR B 74 -22.43 75.98 36.74
C THR B 74 -23.68 76.35 35.92
N GLU B 75 -24.73 76.88 36.61
CA GLU B 75 -25.99 77.31 35.97
C GLU B 75 -25.74 78.36 34.88
N LYS B 76 -24.77 79.26 35.12
CA LYS B 76 -24.42 80.39 34.26
C LYS B 76 -23.56 80.03 33.04
N ASP B 77 -22.70 79.00 33.13
CA ASP B 77 -21.77 78.64 32.05
C ASP B 77 -22.40 77.74 31.00
N GLU B 78 -22.25 78.15 29.72
CA GLU B 78 -22.75 77.43 28.56
C GLU B 78 -21.57 76.74 27.85
N TYR B 79 -21.68 75.42 27.66
CA TYR B 79 -20.64 74.63 27.00
C TYR B 79 -21.12 74.13 25.68
N ALA B 80 -20.20 74.06 24.71
CA ALA B 80 -20.54 73.65 23.36
C ALA B 80 -19.36 72.97 22.66
N CYS B 81 -19.68 72.22 21.60
CA CYS B 81 -18.70 71.60 20.74
C CYS B 81 -18.82 72.24 19.35
N ARG B 82 -17.73 72.81 18.84
CA ARG B 82 -17.70 73.44 17.52
C ARG B 82 -16.97 72.54 16.55
N VAL B 83 -17.67 72.14 15.47
CA VAL B 83 -17.14 71.22 14.46
C VAL B 83 -17.19 71.83 13.04
N ASN B 84 -16.09 71.65 12.30
CA ASN B 84 -16.04 72.02 10.87
C ASN B 84 -15.61 70.81 10.06
N HIS B 85 -16.24 70.65 8.89
CA HIS B 85 -16.09 69.51 7.98
C HIS B 85 -16.47 69.99 6.58
N VAL B 86 -16.00 69.32 5.53
CA VAL B 86 -16.28 69.72 4.13
C VAL B 86 -17.81 69.75 3.85
N THR B 87 -18.61 68.92 4.57
CA THR B 87 -20.07 68.88 4.37
C THR B 87 -20.77 70.11 4.97
N LEU B 88 -20.06 70.91 5.78
CA LEU B 88 -20.61 72.10 6.44
C LEU B 88 -20.06 73.36 5.80
N SER B 89 -20.95 74.32 5.47
CA SER B 89 -20.55 75.58 4.85
C SER B 89 -19.98 76.54 5.91
N GLN B 90 -20.36 76.31 7.17
CA GLN B 90 -19.92 77.09 8.33
C GLN B 90 -19.71 76.14 9.51
N PRO B 91 -18.85 76.48 10.51
CA PRO B 91 -18.70 75.60 11.67
C PRO B 91 -20.04 75.41 12.40
N LYS B 92 -20.34 74.18 12.80
CA LYS B 92 -21.56 73.84 13.52
C LYS B 92 -21.25 73.83 15.01
N ILE B 93 -21.95 74.69 15.78
CA ILE B 93 -21.79 74.78 17.22
C ILE B 93 -22.93 74.01 17.86
N VAL B 94 -22.60 72.92 18.56
CA VAL B 94 -23.58 72.06 19.21
C VAL B 94 -23.48 72.30 20.70
N LYS B 95 -24.55 72.82 21.30
CA LYS B 95 -24.57 73.13 22.72
C LYS B 95 -24.80 71.88 23.57
N TRP B 96 -24.19 71.86 24.75
CA TRP B 96 -24.42 70.80 25.72
C TRP B 96 -25.85 70.97 26.30
N ASP B 97 -26.64 69.89 26.34
CA ASP B 97 -28.02 69.95 26.86
C ASP B 97 -28.06 69.98 28.42
N ARG B 98 -26.88 70.14 29.07
CA ARG B 98 -26.68 70.22 30.52
C ARG B 98 -27.16 68.93 31.25
N ASP B 99 -27.10 67.76 30.55
CA ASP B 99 -27.44 66.44 31.11
C ASP B 99 -28.89 66.35 31.60
N ARG C 2 9.96 -6.48 -6.28
CA ARG C 2 10.07 -6.57 -4.81
C ARG C 2 9.82 -8.03 -4.38
N THR C 3 10.58 -8.54 -3.38
CA THR C 3 10.42 -9.93 -2.86
C THR C 3 9.10 -10.08 -2.08
N HIS C 4 8.34 -11.16 -2.37
CA HIS C 4 7.12 -11.44 -1.64
C HIS C 4 7.09 -12.90 -1.22
N SER C 5 6.36 -13.20 -0.17
CA SER C 5 6.29 -14.57 0.30
C SER C 5 4.89 -14.94 0.76
N LEU C 6 4.62 -16.23 0.74
CA LEU C 6 3.39 -16.80 1.24
C LEU C 6 3.77 -17.86 2.23
N ARG C 7 3.18 -17.83 3.43
CA ARG C 7 3.46 -18.94 4.33
C ARG C 7 2.26 -19.28 5.21
N TYR C 8 2.13 -20.58 5.52
CA TYR C 8 1.09 -21.07 6.42
C TYR C 8 1.74 -21.70 7.61
N PHE C 9 1.29 -21.28 8.80
CA PHE C 9 1.79 -21.84 10.04
C PHE C 9 0.72 -22.69 10.69
N ARG C 10 1.16 -23.71 11.44
CA ARG C 10 0.31 -24.50 12.32
C ARG C 10 0.95 -24.51 13.70
N LEU C 11 0.13 -24.43 14.75
CA LEU C 11 0.53 -24.55 16.13
C LEU C 11 -0.39 -25.57 16.81
N GLY C 12 0.21 -26.58 17.42
CA GLY C 12 -0.51 -27.56 18.21
C GLY C 12 0.00 -27.48 19.64
N VAL C 13 -0.89 -27.52 20.62
CA VAL C 13 -0.52 -27.45 22.05
C VAL C 13 -1.15 -28.70 22.70
N SER C 14 -0.33 -29.51 23.44
CA SER C 14 -0.75 -30.83 23.97
C SER C 14 -1.72 -30.84 25.15
N ASP C 15 -1.59 -29.95 26.14
CA ASP C 15 -2.49 -29.93 27.31
C ASP C 15 -2.75 -28.43 27.59
N PRO C 16 -3.51 -27.71 26.72
CA PRO C 16 -3.61 -26.25 26.93
C PRO C 16 -4.50 -25.87 28.11
N ILE C 17 -4.39 -24.61 28.61
CA ILE C 17 -5.23 -24.06 29.69
C ILE C 17 -6.67 -23.92 29.12
N HIS C 18 -7.68 -23.88 30.00
CA HIS C 18 -9.14 -23.78 29.79
C HIS C 18 -9.58 -23.15 28.45
N GLY C 19 -9.34 -21.85 28.27
CA GLY C 19 -9.77 -21.13 27.07
C GLY C 19 -8.71 -20.90 26.01
N VAL C 20 -7.76 -21.84 25.88
CA VAL C 20 -6.65 -21.70 24.93
C VAL C 20 -6.79 -22.81 23.86
N PRO C 21 -6.78 -22.46 22.54
CA PRO C 21 -6.96 -23.51 21.53
C PRO C 21 -5.85 -24.54 21.48
N GLU C 22 -6.25 -25.79 21.20
CA GLU C 22 -5.33 -26.90 21.03
C GLU C 22 -4.60 -26.74 19.67
N PHE C 23 -5.26 -26.07 18.73
CA PHE C 23 -4.75 -25.96 17.38
C PHE C 23 -5.09 -24.60 16.78
N ILE C 24 -4.11 -23.99 16.12
CA ILE C 24 -4.24 -22.71 15.41
C ILE C 24 -3.48 -22.81 14.08
N SER C 25 -4.05 -22.26 13.02
CA SER C 25 -3.38 -22.18 11.73
C SER C 25 -3.57 -20.79 11.18
N VAL C 26 -2.47 -20.10 10.82
CA VAL C 26 -2.55 -18.74 10.29
C VAL C 26 -1.70 -18.67 9.01
N GLY C 27 -2.23 -17.98 8.01
CA GLY C 27 -1.55 -17.72 6.75
C GLY C 27 -1.05 -16.28 6.70
N TYR C 28 0.08 -16.06 5.98
CA TYR C 28 0.63 -14.73 5.78
C TYR C 28 1.07 -14.52 4.35
N VAL C 29 0.92 -13.30 3.87
CA VAL C 29 1.53 -12.83 2.64
C VAL C 29 2.41 -11.70 3.16
N ASP C 30 3.75 -11.84 3.03
CA ASP C 30 4.72 -10.90 3.57
C ASP C 30 4.47 -10.82 5.10
N SER C 31 4.31 -9.61 5.67
CA SER C 31 4.03 -9.48 7.10
C SER C 31 2.53 -9.46 7.40
N HIS C 32 1.67 -9.66 6.37
CA HIS C 32 0.22 -9.54 6.52
C HIS C 32 -0.48 -10.85 6.78
N PRO C 33 -1.20 -10.98 7.92
CA PRO C 33 -2.07 -12.16 8.09
C PRO C 33 -3.16 -12.18 7.01
N ILE C 34 -3.40 -13.34 6.39
CA ILE C 34 -4.42 -13.46 5.33
C ILE C 34 -5.51 -14.41 5.73
N THR C 35 -5.19 -15.43 6.55
CA THR C 35 -6.16 -16.44 6.95
C THR C 35 -5.96 -16.86 8.38
N THR C 36 -7.03 -17.39 8.99
CA THR C 36 -6.98 -17.92 10.34
C THR C 36 -7.96 -19.08 10.49
N TYR C 37 -7.61 -19.98 11.38
CA TYR C 37 -8.39 -21.17 11.75
C TYR C 37 -7.90 -21.57 13.12
N ASP C 38 -8.82 -22.01 13.98
CA ASP C 38 -8.43 -22.60 15.25
C ASP C 38 -9.46 -23.68 15.66
N SER C 39 -9.09 -24.51 16.64
CA SER C 39 -9.89 -25.63 17.15
C SER C 39 -11.15 -25.15 17.90
N VAL C 40 -11.27 -23.84 18.20
CA VAL C 40 -12.44 -23.29 18.91
C VAL C 40 -13.48 -22.82 17.87
N THR C 41 -13.06 -22.04 16.87
CA THR C 41 -14.01 -21.59 15.85
C THR C 41 -14.35 -22.72 14.89
N ARG C 42 -13.35 -23.60 14.60
CA ARG C 42 -13.44 -24.71 13.63
C ARG C 42 -13.82 -24.19 12.23
N GLN C 43 -13.44 -22.93 11.95
CA GLN C 43 -13.71 -22.28 10.67
C GLN C 43 -12.48 -21.61 10.13
N LYS C 44 -12.24 -21.74 8.82
CA LYS C 44 -11.14 -20.98 8.21
C LYS C 44 -11.75 -19.68 7.71
N GLU C 45 -11.15 -18.56 8.13
CA GLU C 45 -11.66 -17.22 7.80
C GLU C 45 -10.57 -16.30 7.26
N PRO C 46 -10.95 -15.29 6.45
CA PRO C 46 -9.95 -14.32 5.98
C PRO C 46 -9.50 -13.39 7.11
N ARG C 47 -8.25 -12.91 7.01
CA ARG C 47 -7.71 -11.96 7.98
C ARG C 47 -7.32 -10.66 7.31
N ALA C 48 -7.55 -10.56 5.99
CA ALA C 48 -7.30 -9.35 5.18
C ALA C 48 -8.55 -9.07 4.36
N PRO C 49 -9.02 -7.81 4.23
CA PRO C 49 -10.26 -7.56 3.46
C PRO C 49 -10.10 -7.90 1.98
N TRP C 50 -8.87 -7.83 1.44
CA TRP C 50 -8.62 -8.15 0.04
C TRP C 50 -8.66 -9.67 -0.22
N MET C 51 -8.55 -10.51 0.84
CA MET C 51 -8.73 -11.96 0.76
C MET C 51 -10.24 -12.26 0.77
N ALA C 52 -10.98 -11.59 1.69
CA ALA C 52 -12.44 -11.72 1.87
C ALA C 52 -13.19 -11.35 0.59
N GLU C 53 -12.79 -10.26 -0.06
CA GLU C 53 -13.47 -9.74 -1.26
C GLU C 53 -13.19 -10.55 -2.53
N ASN C 54 -12.08 -11.31 -2.56
CA ASN C 54 -11.68 -11.98 -3.80
C ASN C 54 -11.83 -13.49 -3.80
N LEU C 55 -12.06 -14.09 -2.64
CA LEU C 55 -12.23 -15.54 -2.57
C LEU C 55 -13.65 -15.83 -2.16
N ALA C 56 -14.38 -16.56 -3.02
CA ALA C 56 -15.79 -16.88 -2.81
C ALA C 56 -15.99 -17.81 -1.59
N PRO C 57 -17.24 -17.88 -1.04
CA PRO C 57 -17.48 -18.76 0.13
C PRO C 57 -17.00 -20.22 -0.03
N ASP C 58 -16.97 -20.78 -1.26
CA ASP C 58 -16.55 -22.17 -1.46
C ASP C 58 -15.07 -22.38 -1.09
N HIS C 59 -14.22 -21.33 -1.19
CA HIS C 59 -12.82 -21.42 -0.79
C HIS C 59 -12.77 -21.66 0.73
N TRP C 60 -13.49 -20.83 1.49
CA TRP C 60 -13.51 -20.91 2.95
C TRP C 60 -14.19 -22.19 3.43
N GLU C 61 -15.26 -22.62 2.76
CA GLU C 61 -15.98 -23.85 3.09
C GLU C 61 -15.08 -25.08 2.88
N ARG C 62 -14.38 -25.14 1.75
CA ARG C 62 -13.51 -26.27 1.45
C ARG C 62 -12.29 -26.34 2.42
N TYR C 63 -11.61 -25.22 2.65
CA TYR C 63 -10.43 -25.18 3.51
C TYR C 63 -10.79 -25.35 4.98
N THR C 64 -12.03 -25.01 5.37
CA THR C 64 -12.54 -25.31 6.74
C THR C 64 -12.52 -26.83 6.93
N GLN C 65 -13.04 -27.58 5.94
CA GLN C 65 -13.05 -29.05 6.01
C GLN C 65 -11.60 -29.59 6.03
N LEU C 66 -10.73 -29.07 5.16
CA LEU C 66 -9.34 -29.54 5.10
C LEU C 66 -8.58 -29.29 6.43
N LEU C 67 -8.81 -28.11 7.04
CA LEU C 67 -8.18 -27.75 8.33
C LEU C 67 -8.70 -28.62 9.46
N ARG C 68 -9.97 -29.02 9.41
CA ARG C 68 -10.55 -29.92 10.41
C ARG C 68 -9.82 -31.27 10.38
N GLY C 69 -9.47 -31.73 9.19
CA GLY C 69 -8.65 -32.93 9.01
C GLY C 69 -7.21 -32.74 9.45
N TRP C 70 -6.58 -31.63 9.03
CA TRP C 70 -5.20 -31.29 9.40
C TRP C 70 -5.04 -31.11 10.90
N GLN C 71 -6.07 -30.54 11.56
CA GLN C 71 -6.10 -30.37 13.02
C GLN C 71 -5.99 -31.73 13.71
N GLN C 72 -6.80 -32.71 13.26
CA GLN C 72 -6.82 -34.05 13.85
C GLN C 72 -5.44 -34.74 13.66
N MET C 73 -4.84 -34.62 12.46
N MET C 73 -4.84 -34.63 12.47
CA MET C 73 -3.54 -35.20 12.13
CA MET C 73 -3.54 -35.22 12.16
C MET C 73 -2.43 -34.60 13.01
C MET C 73 -2.43 -34.60 13.04
N PHE C 74 -2.50 -33.29 13.29
CA PHE C 74 -1.54 -32.56 14.12
C PHE C 74 -1.56 -33.05 15.57
N LYS C 75 -2.76 -33.29 16.11
CA LYS C 75 -2.97 -33.80 17.46
C LYS C 75 -2.28 -35.18 17.63
N VAL C 76 -2.52 -36.10 16.70
CA VAL C 76 -1.96 -37.46 16.73
C VAL C 76 -0.42 -37.41 16.60
N GLU C 77 0.11 -36.57 15.69
CA GLU C 77 1.54 -36.42 15.51
C GLU C 77 2.22 -35.89 16.77
N LEU C 78 1.64 -34.86 17.40
CA LEU C 78 2.18 -34.26 18.64
C LEU C 78 2.13 -35.31 19.78
N LYS C 79 1.06 -36.10 19.85
CA LYS C 79 0.91 -37.17 20.85
C LYS C 79 2.07 -38.17 20.70
N ARG C 80 2.40 -38.57 19.46
CA ARG C 80 3.46 -39.52 19.17
C ARG C 80 4.83 -38.92 19.58
N LEU C 81 5.06 -37.64 19.29
CA LEU C 81 6.31 -36.97 19.67
C LEU C 81 6.51 -36.93 21.17
N GLN C 82 5.51 -36.41 21.88
CA GLN C 82 5.59 -36.26 23.34
C GLN C 82 5.84 -37.63 24.02
N ARG C 83 5.25 -38.70 23.47
CA ARG C 83 5.50 -40.05 23.94
C ARG C 83 6.98 -40.45 23.67
N HIS C 84 7.49 -40.29 22.40
CA HIS C 84 8.88 -40.62 22.01
C HIS C 84 9.89 -39.90 22.90
N TYR C 85 9.58 -38.64 23.26
CA TYR C 85 10.46 -37.85 24.12
C TYR C 85 10.32 -38.17 25.58
N ASN C 86 9.27 -38.92 25.97
CA ASN C 86 8.98 -39.24 27.40
C ASN C 86 8.76 -37.93 28.17
N HIS C 87 7.98 -37.03 27.58
CA HIS C 87 7.69 -35.71 28.16
C HIS C 87 6.30 -35.66 28.79
N SER C 88 6.19 -34.99 29.92
CA SER C 88 4.91 -34.77 30.58
C SER C 88 4.53 -33.31 30.43
N GLY C 89 3.29 -32.97 30.78
CA GLY C 89 2.77 -31.60 30.74
C GLY C 89 2.52 -31.10 29.34
N SER C 90 2.49 -29.78 29.19
CA SER C 90 2.16 -29.13 27.91
C SER C 90 3.37 -28.89 27.04
N HIS C 91 3.31 -29.38 25.79
CA HIS C 91 4.35 -29.21 24.78
C HIS C 91 3.74 -28.72 23.48
N THR C 92 4.57 -28.10 22.63
CA THR C 92 4.07 -27.52 21.39
C THR C 92 4.66 -28.19 20.18
N TYR C 93 3.89 -28.16 19.09
CA TYR C 93 4.26 -28.69 17.80
C TYR C 93 3.95 -27.61 16.77
N GLN C 94 4.88 -27.31 15.87
CA GLN C 94 4.64 -26.25 14.89
C GLN C 94 5.09 -26.66 13.51
N ARG C 95 4.41 -26.10 12.52
CA ARG C 95 4.71 -26.32 11.11
C ARG C 95 4.74 -24.98 10.42
N MET C 96 5.62 -24.83 9.43
CA MET C 96 5.68 -23.67 8.55
C MET C 96 5.98 -24.16 7.16
N ILE C 97 5.09 -23.82 6.24
CA ILE C 97 5.26 -24.15 4.82
C ILE C 97 5.15 -22.86 4.06
N GLY C 98 5.88 -22.73 2.97
CA GLY C 98 5.76 -21.51 2.18
C GLY C 98 6.74 -21.38 1.06
N CYS C 99 6.68 -20.22 0.40
CA CYS C 99 7.51 -19.94 -0.76
C CYS C 99 7.76 -18.48 -0.87
N GLU C 100 8.80 -18.12 -1.61
CA GLU C 100 9.11 -16.73 -1.91
C GLU C 100 9.27 -16.56 -3.38
N LEU C 101 8.85 -15.41 -3.89
CA LEU C 101 9.02 -15.02 -5.27
C LEU C 101 9.94 -13.80 -5.20
N LEU C 102 11.20 -13.99 -5.60
CA LEU C 102 12.21 -12.93 -5.49
C LEU C 102 12.06 -11.90 -6.61
N GLU C 103 12.65 -10.71 -6.39
CA GLU C 103 12.65 -9.58 -7.33
C GLU C 103 13.10 -10.02 -8.74
N ASP C 104 14.17 -10.85 -8.84
CA ASP C 104 14.73 -11.35 -10.12
C ASP C 104 13.86 -12.45 -10.78
N GLY C 105 12.78 -12.84 -10.13
CA GLY C 105 11.85 -13.84 -10.65
C GLY C 105 12.15 -15.26 -10.21
N SER C 106 13.27 -15.46 -9.48
CA SER C 106 13.63 -16.76 -8.94
C SER C 106 12.72 -17.07 -7.72
N THR C 107 12.67 -18.33 -7.31
CA THR C 107 11.76 -18.74 -6.24
C THR C 107 12.48 -19.60 -5.22
N THR C 108 11.93 -19.63 -4.00
CA THR C 108 12.38 -20.50 -2.91
C THR C 108 11.13 -21.20 -2.38
N GLY C 109 11.31 -22.34 -1.71
CA GLY C 109 10.21 -23.10 -1.12
C GLY C 109 10.73 -23.75 0.14
N PHE C 110 9.92 -23.80 1.19
CA PHE C 110 10.42 -24.34 2.46
C PHE C 110 9.29 -24.98 3.22
N LEU C 111 9.65 -25.98 4.03
CA LEU C 111 8.73 -26.74 4.84
C LEU C 111 9.50 -27.23 6.05
N GLN C 112 9.04 -26.88 7.23
CA GLN C 112 9.74 -27.32 8.42
C GLN C 112 8.79 -27.45 9.57
N TYR C 113 9.21 -28.21 10.58
CA TYR C 113 8.50 -28.51 11.81
C TYR C 113 9.36 -28.18 13.01
N ALA C 114 8.71 -27.86 14.14
CA ALA C 114 9.39 -27.57 15.39
C ALA C 114 8.66 -28.24 16.51
N TYR C 115 9.39 -28.63 17.53
CA TYR C 115 8.82 -29.20 18.75
C TYR C 115 9.31 -28.31 19.87
N ASP C 116 8.38 -27.78 20.69
CA ASP C 116 8.68 -26.83 21.76
C ASP C 116 9.46 -25.60 21.24
N GLY C 117 9.13 -25.16 20.02
CA GLY C 117 9.73 -23.98 19.41
C GLY C 117 11.14 -24.12 18.92
N GLN C 118 11.62 -25.37 18.79
CA GLN C 118 12.99 -25.64 18.32
C GLN C 118 12.90 -26.46 17.05
N ASP C 119 13.75 -26.18 16.06
CA ASP C 119 13.81 -26.98 14.84
C ASP C 119 13.73 -28.48 15.15
N PHE C 120 12.87 -29.18 14.44
CA PHE C 120 12.68 -30.61 14.63
C PHE C 120 12.99 -31.36 13.33
N LEU C 121 12.30 -31.01 12.24
CA LEU C 121 12.51 -31.60 10.90
C LEU C 121 12.47 -30.52 9.87
N ILE C 122 13.46 -30.50 8.96
CA ILE C 122 13.57 -29.49 7.89
C ILE C 122 13.61 -30.22 6.56
N PHE C 123 12.64 -29.91 5.68
CA PHE C 123 12.56 -30.55 4.38
C PHE C 123 13.54 -29.95 3.39
N ASN C 124 14.22 -30.82 2.65
CA ASN C 124 15.10 -30.43 1.56
C ASN C 124 14.41 -30.88 0.27
N LYS C 125 13.74 -29.96 -0.44
CA LYS C 125 13.00 -30.30 -1.67
C LYS C 125 13.92 -30.65 -2.88
N ASP C 126 15.24 -30.38 -2.79
CA ASP C 126 16.17 -30.71 -3.89
C ASP C 126 16.70 -32.14 -3.76
N THR C 127 16.84 -32.65 -2.54
CA THR C 127 17.28 -34.03 -2.35
C THR C 127 16.13 -34.91 -1.92
N LEU C 128 14.94 -34.32 -1.70
CA LEU C 128 13.71 -35.01 -1.26
C LEU C 128 14.00 -35.77 0.04
N SER C 129 14.52 -35.06 1.03
CA SER C 129 14.87 -35.68 2.30
C SER C 129 14.58 -34.74 3.45
N TRP C 130 14.43 -35.32 4.64
CA TRP C 130 14.15 -34.57 5.85
C TRP C 130 15.39 -34.56 6.73
N LEU C 131 15.82 -33.39 7.17
CA LEU C 131 16.95 -33.26 8.07
C LEU C 131 16.40 -33.35 9.52
N ALA C 132 16.89 -34.33 10.28
CA ALA C 132 16.49 -34.62 11.67
C ALA C 132 17.50 -34.11 12.67
N VAL C 133 17.05 -33.44 13.73
CA VAL C 133 17.92 -32.83 14.75
C VAL C 133 18.31 -33.80 15.90
N ASP C 134 17.52 -34.88 16.09
CA ASP C 134 17.72 -35.83 17.20
C ASP C 134 17.13 -37.17 16.82
N ASN C 135 17.12 -38.15 17.76
CA ASN C 135 16.69 -39.50 17.44
C ASN C 135 15.19 -39.65 17.30
N VAL C 136 14.41 -38.76 17.91
CA VAL C 136 12.95 -38.79 17.80
C VAL C 136 12.60 -38.32 16.40
N ALA C 137 13.22 -37.21 15.94
CA ALA C 137 13.07 -36.66 14.60
C ALA C 137 13.53 -37.69 13.55
N HIS C 138 14.61 -38.43 13.83
CA HIS C 138 15.13 -39.47 12.94
C HIS C 138 14.09 -40.58 12.70
N THR C 139 13.35 -40.99 13.75
CA THR C 139 12.30 -42.02 13.64
C THR C 139 11.22 -41.52 12.66
N ILE C 140 10.81 -40.25 12.80
CA ILE C 140 9.80 -39.62 11.94
C ILE C 140 10.34 -39.47 10.51
N LYS C 141 11.59 -38.98 10.37
CA LYS C 141 12.29 -38.87 9.08
C LYS C 141 12.20 -40.20 8.31
N GLN C 142 12.52 -41.35 8.95
CA GLN C 142 12.50 -42.66 8.31
C GLN C 142 11.09 -43.03 7.83
N ALA C 143 10.05 -42.75 8.63
CA ALA C 143 8.67 -43.03 8.24
C ALA C 143 8.23 -42.13 7.09
N TRP C 144 8.57 -40.83 7.14
CA TRP C 144 8.20 -39.88 6.09
C TRP C 144 8.95 -40.11 4.78
N GLU C 145 10.25 -40.45 4.85
CA GLU C 145 11.03 -40.71 3.65
C GLU C 145 10.64 -42.03 2.96
N ALA C 146 9.88 -42.92 3.64
CA ALA C 146 9.39 -44.18 3.06
C ALA C 146 8.24 -43.91 2.09
N ASN C 147 7.57 -42.74 2.23
CA ASN C 147 6.46 -42.37 1.35
C ASN C 147 6.97 -41.42 0.27
N GLN C 148 7.54 -41.96 -0.79
CA GLN C 148 8.10 -41.18 -1.90
C GLN C 148 7.04 -40.26 -2.56
N HIS C 149 5.79 -40.75 -2.70
CA HIS C 149 4.69 -39.98 -3.30
C HIS C 149 4.44 -38.69 -2.54
N GLU C 150 4.49 -38.72 -1.19
CA GLU C 150 4.25 -37.54 -0.35
C GLU C 150 5.39 -36.51 -0.49
N LEU C 151 6.63 -36.98 -0.58
CA LEU C 151 7.78 -36.07 -0.75
C LEU C 151 7.65 -35.32 -2.08
N LEU C 152 7.30 -36.05 -3.17
CA LEU C 152 7.14 -35.49 -4.52
C LEU C 152 5.98 -34.50 -4.56
N TYR C 153 4.87 -34.84 -3.90
CA TYR C 153 3.70 -33.98 -3.79
C TYR C 153 4.08 -32.66 -3.09
N GLN C 154 4.90 -32.75 -2.01
CA GLN C 154 5.37 -31.56 -1.27
C GLN C 154 6.31 -30.72 -2.14
N LYS C 155 7.18 -31.36 -2.93
CA LYS C 155 8.09 -30.62 -3.85
C LYS C 155 7.24 -29.88 -4.91
N ASN C 156 6.27 -30.58 -5.53
CA ASN C 156 5.41 -29.92 -6.50
C ASN C 156 4.64 -28.76 -5.87
N TRP C 157 4.10 -28.96 -4.65
CA TRP C 157 3.34 -27.89 -4.02
C TRP C 157 4.21 -26.66 -3.75
N LEU C 158 5.41 -26.86 -3.20
CA LEU C 158 6.32 -25.74 -2.89
C LEU C 158 6.76 -24.97 -4.14
N GLU C 159 7.07 -25.70 -5.23
CA GLU C 159 7.64 -25.10 -6.44
C GLU C 159 6.59 -24.52 -7.40
N GLU C 160 5.42 -25.13 -7.48
CA GLU C 160 4.41 -24.69 -8.44
C GLU C 160 3.18 -24.09 -7.78
N GLU C 161 2.49 -24.86 -6.93
CA GLU C 161 1.21 -24.45 -6.31
C GLU C 161 1.37 -23.24 -5.42
N CYS C 162 2.34 -23.30 -4.50
CA CYS C 162 2.57 -22.21 -3.57
C CYS C 162 2.82 -20.89 -4.32
N ILE C 163 3.67 -20.94 -5.37
CA ILE C 163 4.04 -19.76 -6.17
C ILE C 163 2.80 -19.23 -6.89
N ALA C 164 1.95 -20.13 -7.45
CA ALA C 164 0.73 -19.74 -8.15
C ALA C 164 -0.25 -19.07 -7.15
N TRP C 165 -0.41 -19.64 -5.94
CA TRP C 165 -1.25 -19.01 -4.89
C TRP C 165 -0.70 -17.63 -4.52
N LEU C 166 0.63 -17.55 -4.31
CA LEU C 166 1.26 -16.29 -3.94
C LEU C 166 1.00 -15.20 -5.00
N LYS C 167 1.19 -15.51 -6.30
CA LYS C 167 0.93 -14.53 -7.37
C LYS C 167 -0.54 -14.10 -7.39
N ARG C 168 -1.44 -15.04 -7.15
CA ARG C 168 -2.87 -14.76 -7.11
C ARG C 168 -3.20 -13.80 -5.95
N PHE C 169 -2.68 -14.09 -4.74
CA PHE C 169 -2.94 -13.26 -3.54
C PHE C 169 -2.26 -11.90 -3.66
N LEU C 170 -1.09 -11.84 -4.31
CA LEU C 170 -0.38 -10.57 -4.55
C LEU C 170 -1.21 -9.62 -5.41
N GLU C 171 -1.91 -10.17 -6.42
CA GLU C 171 -2.76 -9.38 -7.29
C GLU C 171 -3.99 -8.90 -6.50
N TYR C 172 -4.62 -9.78 -5.69
CA TYR C 172 -5.76 -9.42 -4.82
C TYR C 172 -5.40 -8.26 -3.88
N GLY C 173 -4.21 -8.32 -3.28
CA GLY C 173 -3.77 -7.31 -2.33
C GLY C 173 -2.77 -6.29 -2.81
N LYS C 174 -2.64 -6.11 -4.14
CA LYS C 174 -1.66 -5.19 -4.74
C LYS C 174 -1.71 -3.76 -4.19
N ASP C 175 -2.91 -3.18 -3.92
CA ASP C 175 -3.04 -1.81 -3.37
C ASP C 175 -2.39 -1.69 -1.98
N THR C 176 -2.31 -2.83 -1.24
CA THR C 176 -1.65 -2.88 0.06
C THR C 176 -0.19 -3.30 -0.07
N LEU C 177 0.02 -4.47 -0.67
CA LEU C 177 1.32 -5.15 -0.73
C LEU C 177 2.33 -4.50 -1.66
N GLN C 178 1.88 -3.82 -2.70
CA GLN C 178 2.84 -3.29 -3.67
C GLN C 178 3.00 -1.78 -3.57
N ARG C 179 2.41 -1.15 -2.53
CA ARG C 179 2.53 0.29 -2.32
C ARG C 179 3.87 0.63 -1.64
N THR C 180 4.20 1.92 -1.63
CA THR C 180 5.38 2.46 -0.96
C THR C 180 4.98 3.68 -0.20
N GLU C 181 5.26 3.69 1.09
CA GLU C 181 5.08 4.87 1.94
C GLU C 181 6.48 5.21 2.39
N PRO C 182 7.08 6.30 1.87
CA PRO C 182 8.47 6.61 2.23
C PRO C 182 8.64 6.95 3.72
N PRO C 183 9.81 6.72 4.31
CA PRO C 183 9.98 7.11 5.72
C PRO C 183 10.14 8.61 5.92
N LEU C 184 9.75 9.04 7.12
CA LEU C 184 9.96 10.38 7.67
C LEU C 184 11.10 10.19 8.65
N VAL C 185 12.27 10.80 8.36
CA VAL C 185 13.49 10.56 9.14
C VAL C 185 13.95 11.82 9.84
N ARG C 186 14.42 11.66 11.08
CA ARG C 186 14.93 12.76 11.88
C ARG C 186 16.09 12.31 12.73
N VAL C 187 16.93 13.28 13.10
CA VAL C 187 18.07 13.05 13.99
C VAL C 187 17.85 13.89 15.26
N ASN C 188 18.12 13.33 16.44
CA ASN C 188 18.11 14.07 17.71
C ASN C 188 19.16 13.51 18.67
N ARG C 189 19.62 14.34 19.64
CA ARG C 189 20.63 13.91 20.62
C ARG C 189 20.00 13.67 21.99
N LYS C 190 20.31 12.50 22.60
CA LYS C 190 19.81 12.08 23.92
C LYS C 190 20.96 11.98 24.93
N GLU C 191 20.87 12.70 26.06
CA GLU C 191 21.87 12.71 27.12
C GLU C 191 21.84 11.42 27.93
N THR C 197 27.08 11.50 25.27
CA THR C 197 25.88 11.83 24.50
C THR C 197 25.71 10.87 23.30
N ALA C 198 24.44 10.58 22.94
CA ALA C 198 24.11 9.73 21.79
C ALA C 198 23.24 10.45 20.75
N LEU C 199 23.52 10.17 19.47
CA LEU C 199 22.78 10.62 18.29
C LEU C 199 21.81 9.53 17.91
N PHE C 200 20.52 9.86 17.77
CA PHE C 200 19.49 8.92 17.37
C PHE C 200 18.96 9.28 16.00
N CYS C 201 18.96 8.32 15.11
CA CYS C 201 18.36 8.51 13.81
C CYS C 201 17.06 7.76 13.84
N LYS C 202 15.93 8.47 13.71
CA LYS C 202 14.62 7.82 13.86
C LYS C 202 13.78 7.96 12.58
N ALA C 203 13.14 6.85 12.18
CA ALA C 203 12.30 6.81 10.98
C ALA C 203 10.93 6.27 11.33
N HIS C 204 9.90 6.80 10.70
CA HIS C 204 8.52 6.32 10.92
C HIS C 204 7.68 6.58 9.67
N GLY C 205 6.47 6.00 9.66
CA GLY C 205 5.49 6.15 8.60
C GLY C 205 5.82 5.38 7.34
N PHE C 206 6.74 4.42 7.41
CA PHE C 206 7.11 3.72 6.17
C PHE C 206 6.45 2.36 5.97
N TYR C 207 6.34 2.00 4.68
CA TYR C 207 5.85 0.72 4.19
C TYR C 207 6.53 0.48 2.85
N PRO C 208 7.10 -0.73 2.54
CA PRO C 208 7.15 -1.96 3.36
C PRO C 208 8.05 -1.82 4.59
N PRO C 209 7.95 -2.78 5.56
CA PRO C 209 8.77 -2.68 6.80
C PRO C 209 10.29 -2.76 6.57
N GLU C 210 10.74 -3.39 5.47
CA GLU C 210 12.17 -3.51 5.15
C GLU C 210 12.82 -2.14 4.97
N ILE C 211 13.81 -1.85 5.80
CA ILE C 211 14.52 -0.54 5.82
C ILE C 211 15.94 -0.76 6.29
N TYR C 212 16.88 -0.01 5.73
CA TYR C 212 18.25 -0.11 6.18
C TYR C 212 18.64 1.25 6.76
N MET C 213 19.09 1.27 8.02
CA MET C 213 19.50 2.49 8.70
C MET C 213 20.89 2.32 9.28
N THR C 214 21.78 3.27 9.04
CA THR C 214 23.13 3.16 9.55
C THR C 214 23.67 4.55 9.87
N TRP C 215 24.74 4.58 10.67
CA TRP C 215 25.47 5.78 11.02
C TRP C 215 26.83 5.72 10.39
N MET C 216 27.24 6.83 9.78
CA MET C 216 28.56 6.98 9.18
C MET C 216 29.32 8.08 9.87
N LYS C 217 30.62 7.86 10.13
CA LYS C 217 31.52 8.86 10.73
C LYS C 217 32.58 9.18 9.71
N ASN C 218 32.60 10.43 9.19
CA ASN C 218 33.53 10.94 8.17
C ASN C 218 33.46 10.11 6.84
N GLY C 219 32.38 9.36 6.62
CA GLY C 219 32.22 8.53 5.44
C GLY C 219 32.47 7.03 5.64
N GLU C 220 32.84 6.62 6.86
CA GLU C 220 33.09 5.21 7.23
C GLU C 220 32.00 4.72 8.19
N GLU C 221 31.55 3.46 8.03
CA GLU C 221 30.47 2.87 8.84
C GLU C 221 30.93 2.58 10.30
N ILE C 222 31.67 1.46 10.51
CA ILE C 222 32.20 0.95 11.80
C ILE C 222 31.06 0.46 12.71
N GLN C 224 29.52 -1.88 14.37
CA GLN C 224 30.27 -2.36 15.55
C GLN C 224 30.12 -1.41 16.75
N GLU C 225 29.85 -0.13 16.48
CA GLU C 225 29.61 0.92 17.48
C GLU C 225 28.18 1.51 17.33
N ILE C 226 27.27 0.80 16.63
CA ILE C 226 25.88 1.25 16.39
C ILE C 226 24.87 0.39 17.18
N ASP C 227 23.87 1.02 17.87
CA ASP C 227 22.76 0.35 18.55
C ASP C 227 21.55 0.42 17.60
N TYR C 228 20.92 -0.73 17.32
CA TYR C 228 19.81 -0.76 16.36
C TYR C 228 18.48 -1.02 17.00
N GLY C 229 17.52 -0.23 16.61
CA GLY C 229 16.15 -0.41 17.04
C GLY C 229 15.49 -1.41 16.11
N ASP C 230 14.63 -2.26 16.65
CA ASP C 230 13.85 -3.18 15.85
C ASP C 230 12.94 -2.40 14.90
N ILE C 231 12.54 -3.03 13.79
CA ILE C 231 11.54 -2.44 12.91
C ILE C 231 10.23 -2.77 13.58
N LEU C 232 9.48 -1.75 14.03
CA LEU C 232 8.26 -2.03 14.79
C LEU C 232 6.99 -1.57 14.10
N PRO C 233 5.87 -2.32 14.22
CA PRO C 233 4.60 -1.85 13.64
C PRO C 233 4.08 -0.66 14.43
N SER C 234 3.66 0.40 13.75
CA SER C 234 3.12 1.58 14.43
C SER C 234 1.62 1.42 14.71
N GLY C 235 0.99 0.40 14.12
CA GLY C 235 -0.42 0.08 14.34
C GLY C 235 -1.38 0.54 13.27
N ASP C 236 -0.93 1.40 12.35
CA ASP C 236 -1.76 1.94 11.27
C ASP C 236 -1.39 1.33 9.88
N GLY C 237 -0.58 0.26 9.89
CA GLY C 237 -0.11 -0.38 8.66
C GLY C 237 1.27 0.08 8.24
N THR C 238 1.85 1.05 8.99
CA THR C 238 3.20 1.54 8.68
C THR C 238 4.14 1.12 9.81
N TYR C 239 5.44 1.37 9.64
CA TYR C 239 6.46 0.90 10.57
C TYR C 239 7.40 2.02 11.02
N GLN C 240 8.19 1.73 12.05
CA GLN C 240 9.16 2.67 12.62
C GLN C 240 10.41 1.92 13.07
N ALA C 241 11.54 2.62 13.06
CA ALA C 241 12.83 2.03 13.43
C ALA C 241 13.80 3.14 13.78
N TRP C 242 14.96 2.79 14.37
CA TRP C 242 15.96 3.77 14.75
C TRP C 242 17.34 3.12 14.82
N ALA C 243 18.36 3.95 14.84
CA ALA C 243 19.75 3.54 14.99
C ALA C 243 20.44 4.64 15.76
N SER C 244 21.28 4.27 16.75
CA SER C 244 21.97 5.28 17.56
C SER C 244 23.45 5.00 17.69
N ILE C 245 24.20 6.06 17.97
CA ILE C 245 25.65 6.04 18.20
C ILE C 245 26.03 7.05 19.28
N GLU C 246 27.23 6.88 19.85
CA GLU C 246 27.80 7.82 20.82
C GLU C 246 28.88 8.64 20.13
N LEU C 254 32.34 14.50 12.06
CA LEU C 254 31.32 14.50 11.00
C LEU C 254 30.48 13.22 11.00
N TYR C 255 29.29 13.30 11.57
C TYR C 255 27.18 12.33 10.60
N SER C 256 26.69 11.22 10.01
CA SER C 256 25.55 11.27 9.12
C SER C 256 24.74 9.99 9.23
N CYS C 257 23.42 10.12 9.21
CA CYS C 257 22.55 8.98 9.21
C CYS C 257 22.18 8.64 7.77
N HIS C 258 22.27 7.36 7.42
CA HIS C 258 21.98 6.86 6.09
C HIS C 258 20.80 5.92 6.16
N VAL C 259 19.78 6.17 5.33
CA VAL C 259 18.57 5.37 5.30
C VAL C 259 18.32 4.91 3.87
N GLU C 260 18.06 3.61 3.68
CA GLU C 260 17.69 3.08 2.37
C GLU C 260 16.35 2.42 2.50
N HIS C 261 15.42 2.78 1.64
CA HIS C 261 14.07 2.24 1.71
C HIS C 261 13.51 2.18 0.32
N SER C 262 13.11 0.97 -0.11
CA SER C 262 12.45 0.70 -1.40
C SER C 262 13.12 1.47 -2.61
N GLY C 263 14.43 1.28 -2.78
CA GLY C 263 15.22 1.83 -3.89
C GLY C 263 15.55 3.31 -3.79
N VAL C 264 15.33 3.93 -2.62
CA VAL C 264 15.63 5.35 -2.40
C VAL C 264 16.60 5.47 -1.21
N HIS C 265 17.70 6.22 -1.37
CA HIS C 265 18.68 6.47 -0.32
C HIS C 265 18.51 7.86 0.20
N MET C 266 18.76 8.05 1.49
CA MET C 266 18.62 9.35 2.16
C MET C 266 19.80 9.54 3.11
N VAL C 267 20.33 10.75 3.18
CA VAL C 267 21.44 11.09 4.07
C VAL C 267 21.03 12.29 4.90
N LEU C 268 21.21 12.18 6.24
CA LEU C 268 20.98 13.30 7.16
C LEU C 268 22.29 13.60 7.82
N GLN C 269 22.91 14.73 7.44
CA GLN C 269 24.18 15.16 8.01
C GLN C 269 23.92 15.85 9.34
N VAL C 270 24.70 15.51 10.39
CA VAL C 270 24.56 16.14 11.70
C VAL C 270 25.56 17.32 11.77
N MET D 1 12.99 -28.16 28.47
CA MET D 1 12.65 -27.49 27.21
C MET D 1 13.08 -26.03 27.23
N ILE D 2 13.47 -25.51 26.06
CA ILE D 2 13.92 -24.12 25.93
C ILE D 2 12.69 -23.21 25.85
N GLN D 3 12.56 -22.35 26.85
CA GLN D 3 11.49 -21.35 26.90
C GLN D 3 12.13 -20.00 26.65
N ARG D 4 11.47 -19.15 25.86
CA ARG D 4 12.05 -17.86 25.48
C ARG D 4 11.25 -16.73 26.08
N THR D 5 11.92 -15.85 26.81
CA THR D 5 11.26 -14.74 27.48
C THR D 5 10.88 -13.61 26.49
N PRO D 6 9.74 -12.93 26.68
CA PRO D 6 9.36 -11.88 25.74
C PRO D 6 10.23 -10.63 25.76
N LYS D 7 10.45 -10.10 24.56
CA LYS D 7 11.05 -8.78 24.40
C LYS D 7 9.85 -7.85 24.48
N ILE D 8 9.99 -6.71 25.19
CA ILE D 8 8.88 -5.77 25.39
C ILE D 8 9.30 -4.37 25.00
N GLN D 9 8.62 -3.80 24.00
CA GLN D 9 8.95 -2.45 23.52
C GLN D 9 7.71 -1.56 23.57
N VAL D 10 7.85 -0.40 24.22
CA VAL D 10 6.77 0.57 24.46
C VAL D 10 7.11 1.87 23.73
N TYR D 11 6.22 2.27 22.84
CA TYR D 11 6.45 3.43 21.97
C TYR D 11 5.14 3.96 21.46
N SER D 12 5.12 5.21 21.03
CA SER D 12 3.92 5.81 20.46
C SER D 12 3.90 5.55 18.96
N ARG D 13 2.69 5.56 18.36
CA ARG D 13 2.49 5.37 16.92
C ARG D 13 3.23 6.46 16.14
N HIS D 14 3.00 7.71 16.52
CA HIS D 14 3.59 8.90 15.92
C HIS D 14 4.53 9.58 16.94
N PRO D 15 5.55 10.39 16.52
CA PRO D 15 6.36 11.11 17.52
C PRO D 15 5.44 11.90 18.45
N ALA D 16 5.60 11.66 19.74
CA ALA D 16 4.76 12.19 20.80
C ALA D 16 4.96 13.67 21.03
N GLU D 17 3.84 14.33 21.28
CA GLU D 17 3.73 15.74 21.59
C GLU D 17 2.61 15.88 22.61
N ASN D 18 2.94 16.42 23.81
CA ASN D 18 1.96 16.56 24.89
C ASN D 18 0.76 17.37 24.42
N GLY D 19 -0.43 16.83 24.66
CA GLY D 19 -1.68 17.46 24.25
C GLY D 19 -2.17 17.07 22.87
N LYS D 20 -1.46 16.16 22.19
CA LYS D 20 -1.84 15.72 20.84
C LYS D 20 -2.18 14.24 20.86
N SER D 21 -3.41 13.91 20.42
CA SER D 21 -3.96 12.56 20.34
C SER D 21 -2.99 11.64 19.59
N ASN D 22 -2.80 10.43 20.12
CA ASN D 22 -1.83 9.45 19.60
C ASN D 22 -2.27 8.03 20.00
N PHE D 23 -1.40 7.04 19.78
CA PHE D 23 -1.60 5.67 20.18
C PHE D 23 -0.37 5.17 20.89
N LEU D 24 -0.56 4.50 22.04
CA LEU D 24 0.53 3.91 22.77
C LEU D 24 0.57 2.45 22.45
N ASN D 25 1.73 1.99 21.95
CA ASN D 25 1.94 0.61 21.56
C ASN D 25 2.82 -0.15 22.54
N CYS D 26 2.49 -1.42 22.72
CA CYS D 26 3.37 -2.34 23.43
C CYS D 26 3.53 -3.55 22.55
N TYR D 27 4.73 -3.71 22.00
CA TYR D 27 5.08 -4.82 21.11
C TYR D 27 5.80 -5.86 21.91
N VAL D 28 5.18 -7.04 22.01
CA VAL D 28 5.68 -8.16 22.80
C VAL D 28 6.07 -9.24 21.80
N SER D 29 7.36 -9.61 21.78
CA SER D 29 7.84 -10.52 20.75
C SER D 29 8.92 -11.50 21.23
N GLY D 30 9.22 -12.47 20.36
CA GLY D 30 10.26 -13.46 20.56
C GLY D 30 10.05 -14.41 21.72
N PHE D 31 8.80 -14.58 22.16
CA PHE D 31 8.52 -15.45 23.28
C PHE D 31 8.04 -16.82 22.82
N HIS D 32 8.26 -17.81 23.67
CA HIS D 32 7.84 -19.20 23.50
C HIS D 32 7.79 -19.83 24.88
N PRO D 33 6.69 -20.55 25.29
CA PRO D 33 5.44 -20.87 24.57
C PRO D 33 4.51 -19.63 24.40
N SER D 34 3.32 -19.83 23.81
CA SER D 34 2.43 -18.75 23.38
C SER D 34 1.58 -18.03 24.44
N ASP D 35 1.24 -18.66 25.57
CA ASP D 35 0.41 -18.01 26.59
C ASP D 35 1.14 -16.80 27.16
N ILE D 36 0.44 -15.67 27.19
CA ILE D 36 1.02 -14.42 27.66
C ILE D 36 -0.11 -13.49 28.16
N GLU D 37 0.21 -12.64 29.13
CA GLU D 37 -0.70 -11.65 29.67
C GLU D 37 -0.05 -10.30 29.53
N VAL D 38 -0.76 -9.37 28.87
CA VAL D 38 -0.26 -8.03 28.62
C VAL D 38 -1.32 -7.00 29.04
N ASP D 39 -0.90 -5.98 29.80
CA ASP D 39 -1.73 -4.88 30.25
C ASP D 39 -1.02 -3.57 30.00
N LEU D 40 -1.77 -2.54 29.64
CA LEU D 40 -1.21 -1.19 29.49
C LEU D 40 -1.60 -0.44 30.75
N LEU D 41 -0.64 0.27 31.34
CA LEU D 41 -0.90 1.01 32.57
C LEU D 41 -0.74 2.51 32.40
N LYS D 42 -1.61 3.28 33.08
CA LYS D 42 -1.61 4.74 33.18
C LYS D 42 -1.47 5.03 34.66
N ASN D 43 -0.31 5.57 35.07
CA ASN D 43 0.06 5.89 36.46
C ASN D 43 -0.17 4.65 37.37
N GLY D 44 0.36 3.51 36.93
CA GLY D 44 0.28 2.23 37.64
C GLY D 44 -1.05 1.50 37.58
N GLU D 45 -2.09 2.13 37.01
CA GLU D 45 -3.41 1.50 36.90
C GLU D 45 -3.68 0.98 35.48
N ARG D 46 -4.27 -0.21 35.38
CA ARG D 46 -4.61 -0.89 34.12
C ARG D 46 -5.60 -0.07 33.29
N ILE D 47 -5.29 0.10 31.99
CA ILE D 47 -6.14 0.80 31.02
C ILE D 47 -7.14 -0.26 30.50
N GLU D 48 -8.43 0.06 30.50
CA GLU D 48 -9.49 -0.88 30.11
C GLU D 48 -9.70 -0.95 28.59
N LYS D 49 -9.66 0.20 27.90
CA LYS D 49 -9.87 0.28 26.45
C LYS D 49 -8.54 -0.01 25.75
N VAL D 50 -8.16 -1.30 25.70
CA VAL D 50 -6.90 -1.74 25.09
C VAL D 50 -7.18 -2.77 24.01
N GLU D 51 -6.70 -2.50 22.80
CA GLU D 51 -6.86 -3.38 21.65
C GLU D 51 -5.59 -4.19 21.44
N HIS D 52 -5.72 -5.36 20.81
CA HIS D 52 -4.54 -6.16 20.54
C HIS D 52 -4.72 -6.94 19.26
N SER D 53 -3.59 -7.16 18.57
CA SER D 53 -3.56 -7.96 17.36
C SER D 53 -3.75 -9.44 17.73
N ASP D 54 -4.08 -10.29 16.76
CA ASP D 54 -4.13 -11.73 16.98
C ASP D 54 -2.70 -12.20 17.22
N LEU D 55 -2.54 -13.31 17.94
CA LEU D 55 -1.22 -13.93 18.12
C LEU D 55 -0.58 -14.10 16.76
N SER D 56 0.70 -13.72 16.64
CA SER D 56 1.38 -13.84 15.37
C SER D 56 2.57 -14.77 15.47
N PHE D 57 2.94 -15.35 14.34
CA PHE D 57 3.96 -16.38 14.23
C PHE D 57 5.21 -15.91 13.54
N SER D 58 6.36 -16.11 14.16
CA SER D 58 7.65 -15.78 13.52
C SER D 58 8.24 -17.04 12.93
N LYS D 59 9.11 -16.88 11.93
CA LYS D 59 9.78 -18.02 11.28
C LYS D 59 10.76 -18.75 12.22
N ASP D 60 11.20 -18.10 13.33
CA ASP D 60 12.09 -18.77 14.30
C ASP D 60 11.26 -19.52 15.39
N TRP D 61 9.95 -19.68 15.14
CA TRP D 61 8.97 -20.42 15.95
C TRP D 61 8.47 -19.63 17.18
N SER D 62 9.00 -18.43 17.40
CA SER D 62 8.53 -17.63 18.52
C SER D 62 7.25 -16.87 18.12
N PHE D 63 6.66 -16.13 19.05
CA PHE D 63 5.42 -15.42 18.80
C PHE D 63 5.55 -13.96 19.09
N TYR D 64 4.63 -13.17 18.54
CA TYR D 64 4.58 -11.74 18.80
C TYR D 64 3.15 -11.25 18.74
N LEU D 65 2.93 -10.15 19.45
CA LEU D 65 1.64 -9.48 19.61
C LEU D 65 1.85 -8.00 19.72
N LEU D 66 0.85 -7.22 19.34
CA LEU D 66 0.85 -5.78 19.51
C LEU D 66 -0.40 -5.39 20.29
N TYR D 67 -0.20 -4.74 21.44
CA TYR D 67 -1.22 -4.17 22.30
C TYR D 67 -1.14 -2.68 22.14
N TYR D 68 -2.30 -2.01 22.01
CA TYR D 68 -2.32 -0.58 21.84
C TYR D 68 -3.59 0.05 22.41
N THR D 69 -3.51 1.34 22.69
CA THR D 69 -4.61 2.14 23.19
C THR D 69 -4.45 3.56 22.67
N GLU D 70 -5.59 4.22 22.40
CA GLU D 70 -5.63 5.61 22.00
C GLU D 70 -5.37 6.45 23.23
N PHE D 71 -4.48 7.46 23.14
CA PHE D 71 -4.17 8.31 24.31
C PHE D 71 -3.67 9.68 23.89
N THR D 72 -3.70 10.62 24.82
CA THR D 72 -3.18 11.96 24.65
C THR D 72 -2.09 12.14 25.72
N PRO D 73 -0.78 12.10 25.34
CA PRO D 73 0.27 12.25 26.37
C PRO D 73 0.25 13.63 27.02
N THR D 74 0.66 13.66 28.30
CA THR D 74 0.77 14.81 29.21
C THR D 74 2.09 14.64 29.96
N GLU D 75 2.72 15.75 30.38
CA GLU D 75 3.99 15.75 31.14
C GLU D 75 3.86 14.93 32.44
N LYS D 76 2.68 15.03 33.10
CA LYS D 76 2.36 14.40 34.38
C LYS D 76 2.03 12.90 34.31
N ASP D 77 1.46 12.40 33.20
CA ASP D 77 1.03 11.01 33.09
C ASP D 77 2.15 10.07 32.67
N GLU D 78 2.32 8.98 33.45
CA GLU D 78 3.31 7.92 33.22
C GLU D 78 2.62 6.69 32.66
N TYR D 79 3.10 6.19 31.51
CA TYR D 79 2.54 5.02 30.86
C TYR D 79 3.51 3.84 30.90
N ALA D 80 2.98 2.62 31.02
CA ALA D 80 3.79 1.41 31.10
C ALA D 80 3.08 0.20 30.51
N CYS D 81 3.85 -0.84 30.17
CA CYS D 81 3.34 -2.11 29.69
C CYS D 81 3.70 -3.18 30.71
N ARG D 82 2.69 -3.88 31.25
CA ARG D 82 2.91 -4.97 32.22
C ARG D 82 2.67 -6.31 31.53
N VAL D 83 3.72 -7.18 31.53
CA VAL D 83 3.71 -8.48 30.87
C VAL D 83 4.00 -9.64 31.84
N ASN D 84 3.22 -10.74 31.71
CA ASN D 84 3.46 -11.96 32.44
C ASN D 84 3.53 -13.13 31.44
N HIS D 85 4.46 -14.04 31.70
CA HIS D 85 4.78 -15.19 30.86
C HIS D 85 5.38 -16.25 31.77
N VAL D 86 5.34 -17.53 31.36
CA VAL D 86 5.87 -18.64 32.16
C VAL D 86 7.37 -18.43 32.52
N THR D 87 8.14 -17.72 31.66
CA THR D 87 9.57 -17.46 31.89
C THR D 87 9.81 -16.40 32.97
N LEU D 88 8.75 -15.69 33.40
CA LEU D 88 8.84 -14.64 34.41
C LEU D 88 8.21 -15.11 35.71
N SER D 89 8.93 -14.92 36.83
CA SER D 89 8.46 -15.30 38.16
C SER D 89 7.46 -14.27 38.68
N GLN D 90 7.55 -13.04 38.16
CA GLN D 90 6.68 -11.93 38.52
C GLN D 90 6.37 -11.11 37.26
N PRO D 91 5.22 -10.38 37.18
CA PRO D 91 4.98 -9.54 35.99
C PRO D 91 6.08 -8.50 35.81
N LYS D 92 6.51 -8.30 34.56
CA LYS D 92 7.54 -7.32 34.20
C LYS D 92 6.84 -6.04 33.73
N ILE D 93 7.11 -4.92 34.42
CA ILE D 93 6.54 -3.61 34.09
C ILE D 93 7.60 -2.82 33.33
N VAL D 94 7.31 -2.50 32.08
CA VAL D 94 8.23 -1.75 31.23
C VAL D 94 7.62 -0.35 31.00
N LYS D 95 8.32 0.68 31.46
CA LYS D 95 7.83 2.06 31.34
C LYS D 95 8.08 2.64 29.95
N TRP D 96 7.17 3.52 29.51
CA TRP D 96 7.31 4.25 28.26
C TRP D 96 8.40 5.31 28.45
N ASP D 97 9.38 5.39 27.53
CA ASP D 97 10.48 6.36 27.60
C ASP D 97 10.04 7.79 27.19
N ARG D 98 8.71 8.00 26.96
CA ARG D 98 8.06 9.27 26.59
C ARG D 98 8.62 9.80 25.26
N GLN E 4 11.62 29.39 13.50
CA GLN E 4 12.61 28.87 14.43
C GLN E 4 13.37 27.68 13.86
N ASN E 5 12.70 26.67 13.23
CA ASN E 5 13.44 25.50 12.71
C ASN E 5 12.79 24.87 11.47
N ILE E 6 13.63 24.40 10.55
CA ILE E 6 13.19 23.73 9.32
C ILE E 6 14.22 22.63 8.97
N ASP E 7 13.73 21.43 8.62
CA ASP E 7 14.61 20.31 8.30
C ASP E 7 14.21 19.62 7.05
N GLN E 8 15.21 19.28 6.26
CA GLN E 8 15.00 18.47 5.05
C GLN E 8 16.23 17.61 4.91
N PRO E 9 16.17 16.39 4.33
CA PRO E 9 17.39 15.56 4.25
C PRO E 9 18.51 16.23 3.47
N THR E 10 19.76 15.96 3.84
CA THR E 10 20.93 16.54 3.18
C THR E 10 21.01 16.05 1.73
N GLU E 11 20.78 14.75 1.54
CA GLU E 11 20.90 14.16 0.23
C GLU E 11 19.94 13.02 0.07
N MET E 12 19.52 12.79 -1.17
CA MET E 12 18.70 11.65 -1.57
C MET E 12 19.17 11.14 -2.89
N THR E 13 19.11 9.82 -3.07
CA THR E 13 19.48 9.12 -4.31
C THR E 13 18.32 8.22 -4.71
N ALA E 14 17.88 8.36 -5.96
CA ALA E 14 16.80 7.54 -6.53
C ALA E 14 17.17 7.17 -7.95
N THR E 15 16.45 6.20 -8.54
CA THR E 15 16.79 5.74 -9.89
C THR E 15 15.97 6.47 -10.94
N GLU E 16 16.57 6.67 -12.10
CA GLU E 16 15.95 7.25 -13.28
C GLU E 16 14.68 6.45 -13.64
N GLY E 17 13.58 7.15 -13.92
CA GLY E 17 12.29 6.54 -14.24
C GLY E 17 11.42 6.30 -13.01
N ALA E 18 12.02 6.36 -11.81
CA ALA E 18 11.29 6.08 -10.57
C ALA E 18 10.71 7.37 -9.94
N ILE E 19 10.38 7.31 -8.65
CA ILE E 19 9.75 8.40 -7.91
C ILE E 19 10.58 8.73 -6.66
N VAL E 20 10.59 10.00 -6.27
CA VAL E 20 11.29 10.38 -5.05
C VAL E 20 10.41 11.39 -4.29
N GLN E 21 10.36 11.24 -2.98
CA GLN E 21 9.62 12.15 -2.13
C GLN E 21 10.61 12.89 -1.22
N ILE E 22 10.69 14.22 -1.32
CA ILE E 22 11.59 15.02 -0.48
C ILE E 22 10.76 15.64 0.65
N ASN E 23 11.03 15.23 1.89
CA ASN E 23 10.31 15.71 3.06
C ASN E 23 10.90 16.99 3.61
N CYS E 24 10.02 17.85 4.14
CA CYS E 24 10.41 19.09 4.78
C CYS E 24 9.50 19.28 6.00
N THR E 25 10.09 19.40 7.19
CA THR E 25 9.31 19.64 8.41
C THR E 25 9.76 21.01 8.95
N TYR E 26 8.80 21.77 9.47
CA TYR E 26 9.11 23.11 9.97
C TYR E 26 8.36 23.35 11.26
N GLN E 27 8.95 24.16 12.13
CA GLN E 27 8.37 24.63 13.40
C GLN E 27 8.62 26.11 13.41
N THR E 28 7.57 26.87 13.18
CA THR E 28 7.68 28.32 13.02
C THR E 28 6.77 29.04 13.96
N SER E 29 7.05 30.32 14.17
CA SER E 29 6.23 31.22 14.96
C SER E 29 5.21 31.80 13.94
N GLY E 30 4.08 31.09 13.77
CA GLY E 30 3.06 31.41 12.79
C GLY E 30 3.40 30.84 11.42
N PHE E 31 2.46 30.93 10.48
CA PHE E 31 2.68 30.31 9.16
C PHE E 31 1.91 31.03 8.06
N ASN E 32 2.65 31.40 6.99
CA ASN E 32 2.05 32.10 5.86
C ASN E 32 2.40 31.44 4.52
N GLY E 33 2.87 30.20 4.56
CA GLY E 33 3.12 29.47 3.33
C GLY E 33 4.45 28.74 3.29
N LEU E 34 4.49 27.74 2.45
CA LEU E 34 5.65 26.86 2.30
C LEU E 34 6.01 26.84 0.83
N PHE E 35 7.26 27.19 0.56
CA PHE E 35 7.79 27.24 -0.80
C PHE E 35 8.81 26.15 -1.07
N TRP E 36 8.86 25.70 -2.33
CA TRP E 36 9.91 24.82 -2.82
C TRP E 36 10.58 25.51 -3.97
N TYR E 37 11.92 25.44 -4.01
CA TYR E 37 12.76 25.99 -5.08
C TYR E 37 13.65 24.90 -5.62
N GLN E 38 13.98 24.95 -6.93
CA GLN E 38 14.97 24.03 -7.52
C GLN E 38 16.25 24.83 -7.75
N GLN E 39 17.40 24.25 -7.43
CA GLN E 39 18.64 24.95 -7.72
C GLN E 39 19.63 23.96 -8.34
N HIS E 40 19.83 24.07 -9.67
CA HIS E 40 20.87 23.28 -10.36
C HIS E 40 22.22 23.77 -9.90
N ALA E 41 23.23 22.87 -9.89
CA ALA E 41 24.61 23.19 -9.48
C ALA E 41 25.12 24.38 -10.26
N GLY E 42 25.65 25.37 -9.53
CA GLY E 42 26.20 26.59 -10.11
C GLY E 42 25.16 27.56 -10.67
N GLU E 43 23.86 27.29 -10.45
CA GLU E 43 22.81 28.17 -10.97
C GLU E 43 22.05 28.83 -9.84
N ALA E 44 21.11 29.72 -10.18
CA ALA E 44 20.25 30.36 -9.20
C ALA E 44 19.06 29.47 -8.83
N PRO E 45 18.51 29.60 -7.61
CA PRO E 45 17.26 28.88 -7.30
C PRO E 45 16.12 29.43 -8.15
N THR E 46 15.17 28.55 -8.54
CA THR E 46 13.97 28.94 -9.30
C THR E 46 12.77 28.37 -8.58
N PHE E 47 11.70 29.16 -8.50
CA PHE E 47 10.46 28.75 -7.84
C PHE E 47 9.86 27.51 -8.45
N LEU E 48 9.44 26.56 -7.62
CA LEU E 48 8.74 25.34 -8.02
C LEU E 48 7.30 25.38 -7.58
N SER E 49 7.06 25.61 -6.28
CA SER E 49 5.69 25.52 -5.75
C SER E 49 5.49 26.32 -4.47
N TYR E 50 4.22 26.62 -4.21
CA TYR E 50 3.76 27.27 -3.01
C TYR E 50 2.52 26.56 -2.51
N ASN E 51 2.52 26.21 -1.21
CA ASN E 51 1.34 25.66 -0.53
C ASN E 51 1.12 26.49 0.73
N VAL E 52 -0.14 26.75 1.06
CA VAL E 52 -0.49 27.47 2.28
C VAL E 52 -1.74 26.81 2.92
N LEU E 53 -2.65 26.20 2.10
CA LEU E 53 -3.74 25.42 2.64
C LEU E 53 -3.35 23.96 2.54
N ASP E 54 -4.13 23.06 3.18
CA ASP E 54 -3.82 21.64 3.19
C ASP E 54 -4.19 20.96 1.89
N GLY E 55 -3.28 20.13 1.40
CA GLY E 55 -3.53 19.39 0.19
C GLY E 55 -2.34 19.19 -0.68
N LEU E 56 -2.57 18.63 -1.84
CA LEU E 56 -1.56 18.29 -2.83
C LEU E 56 -1.82 19.07 -4.13
N GLU E 57 -0.78 19.72 -4.67
CA GLU E 57 -0.90 20.42 -5.96
C GLU E 57 0.05 19.81 -6.96
N GLU E 58 -0.47 19.41 -8.09
CA GLU E 58 0.33 18.79 -9.13
C GLU E 58 0.67 19.79 -10.22
N LYS E 59 1.93 19.81 -10.66
CA LYS E 59 2.46 20.66 -11.74
C LYS E 59 3.39 19.79 -12.59
N GLY E 60 2.81 19.11 -13.57
CA GLY E 60 3.55 18.20 -14.41
C GLY E 60 3.99 16.98 -13.63
N ARG E 61 5.28 16.67 -13.70
CA ARG E 61 5.87 15.51 -13.01
C ARG E 61 6.08 15.79 -11.52
N PHE E 62 5.90 17.05 -11.09
CA PHE E 62 6.12 17.46 -9.70
C PHE E 62 4.83 17.76 -8.97
N SER E 63 4.77 17.33 -7.71
CA SER E 63 3.64 17.57 -6.82
C SER E 63 4.15 18.09 -5.50
N SER E 64 3.41 19.02 -4.89
CA SER E 64 3.79 19.58 -3.60
C SER E 64 2.65 19.40 -2.62
N PHE E 65 2.97 18.82 -1.47
CA PHE E 65 1.98 18.53 -0.44
C PHE E 65 2.21 19.35 0.80
N LEU E 66 1.13 19.70 1.50
CA LEU E 66 1.21 20.37 2.78
C LEU E 66 0.20 19.86 3.79
N SER E 67 0.65 19.68 5.03
CA SER E 67 -0.19 19.41 6.20
C SER E 67 0.17 20.48 7.22
N ARG E 68 -0.71 21.48 7.41
CA ARG E 68 -0.38 22.56 8.35
C ARG E 68 -0.35 22.05 9.80
N SER E 69 -1.22 21.08 10.16
CA SER E 69 -1.28 20.57 11.54
C SER E 69 -0.03 19.76 11.90
N LYS E 70 0.60 19.11 10.92
CA LYS E 70 1.83 18.37 11.15
C LYS E 70 3.09 19.25 10.87
N GLY E 71 2.91 20.47 10.35
CA GLY E 71 4.05 21.30 9.97
C GLY E 71 4.97 20.52 9.03
N TYR E 72 4.34 19.88 8.03
CA TYR E 72 5.00 18.98 7.13
C TYR E 72 4.66 19.24 5.68
N SER E 73 5.66 19.14 4.83
CA SER E 73 5.46 19.25 3.40
C SER E 73 6.36 18.26 2.69
N TYR E 74 5.96 17.84 1.48
CA TYR E 74 6.84 17.07 0.66
C TYR E 74 6.76 17.58 -0.77
N LEU E 75 7.86 17.41 -1.48
CA LEU E 75 7.98 17.62 -2.91
C LEU E 75 8.15 16.22 -3.52
N LEU E 76 7.24 15.86 -4.40
CA LEU E 76 7.21 14.55 -5.04
C LEU E 76 7.56 14.67 -6.52
N LEU E 77 8.63 14.01 -6.95
CA LEU E 77 9.08 14.02 -8.34
C LEU E 77 8.85 12.64 -8.94
N LYS E 78 8.03 12.56 -9.99
CA LYS E 78 7.71 11.30 -10.67
C LYS E 78 8.45 11.19 -11.99
N GLU E 79 8.57 9.95 -12.52
CA GLU E 79 9.22 9.63 -13.80
C GLU E 79 10.55 10.40 -13.90
N LEU E 80 11.42 10.17 -12.89
CA LEU E 80 12.69 10.88 -12.72
C LEU E 80 13.59 10.84 -13.95
N GLN E 81 14.15 12.01 -14.27
CA GLN E 81 15.06 12.18 -15.40
C GLN E 81 16.39 12.66 -14.86
N MET E 82 17.49 12.39 -15.59
CA MET E 82 18.81 12.86 -15.18
C MET E 82 18.81 14.40 -14.93
N LYS E 83 18.01 15.18 -15.71
CA LYS E 83 17.93 16.64 -15.57
C LYS E 83 17.32 17.07 -14.20
N ASP E 84 16.70 16.13 -13.46
CA ASP E 84 16.13 16.41 -12.12
C ASP E 84 17.23 16.48 -11.05
N SER E 85 18.48 16.03 -11.37
CA SER E 85 19.63 16.13 -10.45
C SER E 85 19.87 17.60 -10.16
N ALA E 86 19.67 17.99 -8.91
CA ALA E 86 19.73 19.39 -8.43
C ALA E 86 19.55 19.40 -6.93
N SER E 87 19.66 20.58 -6.33
CA SER E 87 19.31 20.77 -4.93
C SER E 87 17.89 21.33 -4.88
N TYR E 88 17.11 20.93 -3.88
CA TYR E 88 15.73 21.37 -3.70
C TYR E 88 15.67 22.03 -2.34
N LEU E 89 15.25 23.29 -2.33
CA LEU E 89 15.18 24.10 -1.13
C LEU E 89 13.76 24.29 -0.68
N CYS E 90 13.47 23.98 0.60
CA CYS E 90 12.14 24.28 1.14
C CYS E 90 12.28 25.48 2.07
N ALA E 91 11.28 26.36 2.05
CA ALA E 91 11.31 27.58 2.86
C ALA E 91 9.91 27.83 3.40
N ALA E 92 9.83 28.07 4.70
CA ALA E 92 8.56 28.35 5.36
C ALA E 92 8.50 29.82 5.73
N MET E 93 7.38 30.45 5.44
CA MET E 93 7.17 31.87 5.78
C MET E 93 6.51 31.94 7.16
N ASP E 94 7.08 32.71 8.07
CA ASP E 94 6.49 32.78 9.42
C ASP E 94 5.39 33.89 9.49
N SER E 95 4.89 34.16 10.70
CA SER E 95 3.83 35.16 10.95
C SER E 95 4.21 36.58 10.53
N ASN E 96 5.52 36.91 10.48
CA ASN E 96 5.99 38.24 10.09
C ASN E 96 6.52 38.23 8.68
N TYR E 97 6.08 37.25 7.88
CA TYR E 97 6.40 37.11 6.46
C TYR E 97 7.88 36.97 6.22
N GLN E 98 8.61 36.41 7.19
CA GLN E 98 10.03 36.15 7.04
C GLN E 98 10.21 34.68 6.68
N LEU E 99 11.19 34.39 5.85
CA LEU E 99 11.42 33.03 5.41
C LEU E 99 12.46 32.37 6.23
N ILE E 100 12.24 31.10 6.54
CA ILE E 100 13.21 30.26 7.22
C ILE E 100 13.50 29.17 6.21
N TRP E 101 14.77 29.08 5.82
CA TRP E 101 15.22 28.19 4.77
C TRP E 101 15.81 26.90 5.26
N GLY E 102 15.39 25.81 4.62
CA GLY E 102 16.03 24.52 4.87
C GLY E 102 17.42 24.57 4.22
N ALA E 103 18.35 23.70 4.65
CA ALA E 103 19.71 23.68 4.12
C ALA E 103 19.80 23.07 2.71
N GLY E 104 18.66 22.61 2.18
CA GLY E 104 18.57 22.02 0.85
C GLY E 104 18.82 20.54 0.83
N THR E 105 18.17 19.86 -0.12
CA THR E 105 18.34 18.44 -0.39
C THR E 105 19.01 18.30 -1.75
N LYS E 106 20.20 17.70 -1.78
CA LYS E 106 20.82 17.38 -3.07
C LYS E 106 20.23 16.08 -3.58
N LEU E 107 19.63 16.10 -4.76
CA LEU E 107 19.02 14.92 -5.33
C LEU E 107 19.92 14.33 -6.40
N ILE E 108 20.31 13.08 -6.22
CA ILE E 108 21.17 12.34 -7.15
C ILE E 108 20.31 11.31 -7.85
N ILE E 109 20.39 11.31 -9.18
CA ILE E 109 19.63 10.36 -9.98
C ILE E 109 20.59 9.33 -10.50
N LYS E 110 20.30 8.05 -10.23
CA LYS E 110 21.12 6.95 -10.72
C LYS E 110 20.61 6.56 -12.10
N PRO E 111 21.48 6.60 -13.14
CA PRO E 111 21.03 6.16 -14.45
C PRO E 111 20.78 4.67 -14.48
N ASP E 112 19.84 4.25 -15.32
CA ASP E 112 19.57 2.85 -15.48
C ASP E 112 20.55 2.30 -16.53
N ILE E 113 21.61 1.57 -16.09
CA ILE E 113 22.65 1.06 -17.00
C ILE E 113 22.17 -0.28 -17.52
N GLN E 114 21.76 -0.32 -18.80
CA GLN E 114 21.21 -1.52 -19.45
C GLN E 114 22.28 -2.58 -19.71
N ASN E 115 23.45 -2.19 -20.26
CA ASN E 115 24.48 -3.16 -20.59
C ASN E 115 25.82 -2.75 -19.99
N PRO E 116 26.05 -3.01 -18.68
CA PRO E 116 27.33 -2.62 -18.05
C PRO E 116 28.51 -3.34 -18.68
N ASP E 117 29.61 -2.62 -18.87
CA ASP E 117 30.84 -3.14 -19.46
C ASP E 117 32.01 -2.51 -18.71
N PRO E 118 32.16 -2.79 -17.37
CA PRO E 118 33.18 -2.07 -16.59
C PRO E 118 34.58 -2.28 -17.12
N ALA E 119 35.33 -1.17 -17.22
CA ALA E 119 36.69 -1.18 -17.75
C ALA E 119 37.49 0.01 -17.27
N VAL E 120 38.81 -0.16 -17.18
CA VAL E 120 39.74 0.90 -16.82
C VAL E 120 40.67 1.07 -18.03
N TYR E 121 40.60 2.23 -18.70
CA TYR E 121 41.37 2.55 -19.89
C TYR E 121 42.45 3.59 -19.62
N GLN E 122 43.55 3.48 -20.37
CA GLN E 122 44.63 4.45 -20.30
C GLN E 122 44.53 5.37 -21.51
N LEU E 123 44.37 6.68 -21.25
CA LEU E 123 44.29 7.74 -22.26
C LEU E 123 45.57 8.56 -22.29
N ARG E 124 46.19 8.72 -23.47
CA ARG E 124 47.41 9.52 -23.61
C ARG E 124 47.09 10.96 -24.04
N ASP E 125 47.97 11.90 -23.64
CA ASP E 125 47.90 13.34 -23.94
C ASP E 125 47.83 13.59 -25.45
N SER E 126 47.05 14.61 -25.88
CA SER E 126 46.90 15.02 -27.28
C SER E 126 48.21 15.55 -27.89
N LYS E 131 52.74 11.89 -19.46
CA LYS E 131 51.59 12.30 -18.63
C LYS E 131 50.29 11.77 -19.23
N SER E 132 49.56 10.93 -18.48
CA SER E 132 48.31 10.32 -18.97
C SER E 132 47.24 10.17 -17.86
N VAL E 133 45.99 9.88 -18.27
CA VAL E 133 44.88 9.67 -17.33
C VAL E 133 44.33 8.24 -17.45
N CYS E 134 43.74 7.77 -16.35
CA CYS E 134 43.06 6.49 -16.27
C CYS E 134 41.58 6.76 -16.20
N LEU E 135 40.81 6.07 -17.04
CA LEU E 135 39.38 6.26 -17.04
C LEU E 135 38.66 4.97 -16.68
N PHE E 136 37.95 4.98 -15.55
CA PHE E 136 37.09 3.88 -15.10
C PHE E 136 35.72 4.21 -15.64
N THR E 137 35.17 3.39 -16.55
CA THR E 137 33.91 3.71 -17.21
C THR E 137 33.02 2.48 -17.40
N ASP E 138 31.73 2.73 -17.73
CA ASP E 138 30.70 1.76 -18.12
C ASP E 138 30.32 0.75 -17.03
N PHE E 139 30.59 1.12 -15.78
CA PHE E 139 30.19 0.32 -14.63
C PHE E 139 28.74 0.69 -14.25
N ASP E 140 28.05 -0.26 -13.58
CA ASP E 140 26.68 -0.16 -13.08
C ASP E 140 26.60 0.91 -12.01
N SER E 141 25.41 1.54 -11.86
CA SER E 141 25.19 2.66 -10.95
C SER E 141 25.35 2.29 -9.46
N GLN E 142 25.43 0.98 -9.15
CA GLN E 142 25.62 0.51 -7.78
C GLN E 142 27.08 0.69 -7.31
N THR E 143 28.05 0.75 -8.25
CA THR E 143 29.47 0.93 -7.93
C THR E 143 29.75 2.35 -7.41
N ASN E 144 30.51 2.42 -6.29
CA ASN E 144 30.96 3.66 -5.67
C ASN E 144 32.45 3.84 -5.93
N VAL E 145 32.87 5.08 -6.23
CA VAL E 145 34.29 5.37 -6.48
C VAL E 145 34.84 6.10 -5.25
N SER E 146 35.87 5.53 -4.65
CA SER E 146 36.51 6.12 -3.48
C SER E 146 37.59 7.11 -3.89
N GLN E 147 37.85 8.10 -3.01
CA GLN E 147 38.88 9.11 -3.17
C GLN E 147 40.25 8.43 -3.05
N SER E 148 41.28 9.12 -3.57
CA SER E 148 42.65 8.64 -3.64
C SER E 148 43.29 8.20 -2.33
N LYS E 149 43.31 9.04 -1.26
CA LYS E 149 43.96 8.75 0.04
C LYS E 149 45.50 8.71 -0.10
N ASP E 150 46.01 8.15 -1.23
CA ASP E 150 47.43 8.08 -1.57
C ASP E 150 47.93 9.47 -1.97
N SER E 151 49.24 9.72 -1.78
CA SER E 151 49.86 11.01 -2.06
C SER E 151 50.06 11.26 -3.54
N ASP E 152 49.69 12.48 -4.02
CA ASP E 152 49.86 12.99 -5.39
C ASP E 152 49.10 12.16 -6.44
N VAL E 153 48.00 11.49 -6.04
CA VAL E 153 47.14 10.74 -6.96
C VAL E 153 45.78 11.42 -6.92
N TYR E 154 45.23 11.82 -8.07
CA TYR E 154 43.95 12.53 -8.07
C TYR E 154 42.87 11.69 -8.70
N ILE E 155 41.79 11.42 -7.95
CA ILE E 155 40.66 10.63 -8.41
C ILE E 155 39.39 11.48 -8.29
N THR E 156 38.67 11.65 -9.40
CA THR E 156 37.43 12.43 -9.37
C THR E 156 36.27 11.48 -9.05
N ASP E 157 35.13 12.01 -8.58
CA ASP E 157 33.97 11.15 -8.29
C ASP E 157 33.26 10.73 -9.59
N LYS E 158 32.34 9.74 -9.52
CA LYS E 158 31.62 9.29 -10.71
C LYS E 158 30.72 10.39 -11.26
N CYS E 159 30.70 10.47 -12.57
CA CYS E 159 30.01 11.44 -13.40
C CYS E 159 29.16 10.65 -14.38
N VAL E 160 27.93 11.11 -14.65
CA VAL E 160 27.07 10.45 -15.63
C VAL E 160 27.02 11.28 -16.92
N LEU E 161 27.37 10.68 -18.07
CA LEU E 161 27.23 11.40 -19.34
C LEU E 161 26.08 10.75 -20.12
N ASP E 162 25.39 11.55 -20.92
CA ASP E 162 24.24 11.10 -21.69
C ASP E 162 24.44 11.38 -23.17
N MET E 163 24.62 10.31 -23.95
CA MET E 163 24.73 10.36 -25.41
C MET E 163 23.29 10.26 -25.92
N ARG E 164 22.62 11.43 -25.94
CA ARG E 164 21.20 11.65 -26.25
C ARG E 164 20.70 10.95 -27.53
N SER E 165 21.41 11.11 -28.66
CA SER E 165 21.00 10.52 -29.95
C SER E 165 21.06 8.98 -29.92
N MET E 166 21.96 8.42 -29.10
CA MET E 166 22.11 6.97 -28.95
C MET E 166 21.26 6.44 -27.80
N ASP E 167 20.57 7.34 -27.04
CA ASP E 167 19.77 7.03 -25.85
C ASP E 167 20.62 6.11 -24.96
N PHE E 168 21.84 6.56 -24.68
CA PHE E 168 22.87 5.81 -23.95
C PHE E 168 23.46 6.67 -22.86
N LYS E 169 23.52 6.12 -21.65
CA LYS E 169 24.12 6.81 -20.51
C LYS E 169 25.27 5.97 -19.99
N SER E 170 26.29 6.62 -19.42
CA SER E 170 27.40 5.87 -18.84
C SER E 170 28.03 6.62 -17.68
N ASN E 171 28.47 5.84 -16.67
CA ASN E 171 29.20 6.33 -15.52
C ASN E 171 30.68 6.30 -15.80
N SER E 172 31.43 7.25 -15.22
CA SER E 172 32.89 7.24 -15.32
C SER E 172 33.51 8.02 -14.19
N ALA E 173 34.78 7.72 -13.90
CA ALA E 173 35.61 8.42 -12.92
C ALA E 173 37.00 8.52 -13.53
N VAL E 174 37.73 9.61 -13.26
CA VAL E 174 39.06 9.81 -13.83
C VAL E 174 40.12 9.79 -12.70
N ALA E 175 41.25 9.11 -12.96
CA ALA E 175 42.40 9.05 -12.04
C ALA E 175 43.66 9.46 -12.79
N TRP E 176 44.51 10.28 -12.14
CA TRP E 176 45.77 10.73 -12.74
C TRP E 176 46.82 11.05 -11.69
N SER E 177 48.09 11.06 -12.12
CA SER E 177 49.27 11.32 -11.30
C SER E 177 50.52 11.54 -12.17
N ASN E 178 51.53 12.22 -11.59
CA ASN E 178 52.84 12.46 -12.22
C ASN E 178 53.89 11.54 -11.55
N LYS E 179 53.49 10.74 -10.54
CA LYS E 179 54.35 9.81 -9.79
C LYS E 179 54.73 8.61 -10.66
N PHE E 182 52.80 5.12 -10.81
CA PHE E 182 51.35 5.15 -10.97
C PHE E 182 50.93 4.48 -12.28
N ALA E 183 50.05 3.47 -12.17
CA ALA E 183 49.53 2.69 -13.31
C ALA E 183 48.02 2.50 -13.20
N CYS E 184 47.34 2.32 -14.35
CA CYS E 184 45.87 2.13 -14.42
C CYS E 184 45.41 0.84 -13.73
N ALA E 185 46.31 -0.17 -13.61
CA ALA E 185 46.03 -1.43 -12.94
C ALA E 185 45.83 -1.24 -11.42
N ASN E 186 46.42 -0.20 -10.80
CA ASN E 186 46.27 0.02 -9.36
C ASN E 186 45.66 1.38 -9.00
N ALA E 187 45.24 2.17 -10.02
CA ALA E 187 44.63 3.50 -9.86
C ALA E 187 43.38 3.49 -8.95
N PHE E 188 42.46 2.52 -9.14
CA PHE E 188 41.20 2.44 -8.40
C PHE E 188 41.21 1.31 -7.34
N ASN E 189 42.41 0.97 -6.80
CA ASN E 189 42.60 -0.06 -5.76
C ASN E 189 41.85 0.25 -4.46
N ASN E 190 41.58 1.54 -4.16
CA ASN E 190 40.86 1.94 -2.95
C ASN E 190 39.33 1.85 -3.15
N SER E 191 38.87 1.46 -4.36
CA SER E 191 37.46 1.31 -4.67
C SER E 191 37.07 -0.15 -4.82
N ILE E 192 35.79 -0.47 -4.53
CA ILE E 192 35.26 -1.82 -4.74
C ILE E 192 34.72 -1.78 -6.17
N ILE E 193 35.47 -2.40 -7.08
CA ILE E 193 35.13 -2.39 -8.50
C ILE E 193 34.63 -3.78 -8.93
N PRO E 194 33.80 -3.88 -10.00
CA PRO E 194 33.30 -5.21 -10.41
C PRO E 194 34.42 -6.20 -10.71
N GLU E 195 34.18 -7.48 -10.38
CA GLU E 195 35.11 -8.59 -10.60
C GLU E 195 35.50 -8.73 -12.08
N ASP E 196 34.54 -8.51 -13.00
CA ASP E 196 34.80 -8.63 -14.43
C ASP E 196 35.23 -7.30 -15.09
N THR E 197 35.83 -6.34 -14.31
CA THR E 197 36.33 -5.09 -14.88
C THR E 197 37.45 -5.41 -15.88
N PHE E 198 37.34 -4.84 -17.08
CA PHE E 198 38.28 -5.10 -18.16
C PHE E 198 39.51 -4.19 -18.02
N PHE E 199 40.69 -4.83 -17.91
CA PHE E 199 41.99 -4.17 -17.83
C PHE E 199 42.79 -4.56 -19.08
N PRO E 200 42.72 -3.74 -20.15
CA PRO E 200 43.47 -4.07 -21.37
C PRO E 200 44.98 -4.05 -21.15
N SER E 201 45.72 -4.93 -21.85
CA SER E 201 47.18 -5.02 -21.75
C SER E 201 47.85 -4.49 -23.02
N GLY F 5 14.32 38.82 -15.87
CA GLY F 5 13.88 39.02 -14.50
C GLY F 5 14.83 39.87 -13.67
N VAL F 6 15.78 39.25 -12.98
CA VAL F 6 16.71 39.93 -12.06
C VAL F 6 18.10 39.82 -12.65
N THR F 7 18.78 40.97 -12.82
CA THR F 7 20.14 41.06 -13.38
C THR F 7 21.11 41.50 -12.28
N GLN F 8 22.07 40.64 -11.95
CA GLN F 8 23.08 41.01 -10.97
C GLN F 8 24.46 40.83 -11.55
N THR F 9 25.39 41.69 -11.09
CA THR F 9 26.80 41.66 -11.51
C THR F 9 27.70 41.93 -10.29
N PRO F 10 28.95 41.44 -10.28
CA PRO F 10 29.61 40.57 -11.30
C PRO F 10 29.34 39.09 -11.03
N LYS F 11 29.59 38.20 -12.01
CA LYS F 11 29.44 36.75 -11.80
C LYS F 11 30.53 36.20 -10.86
N PHE F 12 31.74 36.73 -10.99
CA PHE F 12 32.91 36.36 -10.19
C PHE F 12 33.74 37.56 -9.81
N GLN F 13 34.37 37.48 -8.65
CA GLN F 13 35.29 38.51 -8.21
C GLN F 13 36.28 37.98 -7.20
N VAL F 14 37.54 38.32 -7.38
CA VAL F 14 38.62 38.05 -6.44
C VAL F 14 38.91 39.37 -5.76
N LEU F 15 38.99 39.36 -4.43
CA LEU F 15 39.29 40.54 -3.64
C LEU F 15 40.39 40.24 -2.67
N LYS F 16 41.22 41.25 -2.38
CA LYS F 16 42.23 41.15 -1.35
C LYS F 16 41.55 41.58 -0.03
N THR F 17 41.95 41.01 1.11
CA THR F 17 41.40 41.44 2.41
C THR F 17 41.52 42.99 2.56
N GLY F 18 40.43 43.64 2.95
CA GLY F 18 40.39 45.08 3.15
C GLY F 18 39.93 45.88 1.95
N GLN F 19 39.80 45.21 0.77
CA GLN F 19 39.36 45.89 -0.44
C GLN F 19 37.84 46.13 -0.39
N SER F 20 37.38 47.21 -1.05
CA SER F 20 35.97 47.58 -1.19
C SER F 20 35.38 46.91 -2.43
N MET F 21 34.06 46.61 -2.39
CA MET F 21 33.39 45.97 -3.50
C MET F 21 31.89 46.35 -3.52
N THR F 22 31.30 46.60 -4.71
CA THR F 22 29.86 46.82 -4.85
C THR F 22 29.29 45.79 -5.84
N LEU F 23 28.23 45.11 -5.43
CA LEU F 23 27.50 44.19 -6.28
C LEU F 23 26.27 44.93 -6.75
N GLN F 24 25.93 44.79 -8.03
CA GLN F 24 24.78 45.47 -8.60
C GLN F 24 23.64 44.53 -8.80
N CYS F 25 22.44 45.03 -8.68
CA CYS F 25 21.26 44.24 -8.93
C CYS F 25 20.14 45.08 -9.49
N ALA F 26 19.52 44.63 -10.58
CA ALA F 26 18.40 45.37 -11.16
C ALA F 26 17.28 44.41 -11.51
N GLN F 27 16.05 44.85 -11.31
CA GLN F 27 14.89 44.02 -11.70
C GLN F 27 13.90 44.88 -12.45
N ASP F 28 13.36 44.32 -13.53
CA ASP F 28 12.36 45.03 -14.31
C ASP F 28 10.97 44.35 -14.17
N MET F 29 10.70 43.76 -13.00
CA MET F 29 9.39 43.14 -12.80
C MET F 29 8.46 44.01 -11.97
N ASN F 30 8.86 45.26 -11.70
CA ASN F 30 8.04 46.25 -10.98
C ASN F 30 7.78 45.77 -9.55
N HIS F 31 8.74 45.02 -8.96
CA HIS F 31 8.58 44.56 -7.59
C HIS F 31 9.00 45.63 -6.61
N ASN F 32 8.24 45.75 -5.51
CA ASN F 32 8.59 46.65 -4.43
C ASN F 32 9.75 46.08 -3.60
N SER F 33 9.72 44.77 -3.27
CA SER F 33 10.70 44.14 -2.39
C SER F 33 11.91 43.54 -3.09
N MET F 34 13.09 43.87 -2.56
CA MET F 34 14.37 43.37 -3.07
C MET F 34 15.20 42.89 -1.90
N TYR F 35 16.04 41.89 -2.16
CA TYR F 35 16.80 41.19 -1.13
C TYR F 35 18.19 40.87 -1.58
N TRP F 36 19.11 40.77 -0.62
CA TRP F 36 20.47 40.28 -0.83
C TRP F 36 20.71 39.14 0.16
N TYR F 37 21.06 37.97 -0.38
CA TYR F 37 21.32 36.76 0.35
C TYR F 37 22.73 36.31 0.13
N ARG F 38 23.27 35.53 1.07
CA ARG F 38 24.52 34.81 0.84
C ARG F 38 24.19 33.35 1.01
N GLN F 39 24.83 32.51 0.21
CA GLN F 39 24.65 31.06 0.25
C GLN F 39 25.99 30.44 0.56
N ASP F 40 26.04 29.57 1.57
CA ASP F 40 27.27 28.90 2.01
C ASP F 40 26.96 27.42 2.20
N PRO F 41 27.95 26.53 1.97
CA PRO F 41 27.69 25.08 2.11
C PRO F 41 27.15 24.68 3.48
N GLY F 42 26.23 23.71 3.46
CA GLY F 42 25.65 23.14 4.67
C GLY F 42 24.61 23.96 5.40
N MET F 43 24.19 25.09 4.84
CA MET F 43 23.19 25.88 5.56
C MET F 43 22.20 26.53 4.59
N GLY F 44 21.05 26.92 5.13
CA GLY F 44 20.01 27.63 4.39
C GLY F 44 20.46 29.03 4.03
N LEU F 45 19.87 29.61 2.97
CA LEU F 45 20.15 30.98 2.54
C LEU F 45 20.05 31.92 3.73
N ARG F 46 20.92 32.92 3.80
CA ARG F 46 20.88 33.89 4.90
C ARG F 46 20.75 35.26 4.32
N LEU F 47 19.70 35.99 4.76
CA LEU F 47 19.44 37.34 4.31
C LEU F 47 20.46 38.31 4.91
N ILE F 48 21.03 39.13 4.06
CA ILE F 48 21.99 40.13 4.54
C ILE F 48 21.27 41.44 4.85
N TYR F 49 20.58 42.01 3.85
CA TYR F 49 19.79 43.24 3.90
C TYR F 49 18.63 43.08 2.99
N TYR F 50 17.59 43.85 3.21
CA TYR F 50 16.46 43.82 2.30
C TYR F 50 15.91 45.24 2.15
N SER F 51 15.01 45.42 1.17
CA SER F 51 14.39 46.72 0.90
C SER F 51 12.97 46.44 0.57
N ALA F 52 12.04 46.75 1.49
CA ALA F 52 10.61 46.45 1.31
C ALA F 52 9.99 47.28 0.16
N SER F 53 10.59 48.44 -0.20
CA SER F 53 10.15 49.28 -1.32
C SER F 53 11.18 50.32 -1.53
N GLU F 54 11.00 51.12 -2.58
CA GLU F 54 11.87 52.26 -2.82
C GLU F 54 11.81 53.20 -1.59
N GLY F 55 12.93 53.73 -1.18
CA GLY F 55 12.94 54.64 -0.04
C GLY F 55 13.07 54.00 1.32
N THR F 56 13.25 52.67 1.41
CA THR F 56 13.48 52.05 2.70
C THR F 56 14.38 50.80 2.56
N THR F 57 15.21 50.56 3.57
CA THR F 57 16.05 49.35 3.66
C THR F 57 16.12 48.90 5.10
N ASP F 58 16.47 47.64 5.34
CA ASP F 58 16.64 47.17 6.70
C ASP F 58 17.52 45.98 6.70
N LYS F 59 18.16 45.75 7.86
CA LYS F 59 19.07 44.63 8.08
C LYS F 59 18.34 43.31 7.99
N GLY F 60 19.06 42.30 7.53
CA GLY F 60 18.59 40.93 7.51
C GLY F 60 19.15 40.24 8.74
N GLU F 61 19.56 38.99 8.59
CA GLU F 61 20.12 38.16 9.66
C GLU F 61 21.62 38.38 9.82
N VAL F 62 22.36 38.64 8.70
CA VAL F 62 23.82 38.77 8.78
C VAL F 62 24.31 40.10 8.11
N PRO F 63 23.89 41.27 8.66
CA PRO F 63 24.26 42.55 8.03
C PRO F 63 25.71 43.05 8.26
N ASN F 64 26.41 42.54 9.27
CA ASN F 64 27.74 43.04 9.64
C ASN F 64 28.78 42.79 8.54
N GLY F 65 29.44 43.88 8.16
CA GLY F 65 30.45 43.88 7.10
C GLY F 65 29.86 44.29 5.77
N TYR F 66 28.56 44.61 5.75
CA TYR F 66 27.84 44.99 4.55
C TYR F 66 27.02 46.24 4.76
N ASN F 67 26.66 46.88 3.66
CA ASN F 67 25.69 47.96 3.62
C ASN F 67 25.00 47.89 2.25
N VAL F 68 23.83 48.53 2.12
CA VAL F 68 23.09 48.50 0.86
C VAL F 68 22.60 49.88 0.46
N SER F 69 22.22 50.01 -0.81
CA SER F 69 21.57 51.22 -1.32
C SER F 69 20.44 50.82 -2.23
N ARG F 70 19.23 51.22 -1.90
CA ARG F 70 18.08 51.06 -2.78
C ARG F 70 18.09 52.32 -3.61
N LEU F 71 18.77 52.26 -4.74
CA LEU F 71 19.03 53.43 -5.58
C LEU F 71 17.76 54.01 -6.18
N ASN F 72 16.81 53.16 -6.55
CA ASN F 72 15.53 53.54 -7.17
C ASN F 72 14.65 52.32 -7.10
N LYS F 73 13.49 52.30 -7.78
CA LYS F 73 12.60 51.12 -7.66
C LYS F 73 13.23 49.84 -8.28
N ARG F 74 14.06 49.98 -9.32
CA ARG F 74 14.68 48.85 -9.99
C ARG F 74 15.93 48.30 -9.34
N GLU F 75 16.77 49.17 -8.76
CA GLU F 75 18.13 48.79 -8.36
C GLU F 75 18.43 48.81 -6.88
N PHE F 76 19.18 47.79 -6.46
CA PHE F 76 19.54 47.56 -5.07
C PHE F 76 20.95 47.04 -4.96
N SER F 77 21.87 47.91 -4.61
CA SER F 77 23.27 47.51 -4.59
C SER F 77 23.74 47.07 -3.19
N LEU F 78 24.68 46.14 -3.18
CA LEU F 78 25.28 45.58 -1.97
C LEU F 78 26.73 45.98 -1.92
N ARG F 79 27.16 46.54 -0.79
CA ARG F 79 28.55 46.97 -0.65
C ARG F 79 29.30 46.22 0.45
N LEU F 80 30.53 45.83 0.14
CA LEU F 80 31.45 45.23 1.09
C LEU F 80 32.46 46.32 1.35
N GLU F 81 32.36 46.94 2.53
CA GLU F 81 33.18 48.09 2.98
C GLU F 81 34.67 47.68 3.02
N SER F 82 34.95 46.59 3.73
CA SER F 82 36.31 46.08 3.95
C SER F 82 36.27 44.58 3.91
N ALA F 83 36.49 44.00 2.71
CA ALA F 83 36.39 42.55 2.47
C ALA F 83 37.20 41.75 3.47
N ALA F 84 36.56 40.72 4.01
CA ALA F 84 37.17 39.80 4.96
C ALA F 84 37.05 38.38 4.39
N PRO F 85 38.01 37.46 4.65
CA PRO F 85 37.87 36.09 4.12
C PRO F 85 36.53 35.41 4.46
N SER F 86 35.88 35.79 5.58
CA SER F 86 34.58 35.22 5.98
C SER F 86 33.45 35.55 4.97
N GLN F 87 33.70 36.54 4.12
CA GLN F 87 32.76 37.02 3.12
C GLN F 87 32.90 36.28 1.80
N THR F 88 33.85 35.31 1.73
CA THR F 88 33.96 34.42 0.58
C THR F 88 32.62 33.67 0.55
N SER F 89 31.87 33.83 -0.55
CA SER F 89 30.52 33.24 -0.60
C SER F 89 29.94 33.40 -1.97
N VAL F 90 28.71 32.89 -2.13
CA VAL F 90 27.94 33.10 -3.34
C VAL F 90 26.79 34.03 -2.92
N TYR F 91 26.69 35.18 -3.58
CA TYR F 91 25.69 36.18 -3.23
C TYR F 91 24.56 36.16 -4.21
N PHE F 92 23.30 36.22 -3.72
CA PHE F 92 22.15 36.26 -4.59
C PHE F 92 21.30 37.45 -4.28
N CYS F 93 20.95 38.20 -5.34
CA CYS F 93 19.97 39.24 -5.25
C CYS F 93 18.64 38.59 -5.59
N ALA F 94 17.54 39.10 -5.02
CA ALA F 94 16.23 38.56 -5.38
C ALA F 94 15.21 39.65 -5.31
N SER F 95 14.03 39.46 -5.92
CA SER F 95 12.91 40.37 -5.80
C SER F 95 11.66 39.57 -5.63
N SER F 96 10.63 40.19 -5.05
CA SER F 96 9.34 39.57 -4.78
C SER F 96 8.24 40.62 -4.86
N GLY F 97 7.03 40.21 -5.20
CA GLY F 97 5.88 41.12 -5.22
C GLY F 97 5.30 41.30 -3.82
N GLY F 98 5.80 40.53 -2.84
CA GLY F 98 5.34 40.59 -1.46
C GLY F 98 4.24 39.61 -1.14
N ASP F 99 3.89 39.51 0.14
CA ASP F 99 2.86 38.62 0.69
C ASP F 99 3.14 37.15 0.30
N SER F 100 2.28 36.50 -0.51
CA SER F 100 2.47 35.10 -0.93
C SER F 100 3.41 34.97 -2.14
N GLY F 101 3.89 36.11 -2.66
CA GLY F 101 4.77 36.17 -3.82
C GLY F 101 6.08 35.44 -3.64
N GLU F 102 6.43 34.65 -4.65
CA GLU F 102 7.70 33.92 -4.63
C GLU F 102 8.86 34.87 -4.96
N LEU F 103 10.06 34.41 -4.72
CA LEU F 103 11.26 35.13 -5.06
C LEU F 103 11.72 34.81 -6.46
N PHE F 104 12.30 35.82 -7.11
CA PHE F 104 12.96 35.74 -8.40
C PHE F 104 14.40 36.07 -8.13
N PHE F 105 15.30 35.11 -8.39
CA PHE F 105 16.71 35.29 -8.08
C PHE F 105 17.57 35.73 -9.24
N GLY F 106 18.59 36.53 -8.93
CA GLY F 106 19.62 36.92 -9.86
C GLY F 106 20.52 35.72 -10.11
N GLU F 107 21.45 35.82 -11.05
CA GLU F 107 22.33 34.71 -11.46
C GLU F 107 23.35 34.27 -10.37
N GLY F 108 23.61 35.13 -9.40
CA GLY F 108 24.58 34.81 -8.35
C GLY F 108 25.94 35.41 -8.65
N SER F 109 26.64 35.79 -7.59
CA SER F 109 27.95 36.41 -7.65
C SER F 109 28.87 35.68 -6.73
N ARG F 110 29.91 35.06 -7.29
CA ARG F 110 30.86 34.30 -6.51
C ARG F 110 32.03 35.21 -6.12
N LEU F 111 32.15 35.50 -4.82
CA LEU F 111 33.21 36.33 -4.31
C LEU F 111 34.22 35.48 -3.56
N THR F 112 35.53 35.69 -3.80
CA THR F 112 36.59 35.04 -3.02
C THR F 112 37.49 36.14 -2.44
N VAL F 113 37.61 36.14 -1.12
CA VAL F 113 38.42 37.14 -0.40
C VAL F 113 39.67 36.49 0.09
N LEU F 114 40.82 36.97 -0.41
CA LEU F 114 42.14 36.41 -0.10
C LEU F 114 43.04 37.37 0.66
N GLU F 115 43.87 36.84 1.59
CA GLU F 115 44.84 37.65 2.34
C GLU F 115 45.80 38.40 1.37
N ASP F 116 46.20 37.73 0.27
CA ASP F 116 47.02 38.31 -0.79
C ASP F 116 46.70 37.57 -2.12
N LEU F 117 47.18 38.08 -3.27
CA LEU F 117 46.87 37.49 -4.60
C LEU F 117 48.02 36.63 -5.16
N LYS F 118 49.01 36.32 -4.33
CA LYS F 118 50.24 35.58 -4.71
C LYS F 118 49.98 34.10 -5.06
N ASN F 119 48.86 33.48 -4.61
CA ASN F 119 48.58 32.08 -4.95
C ASN F 119 47.56 31.99 -6.11
N VAL F 120 47.18 33.14 -6.71
CA VAL F 120 46.19 33.14 -7.81
C VAL F 120 46.89 32.64 -9.08
N PHE F 121 46.34 31.57 -9.71
CA PHE F 121 46.86 30.98 -10.94
C PHE F 121 45.74 30.58 -11.90
N PRO F 122 45.90 30.80 -13.21
CA PRO F 122 44.91 30.26 -14.16
C PRO F 122 45.12 28.75 -14.31
N PRO F 123 44.19 27.99 -14.89
CA PRO F 123 44.46 26.56 -15.07
C PRO F 123 45.44 26.28 -16.19
N GLU F 124 46.05 25.11 -16.14
CA GLU F 124 46.73 24.48 -17.28
C GLU F 124 45.69 23.56 -17.85
N VAL F 125 45.50 23.52 -19.17
CA VAL F 125 44.46 22.66 -19.73
C VAL F 125 45.08 21.65 -20.70
N ALA F 126 44.72 20.38 -20.56
CA ALA F 126 45.20 19.32 -21.44
C ALA F 126 44.04 18.38 -21.81
N VAL F 127 44.05 17.90 -23.04
CA VAL F 127 43.06 16.96 -23.59
C VAL F 127 43.78 15.62 -23.81
N PHE F 128 43.17 14.55 -23.32
CA PHE F 128 43.66 13.18 -23.44
C PHE F 128 42.77 12.46 -24.42
N GLU F 129 43.40 11.99 -25.52
CA GLU F 129 42.74 11.35 -26.64
C GLU F 129 42.20 9.96 -26.28
N PRO F 130 41.09 9.52 -26.92
CA PRO F 130 40.49 8.22 -26.60
C PRO F 130 41.42 7.01 -26.74
N SER F 131 41.22 6.03 -25.84
CA SER F 131 41.95 4.77 -25.78
C SER F 131 41.56 3.89 -26.95
N GLU F 132 42.57 3.30 -27.64
CA GLU F 132 42.33 2.38 -28.75
C GLU F 132 41.56 1.17 -28.25
N ALA F 133 41.85 0.75 -27.00
CA ALA F 133 41.19 -0.35 -26.32
C ALA F 133 39.72 -0.04 -26.09
N GLU F 134 39.36 1.24 -25.79
CA GLU F 134 37.95 1.64 -25.60
C GLU F 134 37.19 1.59 -26.92
N ILE F 135 37.81 2.16 -27.98
CA ILE F 135 37.25 2.23 -29.34
C ILE F 135 36.94 0.81 -29.86
N SER F 136 37.90 -0.13 -29.79
CA SER F 136 37.68 -1.49 -30.29
C SER F 136 36.70 -2.29 -29.42
N HIS F 137 36.66 -2.04 -28.10
CA HIS F 137 35.78 -2.76 -27.17
C HIS F 137 34.34 -2.26 -27.18
N THR F 138 34.11 -0.94 -27.38
CA THR F 138 32.75 -0.37 -27.24
C THR F 138 32.20 0.32 -28.47
N GLN F 139 33.07 0.65 -29.46
CA GLN F 139 32.69 1.44 -30.64
C GLN F 139 32.34 2.89 -30.20
N LYS F 140 32.86 3.30 -29.03
CA LYS F 140 32.72 4.64 -28.44
C LYS F 140 34.10 5.13 -28.11
N ALA F 141 34.25 6.45 -28.09
CA ALA F 141 35.51 7.12 -27.82
C ALA F 141 35.28 8.28 -26.85
N THR F 142 35.96 8.22 -25.69
CA THR F 142 35.87 9.23 -24.63
C THR F 142 37.11 10.08 -24.60
N LEU F 143 36.95 11.40 -24.73
CA LEU F 143 38.01 12.38 -24.57
C LEU F 143 37.94 12.88 -23.16
N VAL F 144 39.10 13.09 -22.52
CA VAL F 144 39.14 13.61 -21.14
C VAL F 144 39.87 14.94 -21.16
N CYS F 145 39.31 15.92 -20.46
CA CYS F 145 39.94 17.22 -20.29
C CYS F 145 40.28 17.43 -18.83
N LEU F 146 41.52 17.86 -18.55
CA LEU F 146 41.96 18.20 -17.19
C LEU F 146 42.39 19.63 -17.11
N ALA F 147 41.77 20.40 -16.21
CA ALA F 147 42.14 21.77 -15.88
C ALA F 147 42.79 21.66 -14.49
N THR F 148 44.08 21.96 -14.41
CA THR F 148 44.83 21.74 -13.16
C THR F 148 45.61 22.98 -12.69
N GLY F 149 45.89 23.02 -11.39
CA GLY F 149 46.72 24.04 -10.74
C GLY F 149 46.14 25.43 -10.66
N PHE F 150 44.81 25.52 -10.74
CA PHE F 150 44.19 26.82 -10.72
C PHE F 150 43.75 27.22 -9.30
N TYR F 151 43.68 28.53 -9.08
CA TYR F 151 43.29 29.11 -7.80
C TYR F 151 42.89 30.57 -8.00
N PRO F 152 41.75 31.03 -7.44
CA PRO F 152 40.78 30.27 -6.63
C PRO F 152 39.90 29.42 -7.56
N ASP F 153 38.89 28.77 -7.02
CA ASP F 153 38.01 27.93 -7.83
C ASP F 153 36.93 28.77 -8.54
N HIS F 154 37.34 29.42 -9.62
CA HIS F 154 36.48 30.29 -10.47
C HIS F 154 36.65 29.86 -11.94
N VAL F 155 36.14 28.68 -12.32
CA VAL F 155 36.31 28.21 -13.70
C VAL F 155 34.97 27.73 -14.28
N GLU F 156 34.86 27.81 -15.61
CA GLU F 156 33.75 27.27 -16.38
C GLU F 156 34.34 26.52 -17.54
N LEU F 157 34.14 25.21 -17.54
CA LEU F 157 34.62 24.35 -18.59
C LEU F 157 33.49 24.08 -19.58
N SER F 158 33.82 24.11 -20.88
CA SER F 158 32.89 23.81 -21.98
C SER F 158 33.63 23.06 -23.09
N TRP F 159 32.87 22.25 -23.85
CA TRP F 159 33.37 21.45 -24.97
C TRP F 159 32.87 22.02 -26.27
N TRP F 160 33.79 22.18 -27.24
CA TRP F 160 33.51 22.73 -28.56
C TRP F 160 33.96 21.72 -29.59
N VAL F 161 33.00 21.21 -30.38
CA VAL F 161 33.23 20.24 -31.44
C VAL F 161 32.94 20.93 -32.76
N ASN F 162 33.97 21.06 -33.62
CA ASN F 162 33.92 21.74 -34.91
C ASN F 162 33.35 23.17 -34.72
N GLY F 163 33.87 23.85 -33.70
CA GLY F 163 33.52 25.22 -33.33
C GLY F 163 32.14 25.47 -32.76
N LYS F 164 31.44 24.41 -32.36
CA LYS F 164 30.10 24.52 -31.77
C LYS F 164 30.07 23.84 -30.40
N GLU F 165 29.49 24.52 -29.38
CA GLU F 165 29.40 23.97 -28.02
C GLU F 165 28.48 22.77 -27.99
N VAL F 166 28.95 21.69 -27.34
CA VAL F 166 28.20 20.44 -27.20
C VAL F 166 27.86 20.21 -25.72
N HIS F 167 26.70 19.59 -25.46
CA HIS F 167 26.23 19.25 -24.11
C HIS F 167 25.99 17.75 -24.04
N SER F 168 25.54 17.15 -25.15
CA SER F 168 25.32 15.72 -25.23
C SER F 168 26.66 14.99 -25.15
N GLY F 169 26.70 13.94 -24.33
CA GLY F 169 27.89 13.11 -24.13
C GLY F 169 28.94 13.71 -23.23
N VAL F 170 28.61 14.85 -22.58
CA VAL F 170 29.51 15.59 -21.69
C VAL F 170 29.15 15.36 -20.22
N CYS F 171 30.19 15.19 -19.42
CA CYS F 171 30.09 15.24 -17.98
C CYS F 171 31.35 15.88 -17.40
N THR F 172 31.13 16.98 -16.69
CA THR F 172 32.16 17.73 -15.98
C THR F 172 31.91 17.54 -14.49
N ASP F 173 32.98 17.33 -13.70
CA ASP F 173 32.87 17.22 -12.24
C ASP F 173 32.13 18.44 -11.68
N PRO F 174 31.11 18.25 -10.81
CA PRO F 174 30.39 19.43 -10.27
C PRO F 174 31.28 20.27 -9.33
N GLN F 175 32.30 19.63 -8.71
CA GLN F 175 33.25 20.29 -7.81
C GLN F 175 34.68 19.94 -8.20
N PRO F 176 35.63 20.89 -8.05
CA PRO F 176 37.02 20.55 -8.32
C PRO F 176 37.63 19.79 -7.16
N LEU F 177 38.75 19.15 -7.39
CA LEU F 177 39.41 18.49 -6.28
C LEU F 177 40.56 19.38 -5.82
N LYS F 178 40.99 19.17 -4.58
CA LYS F 178 42.12 19.90 -3.99
C LYS F 178 43.38 19.15 -4.30
N GLU F 179 44.33 19.79 -4.99
CA GLU F 179 45.60 19.17 -5.35
C GLU F 179 46.50 19.03 -4.14
N GLN F 180 46.32 19.88 -3.12
CA GLN F 180 47.11 19.74 -1.86
C GLN F 180 46.10 19.76 -0.72
N PRO F 181 45.36 18.64 -0.49
CA PRO F 181 44.25 18.66 0.49
C PRO F 181 44.61 19.12 1.91
N ALA F 182 45.88 19.01 2.34
CA ALA F 182 46.30 19.41 3.68
C ALA F 182 46.57 20.92 3.79
N LEU F 183 46.73 21.64 2.64
CA LEU F 183 47.03 23.08 2.64
C LEU F 183 45.78 23.93 2.66
N ASN F 184 45.79 25.00 3.46
CA ASN F 184 44.67 25.95 3.56
C ASN F 184 44.44 26.66 2.21
N ASP F 185 45.50 26.84 1.38
CA ASP F 185 45.38 27.48 0.06
C ASP F 185 45.68 26.49 -1.08
N SER F 186 45.20 25.26 -0.93
CA SER F 186 45.32 24.26 -1.97
C SER F 186 44.85 24.77 -3.33
N ARG F 187 45.60 24.44 -4.40
CA ARG F 187 45.17 24.76 -5.76
C ARG F 187 44.18 23.66 -6.20
N TYR F 188 43.52 23.84 -7.34
CA TYR F 188 42.43 22.96 -7.74
C TYR F 188 42.64 22.31 -9.05
N ALA F 189 41.94 21.18 -9.24
CA ALA F 189 41.93 20.42 -10.50
C ALA F 189 40.48 20.06 -10.82
N LEU F 190 40.15 19.97 -12.09
CA LEU F 190 38.81 19.64 -12.60
C LEU F 190 38.94 18.82 -13.84
N SER F 191 38.11 17.77 -13.97
CA SER F 191 38.06 16.93 -15.16
C SER F 191 36.68 16.97 -15.78
N SER F 192 36.68 16.70 -17.07
CA SER F 192 35.48 16.59 -17.88
C SER F 192 35.71 15.51 -18.91
N ARG F 193 34.61 14.88 -19.33
CA ARG F 193 34.63 13.85 -20.35
C ARG F 193 33.73 14.27 -21.48
N LEU F 194 34.13 13.94 -22.69
CA LEU F 194 33.30 14.07 -23.87
C LEU F 194 33.30 12.72 -24.53
N ARG F 195 32.12 12.09 -24.66
CA ARG F 195 32.07 10.78 -25.30
C ARG F 195 31.33 10.88 -26.64
N VAL F 196 31.98 10.33 -27.68
CA VAL F 196 31.47 10.29 -29.06
C VAL F 196 31.53 8.83 -29.53
N SER F 197 31.02 8.53 -30.73
CA SER F 197 31.14 7.19 -31.30
C SER F 197 32.55 6.99 -31.87
N ALA F 198 32.99 5.74 -32.05
CA ALA F 198 34.28 5.39 -32.65
C ALA F 198 34.48 6.09 -34.00
N THR F 199 33.49 5.96 -34.92
CA THR F 199 33.54 6.54 -36.28
C THR F 199 33.63 8.08 -36.22
N PHE F 200 32.96 8.72 -35.24
CA PHE F 200 33.01 10.18 -35.13
C PHE F 200 34.43 10.64 -34.76
N TRP F 201 35.06 10.00 -33.75
CA TRP F 201 36.44 10.30 -33.36
C TRP F 201 37.41 9.92 -34.48
N GLN F 202 37.12 8.82 -35.19
CA GLN F 202 37.96 8.31 -36.27
C GLN F 202 37.98 9.21 -37.51
N ASN F 203 37.07 10.20 -37.63
CA ASN F 203 37.05 11.12 -38.78
C ASN F 203 38.19 12.15 -38.57
N PRO F 204 39.19 12.19 -39.48
CA PRO F 204 40.31 13.12 -39.29
C PRO F 204 39.93 14.62 -39.40
N ARG F 205 38.70 14.94 -39.83
CA ARG F 205 38.30 16.33 -39.98
C ARG F 205 37.46 16.81 -38.79
N ASN F 206 37.20 15.95 -37.79
CA ASN F 206 36.49 16.37 -36.60
C ASN F 206 37.48 17.00 -35.64
N HIS F 207 37.17 18.22 -35.17
CA HIS F 207 37.99 19.03 -34.26
C HIS F 207 37.32 19.12 -32.89
N PHE F 208 38.10 18.84 -31.83
CA PHE F 208 37.64 18.81 -30.45
C PHE F 208 38.43 19.82 -29.65
N ARG F 209 37.74 20.64 -28.85
CA ARG F 209 38.37 21.63 -27.99
C ARG F 209 37.68 21.73 -26.64
N CYS F 210 38.48 21.61 -25.58
CA CYS F 210 38.07 21.82 -24.20
C CYS F 210 38.49 23.23 -23.86
N GLN F 211 37.54 24.06 -23.46
CA GLN F 211 37.75 25.44 -23.11
C GLN F 211 37.50 25.68 -21.64
N VAL F 212 38.45 26.34 -20.95
CA VAL F 212 38.27 26.67 -19.56
C VAL F 212 38.35 28.18 -19.41
N GLN F 213 37.20 28.79 -19.04
CA GLN F 213 37.15 30.21 -18.71
C GLN F 213 37.56 30.35 -17.26
N PHE F 214 38.64 31.10 -16.99
CA PHE F 214 39.11 31.38 -15.64
C PHE F 214 38.76 32.82 -15.28
N TYR F 215 38.29 33.02 -14.06
CA TYR F 215 38.00 34.34 -13.55
C TYR F 215 39.02 34.64 -12.48
N GLY F 216 39.92 35.54 -12.81
CA GLY F 216 41.02 35.87 -11.93
C GLY F 216 41.06 37.34 -11.61
N LEU F 217 42.21 37.96 -11.89
CA LEU F 217 42.43 39.36 -11.57
C LEU F 217 41.97 40.25 -12.70
N SER F 218 41.63 41.50 -12.37
CA SER F 218 41.22 42.53 -13.31
C SER F 218 42.44 43.35 -13.71
N GLU F 219 42.28 44.34 -14.61
CA GLU F 219 43.35 45.25 -15.03
C GLU F 219 43.82 46.14 -13.87
N ASN F 220 42.87 46.61 -13.03
CA ASN F 220 43.13 47.50 -11.91
C ASN F 220 43.91 46.85 -10.76
N ASP F 221 43.91 45.50 -10.66
CA ASP F 221 44.65 44.82 -9.60
C ASP F 221 46.15 44.97 -9.79
N GLU F 222 46.87 45.29 -8.71
CA GLU F 222 48.32 45.45 -8.77
C GLU F 222 48.99 44.07 -8.81
N TRP F 223 50.05 43.96 -9.60
CA TRP F 223 50.80 42.72 -9.73
C TRP F 223 52.27 43.06 -9.72
N THR F 224 53.04 42.46 -8.78
CA THR F 224 54.47 42.75 -8.66
C THR F 224 55.31 41.47 -8.80
N GLN F 225 54.67 40.31 -9.03
CA GLN F 225 55.41 39.05 -9.15
C GLN F 225 56.09 38.93 -10.51
N ASP F 226 57.15 38.08 -10.58
CA ASP F 226 57.92 37.81 -11.81
C ASP F 226 57.09 37.06 -12.83
N ARG F 227 56.21 36.16 -12.36
CA ARG F 227 55.35 35.38 -13.25
C ARG F 227 54.24 36.26 -13.88
N ALA F 228 53.61 35.77 -14.94
CA ALA F 228 52.58 36.53 -15.63
C ALA F 228 51.37 36.78 -14.71
N LYS F 229 50.79 37.98 -14.84
CA LYS F 229 49.62 38.38 -14.07
C LYS F 229 48.47 37.38 -14.31
N PRO F 230 47.93 36.73 -13.25
CA PRO F 230 46.84 35.73 -13.46
C PRO F 230 45.46 36.37 -13.68
N VAL F 231 45.30 37.07 -14.80
CA VAL F 231 44.07 37.74 -15.22
C VAL F 231 43.00 36.72 -15.64
N THR F 232 41.75 37.21 -15.71
CA THR F 232 40.61 36.52 -16.29
C THR F 232 41.01 36.17 -17.72
N GLN F 233 40.91 34.90 -18.09
CA GLN F 233 41.36 34.44 -19.41
C GLN F 233 40.75 33.09 -19.75
N ILE F 234 40.81 32.75 -21.03
CA ILE F 234 40.40 31.45 -21.51
C ILE F 234 41.67 30.63 -21.76
N VAL F 235 41.69 29.39 -21.23
CA VAL F 235 42.76 28.44 -21.47
C VAL F 235 42.11 27.23 -22.15
N SER F 236 42.67 26.77 -23.27
CA SER F 236 42.10 25.68 -24.04
C SER F 236 43.15 24.66 -24.50
N ALA F 237 42.67 23.43 -24.77
CA ALA F 237 43.46 22.35 -25.36
C ALA F 237 42.61 21.73 -26.46
N GLU F 238 43.25 21.26 -27.54
CA GLU F 238 42.54 20.70 -28.68
C GLU F 238 43.07 19.33 -29.10
N ALA F 239 42.31 18.67 -29.96
CA ALA F 239 42.63 17.40 -30.59
C ALA F 239 41.83 17.24 -31.84
N TRP F 240 42.44 16.68 -32.88
CA TRP F 240 41.77 16.36 -34.13
C TRP F 240 41.51 14.87 -34.11
N GLY F 241 40.45 14.45 -34.78
CA GLY F 241 40.15 13.02 -34.92
C GLY F 241 41.22 12.32 -35.73
N ARG F 242 41.45 11.02 -35.48
CA ARG F 242 42.49 10.28 -36.21
C ARG F 242 41.98 8.91 -36.66
N ALA F 243 42.40 8.51 -37.88
CA ALA F 243 42.05 7.22 -38.48
C ALA F 243 43.12 6.18 -38.20
N GLN G 4 -11.70 -28.86 -13.90
CA GLN G 4 -12.69 -28.48 -14.89
C GLN G 4 -12.91 -29.57 -15.97
N ASN G 5 -11.86 -30.24 -16.50
CA ASN G 5 -12.08 -31.27 -17.53
C ASN G 5 -11.00 -32.35 -17.56
N ILE G 6 -11.41 -33.61 -17.83
CA ILE G 6 -10.49 -34.76 -17.96
C ILE G 6 -11.03 -35.72 -19.02
N ASP G 7 -10.16 -36.22 -19.93
CA ASP G 7 -10.57 -37.10 -21.01
C ASP G 7 -9.66 -38.27 -21.19
N GLN G 8 -10.25 -39.42 -21.44
CA GLN G 8 -9.50 -40.66 -21.72
C GLN G 8 -10.35 -41.45 -22.70
N PRO G 9 -9.76 -42.29 -23.61
CA PRO G 9 -10.62 -43.02 -24.58
C PRO G 9 -11.62 -43.94 -23.90
N THR G 10 -12.77 -44.16 -24.54
CA THR G 10 -13.83 -45.00 -23.97
C THR G 10 -13.35 -46.45 -23.91
N GLU G 11 -12.72 -46.91 -24.99
CA GLU G 11 -12.30 -48.29 -25.07
C GLU G 11 -11.06 -48.42 -25.91
N MET G 12 -10.28 -49.47 -25.62
CA MET G 12 -9.10 -49.88 -26.36
C MET G 12 -9.04 -51.38 -26.43
N THR G 13 -8.57 -51.92 -27.58
CA THR G 13 -8.39 -53.36 -27.79
C THR G 13 -6.97 -53.61 -28.26
N ALA G 14 -6.25 -54.51 -27.57
CA ALA G 14 -4.87 -54.87 -27.93
C ALA G 14 -4.72 -56.41 -27.80
N THR G 15 -3.64 -56.97 -28.33
CA THR G 15 -3.44 -58.42 -28.28
C THR G 15 -2.60 -58.80 -27.07
N GLU G 16 -2.88 -60.01 -26.53
CA GLU G 16 -2.14 -60.63 -25.45
C GLU G 16 -0.64 -60.69 -25.85
N GLY G 17 0.24 -60.31 -24.94
CA GLY G 17 1.68 -60.28 -25.16
C GLY G 17 2.19 -58.97 -25.68
N ALA G 18 1.28 -58.10 -26.17
CA ALA G 18 1.67 -56.82 -26.76
C ALA G 18 1.66 -55.68 -25.72
N ILE G 19 1.64 -54.44 -26.21
CA ILE G 19 1.74 -53.25 -25.38
C ILE G 19 0.56 -52.32 -25.66
N VAL G 20 0.07 -51.63 -24.65
CA VAL G 20 -1.00 -50.66 -24.88
C VAL G 20 -0.68 -49.39 -24.06
N GLN G 21 -0.96 -48.22 -24.65
CA GLN G 21 -0.77 -46.96 -23.98
C GLN G 21 -2.13 -46.30 -23.81
N ILE G 22 -2.56 -46.04 -22.55
CA ILE G 22 -3.84 -45.38 -22.27
C ILE G 22 -3.59 -43.91 -21.95
N ASN G 23 -4.06 -43.02 -22.80
CA ASN G 23 -3.86 -41.58 -22.64
C ASN G 23 -4.92 -40.94 -21.77
N CYS G 24 -4.51 -39.92 -21.02
CA CYS G 24 -5.39 -39.13 -20.17
C CYS G 24 -4.95 -37.67 -20.25
N THR G 25 -5.85 -36.77 -20.65
CA THR G 25 -5.55 -35.34 -20.71
C THR G 25 -6.47 -34.63 -19.74
N TYR G 26 -5.96 -33.63 -19.02
CA TYR G 26 -6.75 -32.94 -18.01
C TYR G 26 -6.45 -31.44 -18.08
N GLN G 27 -7.44 -30.63 -17.72
CA GLN G 27 -7.36 -29.17 -17.61
C GLN G 27 -7.99 -28.86 -16.28
N THR G 28 -7.14 -28.51 -15.31
CA THR G 28 -7.62 -28.26 -13.95
C THR G 28 -7.19 -26.90 -13.48
N SER G 29 -7.86 -26.42 -12.43
CA SER G 29 -7.52 -25.18 -11.75
C SER G 29 -6.50 -25.59 -10.68
N GLY G 30 -5.22 -25.53 -11.07
CA GLY G 30 -4.09 -25.98 -10.26
C GLY G 30 -3.90 -27.50 -10.34
N PHE G 31 -2.80 -28.02 -9.76
CA PHE G 31 -2.50 -29.45 -9.89
C PHE G 31 -1.72 -29.99 -8.71
N ASN G 32 -2.22 -31.10 -8.13
CA ASN G 32 -1.58 -31.75 -6.99
C ASN G 32 -1.37 -33.25 -7.21
N GLY G 33 -1.43 -33.70 -8.46
CA GLY G 33 -1.17 -35.09 -8.76
C GLY G 33 -2.18 -35.77 -9.65
N LEU G 34 -1.73 -36.82 -10.32
CA LEU G 34 -2.51 -37.58 -11.26
C LEU G 34 -2.46 -39.03 -10.84
N PHE G 35 -3.64 -39.61 -10.66
CA PHE G 35 -3.77 -40.99 -10.24
C PHE G 35 -4.32 -41.88 -11.34
N TRP G 36 -3.88 -43.13 -11.34
CA TRP G 36 -4.47 -44.18 -12.16
C TRP G 36 -5.00 -45.27 -11.23
N TYR G 37 -6.19 -45.77 -11.54
CA TYR G 37 -6.84 -46.87 -10.81
C TYR G 37 -7.22 -47.96 -11.80
N GLN G 38 -7.19 -49.23 -11.36
CA GLN G 38 -7.67 -50.35 -12.17
C GLN G 38 -9.01 -50.78 -11.61
N GLN G 39 -9.97 -51.06 -12.46
CA GLN G 39 -11.26 -51.56 -11.97
C GLN G 39 -11.72 -52.71 -12.83
N HIS G 40 -11.62 -53.94 -12.29
CA HIS G 40 -12.14 -55.12 -12.97
C HIS G 40 -13.66 -55.04 -12.97
N ALA G 41 -14.31 -55.63 -13.98
CA ALA G 41 -15.76 -55.62 -14.12
C ALA G 41 -16.41 -56.17 -12.86
N GLY G 42 -17.38 -55.42 -12.32
CA GLY G 42 -18.11 -55.79 -11.10
C GLY G 42 -17.31 -55.63 -9.81
N GLU G 43 -16.09 -55.07 -9.88
CA GLU G 43 -15.26 -54.96 -8.68
C GLU G 43 -15.02 -53.50 -8.33
N ALA G 44 -14.34 -53.27 -7.21
CA ALA G 44 -13.95 -51.93 -6.78
C ALA G 44 -12.70 -51.45 -7.52
N PRO G 45 -12.53 -50.12 -7.73
CA PRO G 45 -11.25 -49.62 -8.25
C PRO G 45 -10.13 -49.84 -7.23
N THR G 46 -8.91 -50.12 -7.70
CA THR G 46 -7.72 -50.28 -6.85
C THR G 46 -6.64 -49.36 -7.40
N PHE G 47 -5.88 -48.74 -6.51
CA PHE G 47 -4.81 -47.83 -6.89
C PHE G 47 -3.73 -48.51 -7.70
N LEU G 48 -3.28 -47.85 -8.80
CA LEU G 48 -2.18 -48.32 -9.63
C LEU G 48 -0.97 -47.41 -9.50
N SER G 49 -1.17 -46.10 -9.70
CA SER G 49 -0.03 -45.18 -9.71
C SER G 49 -0.40 -43.76 -9.39
N TYR G 50 0.61 -43.01 -8.99
CA TYR G 50 0.54 -41.58 -8.73
C TYR G 50 1.74 -40.91 -9.34
N ASN G 51 1.50 -39.85 -10.11
CA ASN G 51 2.55 -38.98 -10.66
C ASN G 51 2.20 -37.57 -10.30
N VAL G 52 3.22 -36.77 -9.93
CA VAL G 52 3.03 -35.35 -9.62
C VAL G 52 4.18 -34.54 -10.23
N LEU G 53 5.39 -35.12 -10.36
CA LEU G 53 6.46 -34.46 -11.09
C LEU G 53 6.51 -35.05 -12.49
N ASP G 54 7.27 -34.43 -13.39
CA ASP G 54 7.37 -34.86 -14.77
C ASP G 54 8.27 -36.07 -14.93
N GLY G 55 7.85 -36.95 -15.80
CA GLY G 55 8.64 -38.13 -16.15
C GLY G 55 7.85 -39.41 -16.12
N LEU G 56 8.59 -40.49 -16.30
CA LEU G 56 8.05 -41.84 -16.36
C LEU G 56 8.46 -42.65 -15.13
N GLU G 57 7.47 -43.19 -14.43
CA GLU G 57 7.64 -44.05 -13.27
C GLU G 57 7.26 -45.50 -13.70
N GLU G 58 8.09 -46.48 -13.41
CA GLU G 58 7.85 -47.88 -13.77
C GLU G 58 7.55 -48.71 -12.52
N LYS G 59 6.53 -49.57 -12.59
CA LYS G 59 6.10 -50.48 -11.52
C LYS G 59 5.77 -51.82 -12.17
N GLY G 60 6.80 -52.65 -12.34
CA GLY G 60 6.66 -53.94 -13.02
C GLY G 60 6.33 -53.76 -14.48
N ARG G 61 5.24 -54.40 -14.95
CA ARG G 61 4.77 -54.36 -16.34
C ARG G 61 4.07 -53.05 -16.65
N PHE G 62 3.78 -52.24 -15.62
CA PHE G 62 3.07 -50.98 -15.79
C PHE G 62 4.00 -49.77 -15.60
N SER G 63 3.82 -48.75 -16.43
CA SER G 63 4.51 -47.48 -16.30
C SER G 63 3.49 -46.37 -16.37
N SER G 64 3.76 -45.29 -15.67
CA SER G 64 2.91 -44.11 -15.65
C SER G 64 3.74 -42.91 -15.98
N PHE G 65 3.30 -42.15 -16.97
CA PHE G 65 4.00 -40.95 -17.42
C PHE G 65 3.19 -39.73 -17.13
N LEU G 66 3.88 -38.62 -16.86
CA LEU G 66 3.24 -37.33 -16.68
C LEU G 66 4.02 -36.19 -17.32
N SER G 67 3.30 -35.27 -17.97
CA SER G 67 3.81 -33.99 -18.43
C SER G 67 2.90 -32.94 -17.85
N ARG G 68 3.35 -32.20 -16.82
CA ARG G 68 2.50 -31.20 -16.19
C ARG G 68 2.19 -30.03 -17.13
N SER G 69 3.16 -29.62 -17.99
CA SER G 69 2.96 -28.49 -18.89
C SER G 69 1.95 -28.81 -20.00
N LYS G 70 1.86 -30.09 -20.41
CA LYS G 70 0.88 -30.52 -21.41
C LYS G 70 -0.43 -31.00 -20.76
N GLY G 71 -0.47 -31.12 -19.43
CA GLY G 71 -1.64 -31.65 -18.75
C GLY G 71 -1.97 -33.03 -19.32
N TYR G 72 -0.94 -33.85 -19.46
CA TYR G 72 -1.04 -35.13 -20.12
C TYR G 72 -0.40 -36.25 -19.33
N SER G 73 -1.06 -37.40 -19.30
CA SER G 73 -0.51 -38.58 -18.67
C SER G 73 -0.84 -39.79 -19.50
N TYR G 74 -0.02 -40.83 -19.40
CA TYR G 74 -0.38 -42.10 -19.96
C TYR G 74 -0.05 -43.21 -18.98
N LEU G 75 -0.83 -44.28 -19.07
CA LEU G 75 -0.61 -45.55 -18.39
C LEU G 75 -0.20 -46.52 -19.47
N LEU G 76 0.99 -47.10 -19.33
CA LEU G 76 1.56 -48.02 -20.31
C LEU G 76 1.60 -49.44 -19.73
N LEU G 77 0.89 -50.38 -20.37
CA LEU G 77 0.87 -51.78 -19.94
C LEU G 77 1.64 -52.62 -20.94
N LYS G 78 2.70 -53.28 -20.49
CA LYS G 78 3.55 -54.13 -21.34
C LYS G 78 3.25 -55.60 -21.08
N GLU G 79 3.64 -56.47 -22.04
CA GLU G 79 3.47 -57.93 -21.97
C GLU G 79 2.06 -58.25 -21.48
N LEU G 80 1.05 -57.74 -22.20
CA LEU G 80 -0.37 -57.83 -21.83
C LEU G 80 -0.84 -59.26 -21.56
N GLN G 81 -1.59 -59.42 -20.48
CA GLN G 81 -2.16 -60.71 -20.07
C GLN G 81 -3.66 -60.57 -20.05
N MET G 82 -4.39 -61.69 -20.17
CA MET G 82 -5.86 -61.66 -20.13
C MET G 82 -6.36 -61.00 -18.85
N LYS G 83 -5.64 -61.15 -17.72
CA LYS G 83 -6.02 -60.58 -16.43
C LYS G 83 -5.97 -59.03 -16.45
N ASP G 84 -5.33 -58.42 -17.48
CA ASP G 84 -5.26 -56.96 -17.63
C ASP G 84 -6.58 -56.39 -18.17
N SER G 85 -7.51 -57.25 -18.66
CA SER G 85 -8.85 -56.81 -19.13
C SER G 85 -9.57 -56.21 -17.97
N ALA G 86 -9.82 -54.91 -18.04
CA ALA G 86 -10.42 -54.11 -16.98
C ALA G 86 -10.66 -52.70 -17.47
N SER G 87 -11.29 -51.87 -16.64
CA SER G 87 -11.37 -50.44 -16.92
C SER G 87 -10.23 -49.75 -16.16
N TYR G 88 -9.66 -48.70 -16.75
CA TYR G 88 -8.58 -47.94 -16.13
C TYR G 88 -9.08 -46.53 -15.98
N LEU G 89 -9.05 -46.03 -14.75
CA LEU G 89 -9.56 -44.70 -14.40
C LEU G 89 -8.43 -43.75 -14.12
N CYS G 90 -8.44 -42.57 -14.77
CA CYS G 90 -7.44 -41.57 -14.43
C CYS G 90 -8.17 -40.46 -13.66
N ALA G 91 -7.49 -39.88 -12.65
CA ALA G 91 -8.08 -38.83 -11.83
C ALA G 91 -7.02 -37.80 -11.53
N ALA G 92 -7.35 -36.53 -11.75
CA ALA G 92 -6.43 -35.43 -11.49
C ALA G 92 -6.89 -34.65 -10.25
N MET G 93 -5.94 -34.34 -9.38
CA MET G 93 -6.20 -33.59 -8.15
C MET G 93 -5.94 -32.10 -8.41
N ASP G 94 -6.94 -31.24 -8.14
CA ASP G 94 -6.79 -29.81 -8.40
C ASP G 94 -6.10 -29.06 -7.19
N SER G 95 -6.07 -27.71 -7.21
N SER G 95 -6.08 -27.71 -7.23
CA SER G 95 -5.46 -26.88 -6.18
CA SER G 95 -5.47 -26.82 -6.22
C SER G 95 -6.07 -27.05 -4.81
C SER G 95 -6.09 -26.97 -4.84
N ASN G 96 -7.36 -27.42 -4.76
CA ASN G 96 -8.04 -27.59 -3.49
C ASN G 96 -8.16 -29.06 -3.12
N TYR G 97 -7.24 -29.88 -3.67
CA TYR G 97 -7.09 -31.31 -3.37
C TYR G 97 -8.36 -32.09 -3.71
N GLN G 98 -9.14 -31.61 -4.69
CA GLN G 98 -10.35 -32.30 -5.14
C GLN G 98 -10.02 -33.05 -6.41
N LEU G 99 -10.61 -34.22 -6.57
CA LEU G 99 -10.35 -35.07 -7.73
C LEU G 99 -11.36 -34.88 -8.80
N ILE G 100 -10.89 -34.87 -10.05
CA ILE G 100 -11.75 -34.84 -11.22
C ILE G 100 -11.45 -36.19 -11.93
N TRP G 101 -12.49 -36.98 -12.15
CA TRP G 101 -12.38 -38.32 -12.68
C TRP G 101 -12.66 -38.46 -14.15
N GLY G 102 -11.78 -39.18 -14.85
CA GLY G 102 -12.05 -39.54 -16.24
C GLY G 102 -13.17 -40.58 -16.24
N ALA G 103 -13.85 -40.75 -17.38
CA ALA G 103 -14.98 -41.68 -17.50
C ALA G 103 -14.52 -43.14 -17.59
N GLY G 104 -13.21 -43.36 -17.62
CA GLY G 104 -12.61 -44.69 -17.67
C GLY G 104 -12.39 -45.21 -19.07
N THR G 105 -11.33 -46.00 -19.24
CA THR G 105 -11.02 -46.70 -20.48
C THR G 105 -11.22 -48.20 -20.25
N LYS G 106 -12.12 -48.83 -21.00
CA LYS G 106 -12.26 -50.28 -20.95
C LYS G 106 -11.18 -50.89 -21.85
N LEU G 107 -10.33 -51.73 -21.28
CA LEU G 107 -9.29 -52.39 -22.06
C LEU G 107 -9.69 -53.83 -22.35
N ILE G 108 -9.76 -54.17 -23.62
CA ILE G 108 -10.09 -55.52 -24.08
C ILE G 108 -8.83 -56.17 -24.61
N ILE G 109 -8.54 -57.38 -24.13
CA ILE G 109 -7.35 -58.11 -24.53
C ILE G 109 -7.79 -59.25 -25.42
N LYS G 110 -7.21 -59.33 -26.62
CA LYS G 110 -7.49 -60.42 -27.53
C LYS G 110 -6.52 -61.57 -27.25
N PRO G 111 -7.02 -62.79 -26.91
CA PRO G 111 -6.10 -63.92 -26.66
C PRO G 111 -5.41 -64.36 -27.93
N ASP G 112 -4.20 -64.88 -27.81
CA ASP G 112 -3.48 -65.41 -28.94
C ASP G 112 -3.89 -66.89 -29.08
N ILE G 113 -4.76 -67.19 -30.05
CA ILE G 113 -5.28 -68.55 -30.28
C ILE G 113 -4.26 -69.30 -31.16
N GLN G 114 -3.55 -70.27 -30.55
CA GLN G 114 -2.49 -71.04 -31.22
C GLN G 114 -3.03 -72.00 -32.28
N ASN G 115 -4.08 -72.77 -31.96
CA ASN G 115 -4.59 -73.75 -32.92
C ASN G 115 -6.09 -73.58 -33.11
N PRO G 116 -6.52 -72.58 -33.94
CA PRO G 116 -7.96 -72.36 -34.15
C PRO G 116 -8.64 -73.55 -34.81
N ASP G 117 -9.84 -73.86 -34.35
CA ASP G 117 -10.63 -74.97 -34.87
C ASP G 117 -12.09 -74.49 -34.85
N PRO G 118 -12.44 -73.44 -35.66
CA PRO G 118 -13.79 -72.87 -35.57
C PRO G 118 -14.87 -73.89 -35.87
N ALA G 119 -15.91 -73.91 -35.01
CA ALA G 119 -17.01 -74.85 -35.11
C ALA G 119 -18.25 -74.32 -34.42
N VAL G 120 -19.42 -74.75 -34.92
CA VAL G 120 -20.71 -74.43 -34.31
C VAL G 120 -21.33 -75.78 -33.89
N TYR G 121 -21.50 -75.97 -32.58
CA TYR G 121 -22.02 -77.20 -31.99
C TYR G 121 -23.40 -77.01 -31.42
N GLN G 122 -24.22 -78.03 -31.58
CA GLN G 122 -25.55 -78.05 -31.00
C GLN G 122 -25.42 -78.68 -29.62
N LEU G 123 -25.77 -77.95 -28.55
CA LEU G 123 -25.72 -78.57 -27.23
C LEU G 123 -26.94 -79.47 -27.05
N ARG G 124 -26.87 -80.40 -26.09
CA ARG G 124 -28.02 -81.26 -25.83
C ARG G 124 -29.12 -80.44 -25.15
N ASP G 125 -30.36 -80.67 -25.55
CA ASP G 125 -31.53 -80.06 -24.92
C ASP G 125 -31.62 -80.42 -23.45
N SER G 126 -32.15 -79.49 -22.64
CA SER G 126 -32.48 -79.71 -21.25
C SER G 126 -33.97 -80.11 -21.21
N LYS G 127 -34.32 -81.14 -20.44
CA LYS G 127 -35.75 -81.52 -20.34
C LYS G 127 -36.56 -80.42 -19.59
N SER G 128 -35.90 -79.47 -18.93
CA SER G 128 -36.54 -78.38 -18.19
C SER G 128 -36.56 -77.06 -18.98
N SER G 129 -36.16 -77.09 -20.26
CA SER G 129 -36.13 -75.88 -21.09
C SER G 129 -36.68 -76.13 -22.51
N ASP G 130 -37.40 -75.14 -23.08
CA ASP G 130 -37.87 -75.21 -24.46
C ASP G 130 -36.78 -74.66 -25.43
N LYS G 131 -35.63 -74.20 -24.90
CA LYS G 131 -34.56 -73.61 -25.70
C LYS G 131 -33.70 -74.63 -26.47
N SER G 132 -33.26 -74.23 -27.64
CA SER G 132 -32.28 -74.93 -28.45
C SER G 132 -31.02 -74.06 -28.37
N VAL G 133 -29.87 -74.64 -27.98
CA VAL G 133 -28.65 -73.88 -27.71
C VAL G 133 -27.50 -74.30 -28.65
N CYS G 134 -26.88 -73.30 -29.30
CA CYS G 134 -25.78 -73.44 -30.24
C CYS G 134 -24.52 -72.76 -29.65
N LEU G 135 -23.36 -73.38 -29.84
CA LEU G 135 -22.11 -72.84 -29.33
C LEU G 135 -21.13 -72.67 -30.47
N PHE G 136 -20.75 -71.42 -30.74
CA PHE G 136 -19.71 -71.08 -31.72
C PHE G 136 -18.43 -70.98 -30.90
N THR G 137 -17.44 -71.86 -31.17
CA THR G 137 -16.24 -71.91 -30.34
C THR G 137 -14.99 -72.16 -31.17
N ASP G 138 -13.83 -71.93 -30.54
CA ASP G 138 -12.47 -72.23 -31.01
C ASP G 138 -12.06 -71.43 -32.25
N PHE G 139 -12.71 -70.29 -32.47
CA PHE G 139 -12.36 -69.38 -33.54
C PHE G 139 -11.26 -68.44 -33.06
N ASP G 140 -10.50 -67.90 -34.03
CA ASP G 140 -9.40 -66.94 -33.85
C ASP G 140 -9.96 -65.63 -33.33
N SER G 141 -9.15 -64.86 -32.61
CA SER G 141 -9.58 -63.62 -31.96
C SER G 141 -9.95 -62.51 -32.94
N GLN G 142 -9.64 -62.67 -34.24
CA GLN G 142 -9.99 -61.70 -35.27
C GLN G 142 -11.50 -61.74 -35.58
N THR G 143 -12.19 -62.87 -35.32
CA THR G 143 -13.60 -63.03 -35.58
C THR G 143 -14.43 -62.19 -34.59
N ASN G 144 -15.41 -61.44 -35.14
CA ASN G 144 -16.36 -60.65 -34.36
C ASN G 144 -17.70 -61.36 -34.36
N VAL G 145 -18.39 -61.36 -33.22
CA VAL G 145 -19.71 -62.00 -33.15
C VAL G 145 -20.76 -60.89 -33.11
N SER G 146 -21.65 -60.88 -34.11
CA SER G 146 -22.70 -59.87 -34.18
C SER G 146 -23.90 -60.31 -33.36
N GLN G 147 -24.67 -59.31 -32.88
CA GLN G 147 -25.91 -59.53 -32.14
C GLN G 147 -26.95 -60.11 -33.12
N SER G 148 -27.98 -60.75 -32.58
CA SER G 148 -29.05 -61.36 -33.37
C SER G 148 -29.86 -60.32 -34.18
N LYS G 149 -30.28 -60.67 -35.43
CA LYS G 149 -31.12 -59.80 -36.26
C LYS G 149 -32.60 -60.23 -36.13
N ASP G 150 -32.84 -61.37 -35.46
CA ASP G 150 -34.16 -61.93 -35.17
C ASP G 150 -34.45 -61.75 -33.68
N SER G 151 -35.57 -61.07 -33.39
CA SER G 151 -36.08 -60.68 -32.08
C SER G 151 -36.10 -61.81 -31.04
N ASP G 152 -36.48 -63.04 -31.43
CA ASP G 152 -36.54 -64.12 -30.46
C ASP G 152 -35.32 -65.06 -30.53
N VAL G 153 -34.19 -64.57 -31.05
CA VAL G 153 -32.93 -65.30 -31.11
C VAL G 153 -31.93 -64.52 -30.24
N TYR G 154 -31.31 -65.16 -29.27
CA TYR G 154 -30.41 -64.45 -28.37
C TYR G 154 -28.99 -64.91 -28.57
N ILE G 155 -28.09 -63.96 -28.87
CA ILE G 155 -26.68 -64.24 -29.10
C ILE G 155 -25.83 -63.43 -28.13
N THR G 156 -24.98 -64.11 -27.35
CA THR G 156 -24.12 -63.42 -26.40
C THR G 156 -22.82 -63.06 -27.09
N ASP G 157 -22.07 -62.08 -26.56
CA ASP G 157 -20.79 -61.69 -27.19
C ASP G 157 -19.70 -62.76 -26.89
N LYS G 158 -18.57 -62.70 -27.61
CA LYS G 158 -17.49 -63.66 -27.40
C LYS G 158 -16.88 -63.49 -26.00
N CYS G 159 -16.59 -64.62 -25.41
CA CYS G 159 -16.08 -64.85 -24.06
C CYS G 159 -14.82 -65.68 -24.18
N VAL G 160 -13.77 -65.37 -23.41
CA VAL G 160 -12.53 -66.15 -23.43
C VAL G 160 -12.47 -67.05 -22.19
N LEU G 161 -12.34 -68.37 -22.37
CA LEU G 161 -12.20 -69.25 -21.22
C LEU G 161 -10.78 -69.78 -21.21
N ASP G 162 -10.26 -70.05 -20.03
CA ASP G 162 -8.89 -70.52 -19.86
C ASP G 162 -8.86 -71.84 -19.09
N MET G 163 -8.50 -72.92 -19.79
CA MET G 163 -8.33 -74.24 -19.19
C MET G 163 -6.87 -74.29 -18.75
N ARG G 164 -6.64 -73.73 -17.54
CA ARG G 164 -5.34 -73.49 -16.89
C ARG G 164 -4.37 -74.68 -16.92
N SER G 165 -4.82 -75.89 -16.51
CA SER G 165 -3.94 -77.07 -16.46
C SER G 165 -3.49 -77.51 -17.87
N MET G 166 -4.32 -77.24 -18.90
CA MET G 166 -4.02 -77.58 -20.28
C MET G 166 -3.29 -76.42 -20.99
N ASP G 167 -3.15 -75.25 -20.30
CA ASP G 167 -2.58 -74.01 -20.84
C ASP G 167 -3.23 -73.77 -22.22
N PHE G 168 -4.57 -73.79 -22.20
CA PHE G 168 -5.41 -73.68 -23.39
C PHE G 168 -6.46 -72.62 -23.18
N LYS G 169 -6.55 -71.71 -24.14
CA LYS G 169 -7.59 -70.67 -24.12
C LYS G 169 -8.47 -70.84 -25.34
N SER G 170 -9.74 -70.46 -25.22
CA SER G 170 -10.64 -70.52 -26.36
C SER G 170 -11.72 -69.46 -26.29
N ASN G 171 -12.10 -68.94 -27.46
CA ASN G 171 -13.21 -68.01 -27.61
C ASN G 171 -14.47 -68.78 -27.85
N SER G 172 -15.61 -68.25 -27.39
CA SER G 172 -16.91 -68.82 -27.69
C SER G 172 -17.99 -67.77 -27.57
N ALA G 173 -19.10 -68.03 -28.24
CA ALA G 173 -20.33 -67.23 -28.19
C ALA G 173 -21.48 -68.20 -28.16
N VAL G 174 -22.55 -67.86 -27.44
CA VAL G 174 -23.70 -68.76 -27.32
C VAL G 174 -24.92 -68.13 -28.01
N ALA G 175 -25.66 -68.95 -28.76
CA ALA G 175 -26.92 -68.56 -29.40
C ALA G 175 -28.02 -69.50 -28.97
N TRP G 176 -29.20 -68.96 -28.66
CA TRP G 176 -30.33 -69.78 -28.27
C TRP G 176 -31.65 -69.13 -28.69
N SER G 177 -32.66 -69.99 -28.80
CA SER G 177 -34.03 -69.64 -29.19
C SER G 177 -34.96 -70.82 -28.92
N ASN G 178 -36.27 -70.55 -28.77
CA ASN G 178 -37.29 -71.59 -28.64
C ASN G 178 -38.13 -71.64 -29.95
N LYS G 179 -37.76 -70.80 -30.95
CA LYS G 179 -38.42 -70.72 -32.26
C LYS G 179 -38.14 -71.97 -33.09
N SER G 180 -39.17 -72.46 -33.82
CA SER G 180 -39.13 -73.65 -34.66
C SER G 180 -38.07 -73.60 -35.80
N ASP G 181 -37.86 -72.41 -36.43
CA ASP G 181 -36.93 -72.27 -37.56
C ASP G 181 -35.48 -71.98 -37.12
N PHE G 182 -35.19 -72.14 -35.82
CA PHE G 182 -33.84 -71.92 -35.32
C PHE G 182 -33.02 -73.20 -35.49
N ALA G 183 -31.86 -73.06 -36.11
CA ALA G 183 -30.93 -74.15 -36.36
C ALA G 183 -29.51 -73.64 -36.22
N CYS G 184 -28.63 -74.49 -35.70
CA CYS G 184 -27.24 -74.11 -35.49
C CYS G 184 -26.56 -73.72 -36.82
N ALA G 185 -27.08 -74.23 -37.96
CA ALA G 185 -26.58 -73.90 -39.31
C ALA G 185 -26.85 -72.44 -39.66
N ASN G 186 -27.90 -71.82 -39.06
CA ASN G 186 -28.26 -70.42 -39.36
C ASN G 186 -28.05 -69.44 -38.19
N ALA G 187 -27.80 -69.97 -36.97
CA ALA G 187 -27.70 -69.21 -35.72
C ALA G 187 -26.77 -67.96 -35.83
N PHE G 188 -25.58 -68.12 -36.43
CA PHE G 188 -24.59 -67.04 -36.53
C PHE G 188 -24.49 -66.45 -37.96
N ASN G 189 -25.59 -66.51 -38.75
CA ASN G 189 -25.70 -65.98 -40.11
C ASN G 189 -25.42 -64.45 -40.20
N ASN G 190 -25.68 -63.70 -39.10
CA ASN G 190 -25.44 -62.26 -39.06
C ASN G 190 -23.97 -61.93 -38.73
N SER G 191 -23.14 -62.96 -38.49
CA SER G 191 -21.72 -62.79 -38.19
C SER G 191 -20.85 -63.22 -39.36
N ILE G 192 -19.66 -62.61 -39.49
CA ILE G 192 -18.67 -63.01 -40.49
C ILE G 192 -17.86 -64.10 -39.77
N ILE G 193 -18.11 -65.35 -40.13
CA ILE G 193 -17.45 -66.48 -39.48
C ILE G 193 -16.43 -67.12 -40.44
N PRO G 194 -15.37 -67.80 -39.94
CA PRO G 194 -14.36 -68.38 -40.85
C PRO G 194 -14.98 -69.33 -41.87
N GLU G 195 -14.43 -69.34 -43.08
CA GLU G 195 -14.86 -70.21 -44.17
C GLU G 195 -14.79 -71.69 -43.80
N ASP G 196 -13.76 -72.10 -43.02
CA ASP G 196 -13.60 -73.49 -42.64
C ASP G 196 -14.27 -73.83 -41.30
N THR G 197 -15.31 -73.06 -40.89
CA THR G 197 -16.06 -73.35 -39.64
C THR G 197 -16.72 -74.74 -39.80
N PHE G 198 -16.53 -75.60 -38.79
CA PHE G 198 -17.04 -76.95 -38.81
C PHE G 198 -18.50 -76.98 -38.33
N PHE G 199 -19.39 -77.48 -39.20
CA PHE G 199 -20.82 -77.66 -38.94
C PHE G 199 -21.11 -79.16 -38.97
N PRO G 200 -21.07 -79.84 -37.80
CA PRO G 200 -21.33 -81.30 -37.81
C PRO G 200 -22.75 -81.63 -38.22
N SER G 201 -22.95 -82.75 -38.95
CA SER G 201 -24.28 -83.20 -39.40
C SER G 201 -24.71 -84.44 -38.62
N GLY H 5 -9.60 -53.09 3.05
CA GLY H 5 -9.69 -52.58 4.41
C GLY H 5 -10.95 -51.78 4.65
N VAL H 6 -11.72 -51.53 3.56
CA VAL H 6 -13.00 -50.80 3.59
C VAL H 6 -14.12 -51.82 3.39
N THR H 7 -15.06 -51.89 4.36
CA THR H 7 -16.20 -52.82 4.37
C THR H 7 -17.47 -52.04 4.18
N GLN H 8 -18.15 -52.33 3.10
CA GLN H 8 -19.36 -51.65 2.66
C GLN H 8 -20.51 -52.64 2.52
N THR H 9 -21.74 -52.27 2.95
CA THR H 9 -22.93 -53.12 2.81
C THR H 9 -24.16 -52.28 2.47
N PRO H 10 -25.21 -52.84 1.81
CA PRO H 10 -25.30 -54.18 1.23
C PRO H 10 -24.67 -54.23 -0.18
N LYS H 11 -24.38 -55.43 -0.69
CA LYS H 11 -23.81 -55.56 -2.03
C LYS H 11 -24.91 -55.21 -3.10
N PHE H 12 -26.17 -55.56 -2.81
CA PHE H 12 -27.28 -55.32 -3.73
C PHE H 12 -28.50 -54.87 -2.98
N GLN H 13 -29.34 -54.06 -3.64
CA GLN H 13 -30.60 -53.64 -3.06
C GLN H 13 -31.56 -53.15 -4.13
N VAL H 14 -32.78 -53.67 -4.08
CA VAL H 14 -33.92 -53.23 -4.88
C VAL H 14 -34.77 -52.36 -3.96
N LEU H 15 -35.18 -51.19 -4.44
CA LEU H 15 -36.03 -50.26 -3.71
C LEU H 15 -37.17 -49.80 -4.56
N LYS H 16 -38.31 -49.47 -3.92
CA LYS H 16 -39.44 -48.84 -4.61
C LYS H 16 -39.25 -47.33 -4.50
N THR H 17 -39.73 -46.54 -5.49
CA THR H 17 -39.65 -45.06 -5.43
C THR H 17 -40.24 -44.62 -4.09
N GLY H 18 -39.53 -43.76 -3.36
CA GLY H 18 -39.98 -43.21 -2.08
C GLY H 18 -39.55 -43.96 -0.84
N GLN H 19 -38.96 -45.15 -1.00
CA GLN H 19 -38.47 -45.96 0.11
C GLN H 19 -37.16 -45.42 0.64
N SER H 20 -36.84 -45.72 1.90
CA SER H 20 -35.60 -45.28 2.54
C SER H 20 -34.57 -46.40 2.49
N MET H 21 -33.30 -46.04 2.57
CA MET H 21 -32.20 -47.01 2.54
C MET H 21 -30.97 -46.40 3.20
N THR H 22 -30.27 -47.18 4.02
CA THR H 22 -28.99 -46.78 4.59
C THR H 22 -27.90 -47.70 4.08
N LEU H 23 -26.82 -47.12 3.53
CA LEU H 23 -25.63 -47.86 3.10
C LEU H 23 -24.61 -47.72 4.20
N GLN H 24 -23.96 -48.83 4.60
CA GLN H 24 -22.97 -48.81 5.69
C GLN H 24 -21.58 -48.88 5.15
N CYS H 25 -20.65 -48.20 5.81
CA CYS H 25 -19.26 -48.28 5.44
C CYS H 25 -18.37 -48.19 6.66
N ALA H 26 -17.40 -49.09 6.76
CA ALA H 26 -16.44 -49.06 7.86
C ALA H 26 -15.03 -49.27 7.34
N GLN H 27 -14.06 -48.60 7.94
CA GLN H 27 -12.67 -48.81 7.55
C GLN H 27 -11.83 -48.95 8.80
N ASP H 28 -10.88 -49.89 8.76
CA ASP H 28 -9.95 -50.15 9.83
C ASP H 28 -8.50 -49.76 9.45
N MET H 29 -8.36 -48.74 8.60
CA MET H 29 -7.02 -48.28 8.22
C MET H 29 -6.62 -47.01 8.94
N ASN H 30 -7.44 -46.60 9.93
CA ASN H 30 -7.17 -45.42 10.76
C ASN H 30 -7.10 -44.14 9.90
N HIS H 31 -7.89 -44.08 8.81
CA HIS H 31 -7.95 -42.93 7.91
C HIS H 31 -8.92 -41.88 8.43
N ASN H 32 -8.60 -40.59 8.23
CA ASN H 32 -9.46 -39.48 8.63
C ASN H 32 -10.54 -39.22 7.61
N SER H 33 -10.17 -39.23 6.32
CA SER H 33 -11.08 -38.91 5.22
C SER H 33 -11.85 -40.12 4.71
N MET H 34 -13.15 -39.95 4.58
CA MET H 34 -14.06 -40.96 4.06
C MET H 34 -14.96 -40.29 3.01
N TYR H 35 -15.38 -41.07 2.01
CA TYR H 35 -16.10 -40.59 0.85
C TYR H 35 -17.18 -41.54 0.44
N TRP H 36 -18.25 -40.97 -0.12
CA TRP H 36 -19.32 -41.71 -0.77
C TRP H 36 -19.40 -41.23 -2.20
N TYR H 37 -19.24 -42.17 -3.12
CA TYR H 37 -19.28 -41.93 -4.57
C TYR H 37 -20.44 -42.69 -5.24
N ARG H 38 -20.92 -42.23 -6.41
CA ARG H 38 -21.79 -43.00 -7.30
C ARG H 38 -21.07 -43.17 -8.63
N GLN H 39 -21.19 -44.37 -9.21
CA GLN H 39 -20.63 -44.69 -10.52
C GLN H 39 -21.76 -45.01 -11.47
N ASP H 40 -21.80 -44.32 -12.61
CA ASP H 40 -22.83 -44.50 -13.63
C ASP H 40 -22.18 -44.66 -14.98
N PRO H 41 -22.80 -45.41 -15.93
CA PRO H 41 -22.17 -45.61 -17.25
C PRO H 41 -21.90 -44.30 -17.99
N GLY H 42 -20.77 -44.26 -18.69
CA GLY H 42 -20.34 -43.13 -19.52
C GLY H 42 -19.83 -41.89 -18.80
N MET H 43 -19.62 -41.96 -17.49
CA MET H 43 -19.11 -40.78 -16.80
C MET H 43 -18.14 -41.15 -15.68
N GLY H 44 -17.33 -40.19 -15.26
CA GLY H 44 -16.40 -40.36 -14.16
C GLY H 44 -17.12 -40.43 -12.83
N LEU H 45 -16.47 -41.02 -11.81
CA LEU H 45 -17.03 -41.10 -10.44
C LEU H 45 -17.47 -39.73 -9.97
N ARG H 46 -18.61 -39.66 -9.28
CA ARG H 46 -19.12 -38.39 -8.76
C ARG H 46 -19.29 -38.50 -7.28
N LEU H 47 -18.62 -37.59 -6.54
CA LEU H 47 -18.67 -37.54 -5.08
C LEU H 47 -20.05 -37.05 -4.62
N ILE H 48 -20.65 -37.77 -3.68
CA ILE H 48 -21.96 -37.41 -3.15
C ILE H 48 -21.75 -36.52 -1.90
N TYR H 49 -21.00 -37.06 -0.93
CA TYR H 49 -20.60 -36.41 0.32
C TYR H 49 -19.28 -36.94 0.74
N TYR H 50 -18.59 -36.18 1.61
CA TYR H 50 -17.34 -36.65 2.14
C TYR H 50 -17.23 -36.23 3.60
N SER H 51 -16.26 -36.82 4.31
CA SER H 51 -15.99 -36.55 5.71
C SER H 51 -14.50 -36.48 5.90
N ALA H 52 -13.96 -35.27 6.11
CA ALA H 52 -12.53 -35.02 6.23
C ALA H 52 -11.95 -35.62 7.54
N SER H 53 -12.79 -35.82 8.55
CA SER H 53 -12.42 -36.43 9.83
C SER H 53 -13.63 -36.68 10.66
N GLU H 54 -13.45 -37.43 11.76
CA GLU H 54 -14.52 -37.66 12.72
C GLU H 54 -14.98 -36.27 13.21
N GLY H 55 -16.28 -36.05 13.21
CA GLY H 55 -16.86 -34.79 13.65
C GLY H 55 -17.16 -33.79 12.56
N THR H 56 -16.93 -34.13 11.27
CA THR H 56 -17.28 -33.18 10.20
C THR H 56 -17.66 -33.92 8.92
N THR H 57 -18.60 -33.34 8.17
CA THR H 57 -19.00 -33.85 6.84
C THR H 57 -19.27 -32.68 5.92
N ASP H 58 -19.28 -32.91 4.61
CA ASP H 58 -19.62 -31.84 3.67
C ASP H 58 -20.06 -32.44 2.39
N LYS H 59 -20.87 -31.66 1.65
CA LYS H 59 -21.41 -32.05 0.36
C LYS H 59 -20.32 -32.23 -0.66
N GLY H 60 -20.58 -33.16 -1.59
CA GLY H 60 -19.71 -33.40 -2.73
C GLY H 60 -20.34 -32.66 -3.90
N GLU H 61 -20.28 -33.25 -5.08
CA GLU H 61 -20.81 -32.69 -6.33
C GLU H 61 -22.32 -32.99 -6.50
N VAL H 62 -22.77 -34.17 -6.04
CA VAL H 62 -24.17 -34.58 -6.24
C VAL H 62 -24.87 -34.95 -4.88
N PRO H 63 -24.99 -33.98 -3.93
CA PRO H 63 -25.57 -34.32 -2.61
C PRO H 63 -27.10 -34.45 -2.55
N ASN H 64 -27.84 -33.90 -3.53
CA ASN H 64 -29.31 -33.85 -3.50
C ASN H 64 -29.93 -35.24 -3.56
N GLY H 65 -30.77 -35.54 -2.57
CA GLY H 65 -31.46 -36.82 -2.41
C GLY H 65 -30.71 -37.74 -1.47
N TYR H 66 -29.61 -37.24 -0.89
CA TYR H 66 -28.77 -38.01 0.03
C TYR H 66 -28.44 -37.22 1.28
N ASN H 67 -28.05 -37.95 2.32
CA ASN H 67 -27.51 -37.40 3.54
C ASN H 67 -26.51 -38.42 4.10
N VAL H 68 -25.61 -37.97 4.97
CA VAL H 68 -24.58 -38.85 5.53
C VAL H 68 -24.45 -38.65 7.05
N SER H 69 -23.81 -39.64 7.70
CA SER H 69 -23.46 -39.59 9.10
C SER H 69 -22.10 -40.20 9.32
N ARG H 70 -21.18 -39.40 9.83
CA ARG H 70 -19.88 -39.89 10.25
C ARG H 70 -20.10 -40.26 11.71
N LEU H 71 -20.47 -41.53 11.95
CA LEU H 71 -20.83 -42.02 13.28
C LEU H 71 -19.64 -42.01 14.25
N ASN H 72 -18.42 -42.26 13.74
CA ASN H 72 -17.19 -42.33 14.55
C ASN H 72 -16.03 -42.29 13.58
N LYS H 73 -14.78 -42.53 14.03
CA LYS H 73 -13.63 -42.49 13.11
C LYS H 73 -13.69 -43.60 12.05
N ARG H 74 -14.26 -44.76 12.39
CA ARG H 74 -14.34 -45.91 11.52
C ARG H 74 -15.49 -45.90 10.51
N GLU H 75 -16.65 -45.33 10.88
CA GLU H 75 -17.90 -45.50 10.13
C GLU H 75 -18.50 -44.23 9.52
N PHE H 76 -18.97 -44.39 8.27
CA PHE H 76 -19.56 -43.32 7.48
C PHE H 76 -20.72 -43.89 6.67
N SER H 77 -21.95 -43.64 7.13
CA SER H 77 -23.14 -44.20 6.46
C SER H 77 -23.79 -43.21 5.47
N LEU H 78 -24.41 -43.75 4.40
CA LEU H 78 -25.06 -42.95 3.35
C LEU H 78 -26.56 -43.23 3.37
N ARG H 79 -27.40 -42.18 3.46
CA ARG H 79 -28.84 -42.36 3.56
C ARG H 79 -29.57 -41.86 2.30
N LEU H 80 -30.49 -42.67 1.78
CA LEU H 80 -31.41 -42.28 0.70
C LEU H 80 -32.77 -42.16 1.37
N GLU H 81 -33.16 -40.97 1.82
CA GLU H 81 -34.42 -40.84 2.57
C GLU H 81 -35.67 -41.24 1.75
N SER H 82 -35.75 -40.83 0.47
CA SER H 82 -36.89 -41.11 -0.41
C SER H 82 -36.33 -41.47 -1.77
N ALA H 83 -36.02 -42.77 -2.00
CA ALA H 83 -35.34 -43.20 -3.22
C ALA H 83 -36.10 -42.81 -4.50
N ALA H 84 -35.35 -42.36 -5.51
CA ALA H 84 -35.85 -41.95 -6.82
C ALA H 84 -35.20 -42.82 -7.90
N PRO H 85 -35.88 -43.14 -9.03
CA PRO H 85 -35.22 -43.92 -10.10
C PRO H 85 -33.86 -43.37 -10.57
N SER H 86 -33.64 -42.06 -10.47
CA SER H 86 -32.36 -41.44 -10.88
C SER H 86 -31.20 -41.89 -9.94
N GLN H 87 -31.54 -42.45 -8.75
CA GLN H 87 -30.56 -42.92 -7.77
C GLN H 87 -30.15 -44.39 -8.05
N THR H 88 -30.67 -45.00 -9.14
CA THR H 88 -30.24 -46.33 -9.60
C THR H 88 -28.78 -46.13 -10.00
N SER H 89 -27.85 -46.80 -9.31
CA SER H 89 -26.41 -46.62 -9.53
C SER H 89 -25.59 -47.67 -8.77
N VAL H 90 -24.27 -47.56 -8.88
CA VAL H 90 -23.33 -48.36 -8.11
C VAL H 90 -22.66 -47.36 -7.16
N TYR H 91 -22.78 -47.62 -5.87
CA TYR H 91 -22.24 -46.74 -4.87
C TYR H 91 -20.96 -47.27 -4.31
N PHE H 92 -19.95 -46.40 -4.15
CA PHE H 92 -18.70 -46.83 -3.55
C PHE H 92 -18.34 -45.95 -2.39
N CYS H 93 -18.00 -46.57 -1.27
CA CYS H 93 -17.43 -45.88 -0.14
C CYS H 93 -15.93 -45.98 -0.33
N ALA H 94 -15.19 -45.00 0.17
CA ALA H 94 -13.73 -44.96 0.09
C ALA H 94 -13.17 -44.23 1.25
N SER H 95 -11.91 -44.47 1.55
CA SER H 95 -11.20 -43.75 2.60
C SER H 95 -9.77 -43.48 2.10
N SER H 96 -9.13 -42.45 2.64
CA SER H 96 -7.75 -42.07 2.28
C SER H 96 -7.11 -41.36 3.46
N GLY H 97 -5.78 -41.39 3.49
CA GLY H 97 -4.95 -40.78 4.52
C GLY H 97 -4.78 -39.29 4.35
N GLY H 98 -5.29 -38.75 3.24
CA GLY H 98 -5.20 -37.33 2.93
C GLY H 98 -3.99 -36.97 2.09
N ASP H 99 -3.96 -35.70 1.64
CA ASP H 99 -2.89 -35.11 0.82
C ASP H 99 -2.65 -35.94 -0.46
N SER H 100 -1.47 -36.57 -0.62
CA SER H 100 -1.17 -37.38 -1.82
C SER H 100 -1.70 -38.84 -1.70
N GLY H 101 -2.30 -39.16 -0.56
CA GLY H 101 -2.83 -40.49 -0.27
C GLY H 101 -3.89 -40.94 -1.25
N GLU H 102 -3.75 -42.16 -1.76
CA GLU H 102 -4.70 -42.74 -2.69
C GLU H 102 -5.96 -43.16 -1.96
N LEU H 103 -7.01 -43.46 -2.73
CA LEU H 103 -8.25 -43.97 -2.17
C LEU H 103 -8.22 -45.46 -2.06
N PHE H 104 -8.91 -45.98 -1.03
CA PHE H 104 -9.15 -47.40 -0.78
C PHE H 104 -10.64 -47.54 -0.87
N PHE H 105 -11.12 -48.32 -1.83
CA PHE H 105 -12.54 -48.46 -2.07
C PHE H 105 -13.18 -49.68 -1.41
N GLY H 106 -14.44 -49.51 -1.02
CA GLY H 106 -15.31 -50.59 -0.54
C GLY H 106 -15.71 -51.42 -1.75
N GLU H 107 -16.36 -52.57 -1.52
CA GLU H 107 -16.74 -53.53 -2.57
C GLU H 107 -17.80 -52.98 -3.57
N GLY H 108 -18.52 -51.93 -3.19
CA GLY H 108 -19.58 -51.40 -4.05
C GLY H 108 -20.95 -51.91 -3.63
N SER H 109 -21.98 -51.08 -3.82
CA SER H 109 -23.39 -51.39 -3.53
C SER H 109 -24.22 -51.08 -4.76
N ARG H 110 -24.86 -52.09 -5.36
CA ARG H 110 -25.66 -51.86 -6.56
C ARG H 110 -27.09 -51.68 -6.14
N LEU H 111 -27.63 -50.48 -6.42
CA LEU H 111 -28.99 -50.11 -6.08
C LEU H 111 -29.84 -49.93 -7.31
N THR H 112 -31.04 -50.49 -7.28
CA THR H 112 -32.00 -50.29 -8.36
C THR H 112 -33.28 -49.75 -7.74
N VAL H 113 -33.72 -48.57 -8.21
CA VAL H 113 -34.93 -47.94 -7.71
C VAL H 113 -36.01 -48.05 -8.78
N LEU H 114 -37.15 -48.68 -8.43
CA LEU H 114 -38.24 -48.89 -9.38
C LEU H 114 -39.52 -48.23 -8.92
N GLU H 115 -40.31 -47.74 -9.89
CA GLU H 115 -41.62 -47.15 -9.65
C GLU H 115 -42.49 -48.22 -8.97
N ASP H 116 -42.41 -49.47 -9.47
CA ASP H 116 -43.15 -50.57 -8.88
C ASP H 116 -42.35 -51.87 -8.99
N LEU H 117 -42.50 -52.73 -7.98
CA LEU H 117 -41.75 -53.96 -7.97
C LEU H 117 -42.34 -55.06 -8.88
N LYS H 118 -43.38 -54.73 -9.66
CA LYS H 118 -44.06 -55.59 -10.65
C LYS H 118 -43.11 -56.13 -11.74
N ASN H 119 -42.00 -55.45 -11.95
CA ASN H 119 -40.96 -55.72 -12.95
C ASN H 119 -39.86 -56.65 -12.46
N VAL H 120 -39.88 -57.03 -11.18
CA VAL H 120 -38.80 -57.82 -10.56
C VAL H 120 -39.04 -59.31 -10.81
N PHE H 121 -38.05 -59.98 -11.39
CA PHE H 121 -38.14 -61.41 -11.67
C PHE H 121 -36.86 -62.13 -11.34
N PRO H 122 -36.96 -63.33 -10.74
CA PRO H 122 -35.75 -64.13 -10.54
C PRO H 122 -35.37 -64.77 -11.88
N PRO H 123 -34.17 -65.33 -12.05
CA PRO H 123 -33.89 -66.01 -13.33
C PRO H 123 -34.44 -67.43 -13.38
N GLU H 124 -34.71 -67.91 -14.60
CA GLU H 124 -34.87 -69.33 -14.91
C GLU H 124 -33.45 -69.80 -15.15
N VAL H 125 -33.02 -70.93 -14.57
CA VAL H 125 -31.64 -71.41 -14.81
C VAL H 125 -31.74 -72.78 -15.47
N ALA H 126 -31.03 -72.97 -16.58
CA ALA H 126 -31.00 -74.25 -17.30
C ALA H 126 -29.56 -74.58 -17.74
N VAL H 127 -29.23 -75.88 -17.73
CA VAL H 127 -27.91 -76.37 -18.07
C VAL H 127 -28.07 -77.23 -19.28
N PHE H 128 -27.14 -77.05 -20.22
CA PHE H 128 -27.13 -77.78 -21.50
C PHE H 128 -25.84 -78.59 -21.58
N GLU H 129 -25.99 -79.90 -21.71
CA GLU H 129 -24.87 -80.85 -21.72
C GLU H 129 -24.09 -80.74 -23.03
N PRO H 130 -22.78 -81.09 -23.00
CA PRO H 130 -21.96 -80.88 -24.22
C PRO H 130 -22.37 -81.68 -25.43
N SER H 131 -22.02 -81.11 -26.57
CA SER H 131 -22.20 -81.73 -27.88
C SER H 131 -21.29 -82.94 -28.02
N GLU H 132 -21.84 -84.10 -28.47
CA GLU H 132 -21.04 -85.31 -28.76
C GLU H 132 -20.06 -85.03 -29.92
N ALA H 133 -20.45 -84.13 -30.85
CA ALA H 133 -19.59 -83.77 -31.98
C ALA H 133 -18.37 -82.97 -31.48
N GLU H 134 -18.56 -82.10 -30.47
CA GLU H 134 -17.44 -81.36 -29.88
C GLU H 134 -16.47 -82.32 -29.20
N ILE H 135 -17.01 -83.26 -28.41
CA ILE H 135 -16.21 -84.25 -27.70
C ILE H 135 -15.34 -85.06 -28.70
N SER H 136 -15.95 -85.57 -29.80
CA SER H 136 -15.19 -86.35 -30.77
C SER H 136 -14.22 -85.48 -31.58
N HIS H 137 -14.58 -84.20 -31.86
CA HIS H 137 -13.72 -83.32 -32.66
C HIS H 137 -12.56 -82.71 -31.87
N THR H 138 -12.76 -82.39 -30.57
CA THR H 138 -11.74 -81.66 -29.81
C THR H 138 -11.19 -82.36 -28.57
N GLN H 139 -11.85 -83.45 -28.11
CA GLN H 139 -11.52 -84.17 -26.87
C GLN H 139 -11.81 -83.26 -25.67
N LYS H 140 -12.73 -82.31 -25.86
CA LYS H 140 -13.12 -81.38 -24.80
C LYS H 140 -14.62 -81.32 -24.77
N ALA H 141 -15.20 -80.85 -23.68
CA ALA H 141 -16.65 -80.82 -23.53
C ALA H 141 -17.08 -79.55 -22.84
N THR H 142 -17.90 -78.75 -23.54
CA THR H 142 -18.39 -77.48 -22.99
C THR H 142 -19.83 -77.61 -22.53
N LEU H 143 -20.07 -77.35 -21.24
CA LEU H 143 -21.41 -77.24 -20.70
C LEU H 143 -21.80 -75.79 -20.79
N VAL H 144 -23.08 -75.51 -21.03
CA VAL H 144 -23.57 -74.13 -21.07
C VAL H 144 -24.67 -73.95 -20.03
N CYS H 145 -24.61 -72.84 -19.29
CA CYS H 145 -25.64 -72.44 -18.35
C CYS H 145 -26.28 -71.15 -18.84
N LEU H 146 -27.62 -71.11 -18.90
CA LEU H 146 -28.35 -69.91 -19.27
C LEU H 146 -29.23 -69.48 -18.12
N ALA H 147 -29.09 -68.22 -17.68
CA ALA H 147 -29.89 -67.60 -16.62
C ALA H 147 -30.68 -66.53 -17.31
N THR H 148 -31.98 -66.74 -17.47
CA THR H 148 -32.78 -65.84 -18.33
C THR H 148 -33.99 -65.27 -17.64
N GLY H 149 -34.45 -64.13 -18.18
CA GLY H 149 -35.68 -63.48 -17.72
C GLY H 149 -35.62 -62.80 -16.38
N PHE H 150 -34.42 -62.54 -15.87
CA PHE H 150 -34.30 -61.91 -14.56
C PHE H 150 -34.29 -60.39 -14.66
N TYR H 151 -34.72 -59.76 -13.58
CA TYR H 151 -34.73 -58.31 -13.44
C TYR H 151 -34.83 -57.96 -11.97
N PRO H 152 -34.00 -57.01 -11.45
CA PRO H 152 -32.92 -56.26 -12.13
C PRO H 152 -31.66 -57.11 -12.27
N ASP H 153 -30.59 -56.53 -12.84
CA ASP H 153 -29.34 -57.26 -13.04
C ASP H 153 -28.57 -57.32 -11.72
N HIS H 154 -29.07 -58.15 -10.79
CA HIS H 154 -28.57 -58.36 -9.44
C HIS H 154 -28.37 -59.85 -9.22
N VAL H 155 -27.39 -60.45 -9.96
CA VAL H 155 -27.15 -61.90 -9.94
C VAL H 155 -25.67 -62.23 -9.82
N GLU H 156 -25.40 -63.42 -9.27
CA GLU H 156 -24.05 -63.99 -9.19
C GLU H 156 -24.17 -65.43 -9.63
N LEU H 157 -23.57 -65.73 -10.76
CA LEU H 157 -23.59 -67.07 -11.34
C LEU H 157 -22.28 -67.75 -10.97
N SER H 158 -22.36 -69.01 -10.52
CA SER H 158 -21.21 -69.82 -10.17
C SER H 158 -21.40 -71.28 -10.61
N TRP H 159 -20.27 -71.97 -10.89
CA TRP H 159 -20.26 -73.37 -11.28
C TRP H 159 -19.68 -74.18 -10.14
N TRP H 160 -20.28 -75.34 -9.88
CA TRP H 160 -19.92 -76.25 -8.81
C TRP H 160 -19.71 -77.64 -9.38
N VAL H 161 -18.54 -78.18 -9.19
CA VAL H 161 -18.17 -79.50 -9.69
C VAL H 161 -17.89 -80.36 -8.47
N ASN H 162 -18.69 -81.43 -8.30
CA ASN H 162 -18.61 -82.37 -7.18
C ASN H 162 -18.67 -81.58 -5.85
N GLY H 163 -19.62 -80.64 -5.78
CA GLY H 163 -19.88 -79.80 -4.63
C GLY H 163 -18.86 -78.75 -4.27
N LYS H 164 -17.93 -78.45 -5.18
CA LYS H 164 -16.89 -77.43 -4.95
C LYS H 164 -16.92 -76.41 -6.09
N GLU H 165 -16.83 -75.10 -5.76
CA GLU H 165 -16.83 -74.04 -6.78
C GLU H 165 -15.58 -74.10 -7.68
N VAL H 166 -15.77 -73.93 -8.99
CA VAL H 166 -14.68 -73.93 -9.95
C VAL H 166 -14.63 -72.59 -10.68
N HIS H 167 -13.44 -72.25 -11.19
CA HIS H 167 -13.15 -71.02 -11.91
C HIS H 167 -12.37 -71.30 -13.18
N SER H 168 -11.50 -72.31 -13.14
CA SER H 168 -10.77 -72.73 -14.33
C SER H 168 -11.73 -73.36 -15.35
N GLY H 169 -11.60 -72.95 -16.61
CA GLY H 169 -12.43 -73.45 -17.70
C GLY H 169 -13.79 -72.79 -17.78
N VAL H 170 -14.03 -71.76 -16.95
CA VAL H 170 -15.29 -71.03 -16.89
C VAL H 170 -15.15 -69.67 -17.59
N CYS H 171 -16.19 -69.28 -18.32
CA CYS H 171 -16.39 -67.95 -18.84
C CYS H 171 -17.85 -67.60 -18.70
N THR H 172 -18.14 -66.58 -17.92
CA THR H 172 -19.48 -66.01 -17.73
C THR H 172 -19.48 -64.65 -18.39
N ASP H 173 -20.52 -64.31 -19.17
CA ASP H 173 -20.60 -62.99 -19.82
C ASP H 173 -20.37 -61.88 -18.81
N PRO H 174 -19.46 -60.92 -19.07
CA PRO H 174 -19.24 -59.83 -18.10
C PRO H 174 -20.44 -58.90 -17.95
N GLN H 175 -21.29 -58.82 -19.00
CA GLN H 175 -22.51 -58.01 -19.02
C GLN H 175 -23.72 -58.85 -19.42
N PRO H 176 -24.92 -58.64 -18.85
CA PRO H 176 -26.08 -59.42 -19.30
C PRO H 176 -26.59 -58.86 -20.64
N LEU H 177 -27.32 -59.68 -21.37
CA LEU H 177 -27.98 -59.32 -22.60
C LEU H 177 -29.38 -58.83 -22.25
N LYS H 178 -29.80 -57.72 -22.86
CA LYS H 178 -31.18 -57.25 -22.68
C LYS H 178 -32.04 -58.09 -23.59
N GLU H 179 -33.03 -58.79 -23.04
CA GLU H 179 -33.90 -59.66 -23.85
C GLU H 179 -34.76 -58.87 -24.82
N GLN H 180 -35.14 -57.63 -24.46
CA GLN H 180 -35.92 -56.67 -25.29
C GLN H 180 -35.10 -55.39 -25.30
N PRO H 181 -34.03 -55.30 -26.15
CA PRO H 181 -33.11 -54.15 -26.10
C PRO H 181 -33.73 -52.76 -26.20
N ALA H 182 -34.91 -52.62 -26.83
CA ALA H 182 -35.60 -51.33 -26.99
C ALA H 182 -36.38 -50.90 -25.74
N LEU H 183 -36.66 -51.84 -24.80
CA LEU H 183 -37.43 -51.54 -23.57
C LEU H 183 -36.53 -51.10 -22.43
N ASN H 184 -36.94 -50.06 -21.70
CA ASN H 184 -36.19 -49.53 -20.55
C ASN H 184 -36.15 -50.53 -19.39
N ASP H 185 -37.29 -51.20 -19.10
CA ASP H 185 -37.42 -52.15 -18.00
C ASP H 185 -37.16 -53.62 -18.45
N SER H 186 -36.41 -53.81 -19.55
CA SER H 186 -36.11 -55.13 -20.13
C SER H 186 -35.53 -56.12 -19.14
N ARG H 187 -36.04 -57.37 -19.22
CA ARG H 187 -35.52 -58.48 -18.45
C ARG H 187 -34.17 -58.90 -19.07
N TYR H 188 -33.33 -59.60 -18.29
CA TYR H 188 -31.98 -59.93 -18.74
C TYR H 188 -31.73 -61.42 -18.94
N ALA H 189 -30.71 -61.72 -19.72
CA ALA H 189 -30.23 -63.06 -19.98
C ALA H 189 -28.72 -63.06 -19.78
N LEU H 190 -28.19 -64.12 -19.12
CA LEU H 190 -26.78 -64.29 -18.83
C LEU H 190 -26.38 -65.68 -19.22
N SER H 191 -25.29 -65.81 -19.95
CA SER H 191 -24.81 -67.15 -20.31
C SER H 191 -23.46 -67.41 -19.67
N SER H 192 -23.18 -68.66 -19.40
CA SER H 192 -21.87 -69.06 -18.89
C SER H 192 -21.50 -70.41 -19.50
N ARG H 193 -20.21 -70.63 -19.67
CA ARG H 193 -19.68 -71.92 -20.15
C ARG H 193 -18.72 -72.48 -19.13
N LEU H 194 -18.70 -73.80 -19.02
CA LEU H 194 -17.72 -74.55 -18.25
C LEU H 194 -17.17 -75.58 -19.23
N ARG H 195 -15.88 -75.55 -19.50
CA ARG H 195 -15.27 -76.50 -20.42
C ARG H 195 -14.33 -77.40 -19.64
N VAL H 196 -14.46 -78.71 -19.89
CA VAL H 196 -13.64 -79.74 -19.25
C VAL H 196 -13.11 -80.69 -20.32
N SER H 197 -12.17 -81.55 -19.94
CA SER H 197 -11.67 -82.55 -20.85
C SER H 197 -12.76 -83.58 -21.10
N ALA H 198 -12.72 -84.26 -22.25
CA ALA H 198 -13.68 -85.34 -22.52
C ALA H 198 -13.60 -86.42 -21.44
N THR H 199 -12.37 -86.75 -20.96
CA THR H 199 -12.21 -87.82 -19.94
C THR H 199 -12.90 -87.42 -18.60
N PHE H 200 -12.89 -86.13 -18.23
CA PHE H 200 -13.56 -85.67 -17.02
C PHE H 200 -15.08 -85.74 -17.18
N TRP H 201 -15.61 -85.28 -18.34
CA TRP H 201 -17.04 -85.33 -18.65
C TRP H 201 -17.53 -86.80 -18.73
N GLN H 202 -16.69 -87.73 -19.24
CA GLN H 202 -17.07 -89.12 -19.45
C GLN H 202 -17.05 -90.00 -18.17
N ASN H 203 -16.72 -89.42 -17.00
CA ASN H 203 -16.80 -90.14 -15.74
C ASN H 203 -18.24 -89.97 -15.26
N PRO H 204 -19.02 -91.07 -15.12
CA PRO H 204 -20.46 -90.90 -14.73
C PRO H 204 -20.66 -90.37 -13.31
N ARG H 205 -19.58 -90.28 -12.50
CA ARG H 205 -19.80 -89.84 -11.13
C ARG H 205 -19.37 -88.40 -10.91
N ASN H 206 -18.99 -87.70 -12.00
CA ASN H 206 -18.71 -86.28 -11.91
C ASN H 206 -20.04 -85.51 -11.97
N HIS H 207 -20.24 -84.59 -11.03
CA HIS H 207 -21.45 -83.76 -10.91
C HIS H 207 -21.13 -82.31 -11.20
N PHE H 208 -22.00 -81.68 -12.00
CA PHE H 208 -21.89 -80.29 -12.48
C PHE H 208 -23.13 -79.52 -12.09
N ARG H 209 -22.97 -78.35 -11.51
CA ARG H 209 -24.13 -77.55 -11.11
C ARG H 209 -23.84 -76.10 -11.42
N CYS H 210 -24.79 -75.45 -12.08
CA CYS H 210 -24.76 -74.04 -12.30
C CYS H 210 -25.71 -73.41 -11.29
N GLN H 211 -25.21 -72.52 -10.44
CA GLN H 211 -26.02 -71.87 -9.39
C GLN H 211 -26.06 -70.38 -9.64
N VAL H 212 -27.26 -69.79 -9.56
CA VAL H 212 -27.40 -68.36 -9.72
C VAL H 212 -28.02 -67.79 -8.45
N GLN H 213 -27.26 -66.96 -7.73
CA GLN H 213 -27.78 -66.23 -6.58
C GLN H 213 -28.45 -64.97 -7.10
N PHE H 214 -29.76 -64.84 -6.82
CA PHE H 214 -30.53 -63.66 -7.20
C PHE H 214 -30.80 -62.83 -5.97
N TYR H 215 -30.64 -61.49 -6.08
CA TYR H 215 -30.91 -60.55 -4.99
C TYR H 215 -32.15 -59.79 -5.38
N GLY H 216 -33.23 -60.03 -4.64
CA GLY H 216 -34.53 -59.47 -4.95
C GLY H 216 -35.18 -58.87 -3.73
N LEU H 217 -36.41 -59.29 -3.46
CA LEU H 217 -37.21 -58.75 -2.36
C LEU H 217 -36.99 -59.45 -1.05
N SER H 218 -37.41 -58.78 0.03
CA SER H 218 -37.32 -59.33 1.38
C SER H 218 -38.71 -59.36 1.98
N GLU H 219 -38.83 -59.89 3.21
CA GLU H 219 -40.09 -60.03 3.93
C GLU H 219 -40.87 -58.74 4.02
N ASN H 220 -40.20 -57.61 4.29
CA ASN H 220 -40.83 -56.32 4.48
C ASN H 220 -41.37 -55.70 3.19
N ASP H 221 -40.89 -56.14 2.01
CA ASP H 221 -41.39 -55.63 0.74
C ASP H 221 -42.84 -56.08 0.50
N GLU H 222 -43.71 -55.16 0.07
CA GLU H 222 -45.10 -55.50 -0.20
C GLU H 222 -45.19 -56.19 -1.57
N TRP H 223 -46.04 -57.20 -1.68
CA TRP H 223 -46.23 -57.91 -2.94
C TRP H 223 -47.72 -58.07 -3.17
N THR H 224 -48.23 -57.62 -4.33
CA THR H 224 -49.66 -57.68 -4.66
C THR H 224 -49.91 -58.44 -5.97
N GLN H 225 -48.86 -58.96 -6.60
CA GLN H 225 -49.05 -59.69 -7.87
C GLN H 225 -49.52 -61.14 -7.66
N ASP H 226 -50.13 -61.72 -8.71
CA ASP H 226 -50.62 -63.10 -8.74
C ASP H 226 -49.47 -64.10 -8.72
N ARG H 227 -48.35 -63.76 -9.34
CA ARG H 227 -47.18 -64.63 -9.40
C ARG H 227 -46.46 -64.67 -8.03
N ALA H 228 -45.51 -65.60 -7.86
CA ALA H 228 -44.76 -65.74 -6.62
C ALA H 228 -43.89 -64.51 -6.35
N LYS H 229 -43.81 -64.09 -5.08
CA LYS H 229 -43.00 -62.92 -4.66
C LYS H 229 -41.51 -63.18 -5.02
N PRO H 230 -40.85 -62.28 -5.83
CA PRO H 230 -39.45 -62.55 -6.27
C PRO H 230 -38.41 -62.20 -5.21
N VAL H 231 -38.34 -63.02 -4.17
CA VAL H 231 -37.41 -62.80 -3.04
C VAL H 231 -35.98 -63.20 -3.45
N THR H 232 -35.01 -62.79 -2.64
CA THR H 232 -33.59 -63.19 -2.75
C THR H 232 -33.61 -64.71 -2.65
N GLN H 233 -32.97 -65.37 -3.62
CA GLN H 233 -32.99 -66.83 -3.69
C GLN H 233 -31.91 -67.36 -4.60
N ILE H 234 -31.63 -68.64 -4.48
CA ILE H 234 -30.71 -69.34 -5.34
C ILE H 234 -31.53 -70.18 -6.30
N VAL H 235 -31.23 -70.08 -7.60
CA VAL H 235 -31.86 -70.89 -8.65
C VAL H 235 -30.73 -71.66 -9.32
N SER H 236 -30.88 -72.97 -9.46
CA SER H 236 -29.80 -73.78 -10.03
C SER H 236 -30.28 -74.87 -11.00
N ALA H 237 -29.33 -75.44 -11.75
CA ALA H 237 -29.57 -76.55 -12.68
C ALA H 237 -28.36 -77.47 -12.62
N GLU H 238 -28.54 -78.77 -12.86
CA GLU H 238 -27.42 -79.69 -12.74
C GLU H 238 -27.30 -80.64 -13.94
N ALA H 239 -26.14 -81.32 -13.98
CA ALA H 239 -25.83 -82.38 -14.93
C ALA H 239 -24.82 -83.33 -14.31
N TRP H 240 -24.93 -84.61 -14.66
CA TRP H 240 -23.97 -85.64 -14.28
C TRP H 240 -23.16 -85.97 -15.53
N GLY H 241 -21.92 -86.43 -15.34
CA GLY H 241 -21.11 -86.85 -16.46
C GLY H 241 -21.70 -88.10 -17.10
N ARG H 242 -21.33 -88.40 -18.35
CA ARG H 242 -21.89 -89.61 -18.98
C ARG H 242 -20.89 -90.32 -19.86
N ALA H 243 -20.93 -91.66 -19.84
CA ALA H 243 -20.07 -92.56 -20.63
C ALA H 243 -20.70 -92.91 -21.97
#